data_6ZRX
#
_entry.id   6ZRX
#
_cell.length_a   78.021
_cell.length_b   98.471
_cell.length_c   89.185
_cell.angle_alpha   90.000
_cell.angle_beta   107.487
_cell.angle_gamma   90.000
#
_symmetry.space_group_name_H-M   'P 1 21 1'
#
loop_
_entity.id
_entity.type
_entity.pdbx_description
1 polymer 'DMATS type aromatic prenyltransferase'
2 non-polymer 'S-(3-methylbut-2-en-1-yl) trihydrogen thiodiphosphate'
3 non-polymer TRYPTOPHAN
4 non-polymer DI(HYDROXYETHYL)ETHER
5 non-polymer 'SODIUM ION'
6 water water
#
_entity_poly.entity_id   1
_entity_poly.type   'polypeptide(L)'
_entity_poly.pdbx_seq_one_letter_code
;MAGLSVSDHLDGQLARLCEVAGADPVEPRNLLAGLLGPVGPRPLYEPPAWPSGVSDDHTPVEFSIAFNEAEPPTLRILGE
TLGSPPGPLANLSATRGFLDAQARRAGLSTSRLDSVRDLFATDDPQGDFAMWCSLVFRSSRRPEFKVYLNPEVKGVERSP
ALVSEALHRLGLGASYRALLDHGVRPGELGRGDRLTFFAVDLHDGPQARVKLYLTHHEAEVWDVTRAASVVDGVDVAEIE
EFCVVAGGGTRRFDGRPLVGSYTFTEGADRPVGYSIYVPIRSYVTDDQEARDRVAALLVRYGFDTDGLDRAIAAVTPRPL
RDGVGLIAHVSLRLGAPRPGVTVYLSAEAYRVSPPRPRLVPR
;
_entity_poly.pdbx_strand_id   AAA,BBB,CCC,DDD
#
# COMPACT_ATOMS: atom_id res chain seq x y z
N GLY A 3 50.91 -8.76 -1.32
CA GLY A 3 49.64 -9.22 -0.68
C GLY A 3 48.57 -8.14 -0.72
N LEU A 4 47.30 -8.53 -0.82
CA LEU A 4 46.14 -7.59 -0.84
C LEU A 4 46.04 -6.89 0.51
N SER A 5 45.77 -5.58 0.51
CA SER A 5 45.43 -4.80 1.71
C SER A 5 43.90 -4.75 1.87
N VAL A 6 43.44 -4.34 3.04
CA VAL A 6 41.99 -4.12 3.30
C VAL A 6 41.46 -3.09 2.28
N SER A 7 42.19 -1.99 2.08
CA SER A 7 41.83 -0.95 1.07
C SER A 7 41.63 -1.59 -0.31
N ASP A 8 42.57 -2.43 -0.75
CA ASP A 8 42.51 -3.06 -2.09
C ASP A 8 41.15 -3.75 -2.23
N HIS A 9 40.76 -4.54 -1.22
CA HIS A 9 39.49 -5.31 -1.22
C HIS A 9 38.30 -4.32 -1.27
N LEU A 10 38.21 -3.43 -0.29
CA LEU A 10 37.03 -2.54 -0.09
C LEU A 10 36.94 -1.54 -1.23
N ASP A 11 38.06 -0.97 -1.64
CA ASP A 11 38.10 0.04 -2.71
C ASP A 11 37.62 -0.60 -4.03
N GLY A 12 38.00 -1.85 -4.28
CA GLY A 12 37.54 -2.64 -5.44
C GLY A 12 36.03 -2.77 -5.44
N GLN A 13 35.46 -3.15 -4.30
CA GLN A 13 34.00 -3.28 -4.13
C GLN A 13 33.31 -1.94 -4.42
N LEU A 14 33.81 -0.85 -3.84
CA LEU A 14 33.20 0.49 -4.02
C LEU A 14 33.28 0.91 -5.49
N ALA A 15 34.43 0.70 -6.13
CA ALA A 15 34.65 1.04 -7.56
C ALA A 15 33.60 0.34 -8.43
N ARG A 16 33.38 -0.97 -8.22
CA ARG A 16 32.39 -1.75 -9.02
C ARG A 16 30.96 -1.33 -8.67
N LEU A 17 30.66 -1.07 -7.39
CA LEU A 17 29.32 -0.57 -6.97
C LEU A 17 29.03 0.78 -7.64
N CYS A 18 30.03 1.67 -7.70
CA CYS A 18 29.90 3.01 -8.36
C CYS A 18 29.47 2.82 -9.82
N GLU A 19 30.07 1.87 -10.53
CA GLU A 19 29.72 1.51 -11.93
C GLU A 19 28.26 1.08 -11.99
N VAL A 20 27.80 0.24 -11.04
CA VAL A 20 26.40 -0.25 -10.96
C VAL A 20 25.43 0.94 -10.77
N ALA A 21 25.76 1.86 -9.86
CA ALA A 21 24.92 3.03 -9.51
C ALA A 21 25.12 4.17 -10.52
N GLY A 22 26.06 4.02 -11.47
CA GLY A 22 26.41 5.04 -12.47
C GLY A 22 26.99 6.29 -11.84
N ALA A 23 27.80 6.14 -10.78
CA ALA A 23 28.42 7.24 -10.01
C ALA A 23 29.90 7.36 -10.37
N ASP A 24 30.40 8.58 -10.54
CA ASP A 24 31.86 8.83 -10.67
C ASP A 24 32.51 8.31 -9.38
N PRO A 25 33.51 7.41 -9.46
CA PRO A 25 34.10 6.82 -8.26
C PRO A 25 35.17 7.65 -7.51
N VAL A 26 35.71 8.72 -8.10
CA VAL A 26 36.88 9.46 -7.54
C VAL A 26 36.58 9.89 -6.10
N GLU A 27 35.51 10.65 -5.87
CA GLU A 27 35.20 11.25 -4.55
C GLU A 27 34.80 10.13 -3.56
N PRO A 28 33.88 9.20 -3.91
CA PRO A 28 33.59 8.09 -2.99
C PRO A 28 34.86 7.34 -2.54
N ARG A 29 35.77 7.04 -3.46
CA ARG A 29 37.00 6.25 -3.18
C ARG A 29 37.92 7.07 -2.27
N ASN A 30 38.02 8.38 -2.50
CA ASN A 30 38.81 9.29 -1.63
C ASN A 30 38.22 9.29 -0.22
N LEU A 31 36.88 9.35 -0.09
CA LEU A 31 36.24 9.38 1.25
C LEU A 31 36.36 8.01 1.95
N LEU A 32 36.22 6.90 1.22
CA LEU A 32 36.40 5.55 1.83
C LEU A 32 37.84 5.45 2.37
N ALA A 33 38.85 5.91 1.63
CA ALA A 33 40.28 5.89 2.06
C ALA A 33 40.40 6.67 3.38
N GLY A 34 39.81 7.85 3.46
CA GLY A 34 39.79 8.69 4.67
C GLY A 34 39.10 7.99 5.85
N LEU A 35 37.93 7.41 5.60
CA LEU A 35 37.17 6.70 6.65
C LEU A 35 38.00 5.53 7.21
N LEU A 36 38.68 4.79 6.33
CA LEU A 36 39.44 3.58 6.77
C LEU A 36 40.64 3.98 7.66
N GLY A 37 41.23 5.15 7.43
CA GLY A 37 42.46 5.59 8.15
C GLY A 37 43.53 4.50 8.14
N PRO A 38 44.02 4.05 9.32
CA PRO A 38 45.18 3.14 9.37
C PRO A 38 44.84 1.70 8.91
N VAL A 39 43.55 1.36 8.85
CA VAL A 39 43.09 0.01 8.40
C VAL A 39 43.39 -0.18 6.91
N GLY A 40 43.24 0.88 6.10
CA GLY A 40 43.36 0.80 4.63
C GLY A 40 44.60 0.01 4.21
N PRO A 41 45.81 0.42 4.62
CA PRO A 41 47.04 -0.25 4.18
C PRO A 41 47.36 -1.62 4.80
N ARG A 42 46.62 -2.03 5.83
N ARG A 42 46.64 -2.03 5.83
CA ARG A 42 46.89 -3.28 6.59
CA ARG A 42 46.94 -3.26 6.61
C ARG A 42 46.67 -4.47 5.66
C ARG A 42 46.63 -4.49 5.76
N PRO A 43 47.47 -5.55 5.80
CA PRO A 43 47.25 -6.75 5.00
C PRO A 43 45.89 -7.36 5.29
N LEU A 44 45.22 -7.81 4.23
CA LEU A 44 43.90 -8.48 4.31
C LEU A 44 44.01 -9.76 5.15
N TYR A 45 45.15 -10.47 5.06
CA TYR A 45 45.44 -11.73 5.82
C TYR A 45 45.53 -11.44 7.32
N GLU A 46 45.94 -10.22 7.70
CA GLU A 46 46.08 -9.80 9.12
C GLU A 46 44.70 -9.82 9.77
N PRO A 47 44.55 -10.40 10.99
CA PRO A 47 43.26 -10.39 11.69
C PRO A 47 42.82 -8.97 12.02
N PRO A 48 41.50 -8.70 12.17
CA PRO A 48 41.02 -7.35 12.47
C PRO A 48 41.70 -6.75 13.71
N ALA A 49 42.13 -5.48 13.65
CA ALA A 49 42.79 -4.76 14.77
C ALA A 49 41.78 -4.42 15.86
N TRP A 50 40.48 -4.50 15.56
CA TRP A 50 39.38 -4.16 16.49
C TRP A 50 38.14 -4.96 16.11
N PRO A 51 37.37 -5.47 17.09
CA PRO A 51 36.11 -6.16 16.80
C PRO A 51 34.99 -5.16 16.48
N SER A 52 35.10 -4.51 15.34
CA SER A 52 34.15 -3.44 14.91
C SER A 52 32.73 -4.00 14.92
N GLY A 53 31.79 -3.28 15.52
CA GLY A 53 30.36 -3.64 15.54
C GLY A 53 29.71 -3.40 14.19
N VAL A 54 30.41 -2.77 13.24
CA VAL A 54 29.81 -2.39 11.91
C VAL A 54 29.33 -3.65 11.17
N SER A 55 30.04 -4.78 11.27
CA SER A 55 29.70 -6.02 10.53
C SER A 55 30.07 -7.24 11.34
N ASP A 56 29.46 -8.38 11.00
CA ASP A 56 29.62 -9.67 11.73
C ASP A 56 31.08 -10.12 11.73
N ASP A 57 31.83 -9.93 10.63
CA ASP A 57 33.26 -10.37 10.52
C ASP A 57 34.22 -9.24 10.93
N HIS A 58 33.69 -8.13 11.45
CA HIS A 58 34.46 -6.99 12.05
C HIS A 58 35.17 -6.17 10.95
N THR A 59 34.77 -6.29 9.69
CA THR A 59 35.11 -5.29 8.67
C THR A 59 34.52 -3.96 9.15
N PRO A 60 35.29 -2.86 9.25
CA PRO A 60 34.75 -1.62 9.81
C PRO A 60 33.92 -0.79 8.81
N VAL A 61 33.44 -1.40 7.73
CA VAL A 61 32.51 -0.75 6.78
C VAL A 61 31.46 -1.77 6.33
N GLU A 62 30.32 -1.24 5.91
CA GLU A 62 29.21 -2.01 5.30
C GLU A 62 28.65 -1.14 4.17
N PHE A 63 28.35 -1.76 3.04
CA PHE A 63 27.73 -1.08 1.88
C PHE A 63 26.21 -1.20 1.96
N SER A 64 25.49 -0.27 1.35
CA SER A 64 24.03 -0.40 1.16
C SER A 64 23.62 0.29 -0.13
N ILE A 65 22.58 -0.21 -0.74
CA ILE A 65 21.93 0.40 -1.93
C ILE A 65 20.47 0.67 -1.56
N ALA A 66 20.08 1.95 -1.56
CA ALA A 66 18.72 2.41 -1.25
C ALA A 66 18.00 2.64 -2.57
N PHE A 67 16.96 1.86 -2.84
CA PHE A 67 16.07 2.01 -4.01
C PHE A 67 15.05 3.10 -3.68
N ASN A 68 14.91 4.06 -4.59
CA ASN A 68 14.10 5.30 -4.42
C ASN A 68 12.99 5.33 -5.49
N GLU A 69 11.90 6.02 -5.20
CA GLU A 69 10.69 6.07 -6.07
C GLU A 69 10.94 6.98 -7.27
N ALA A 70 11.66 8.10 -7.09
CA ALA A 70 11.74 9.23 -8.06
C ALA A 70 13.18 9.59 -8.46
N GLU A 71 14.21 8.84 -8.03
CA GLU A 71 15.62 9.04 -8.50
C GLU A 71 16.34 7.69 -8.53
N PRO A 72 17.48 7.58 -9.25
CA PRO A 72 18.23 6.32 -9.28
C PRO A 72 18.68 5.92 -7.88
N PRO A 73 19.08 4.64 -7.66
CA PRO A 73 19.50 4.19 -6.34
C PRO A 73 20.60 5.02 -5.69
N THR A 74 20.59 5.06 -4.36
CA THR A 74 21.61 5.75 -3.53
C THR A 74 22.57 4.71 -2.97
N LEU A 75 23.86 4.94 -3.12
CA LEU A 75 24.94 4.10 -2.55
CA LEU A 75 24.94 4.10 -2.54
C LEU A 75 25.39 4.73 -1.23
N ARG A 76 25.51 3.93 -0.17
CA ARG A 76 25.99 4.44 1.13
C ARG A 76 27.05 3.49 1.67
N ILE A 77 27.97 4.06 2.46
CA ILE A 77 28.98 3.31 3.25
C ILE A 77 28.76 3.69 4.70
N LEU A 78 28.52 2.72 5.57
CA LEU A 78 28.55 2.87 7.04
C LEU A 78 29.93 2.45 7.52
N GLY A 79 30.55 3.20 8.43
CA GLY A 79 31.81 2.70 8.98
C GLY A 79 32.39 3.55 10.07
N GLU A 80 33.59 3.18 10.50
CA GLU A 80 34.34 3.91 11.55
C GLU A 80 35.83 3.89 11.21
N THR A 81 36.55 4.88 11.73
CA THR A 81 38.01 5.03 11.63
C THR A 81 38.62 4.48 12.91
N LEU A 82 39.41 3.42 12.80
CA LEU A 82 40.06 2.81 13.98
C LEU A 82 41.20 3.74 14.43
N GLY A 83 41.41 3.84 15.75
CA GLY A 83 42.59 4.48 16.34
C GLY A 83 43.84 3.62 16.13
N SER A 84 44.99 4.14 16.56
CA SER A 84 46.30 3.45 16.54
C SER A 84 46.96 3.61 17.91
N PRO A 85 46.78 2.68 18.88
CA PRO A 85 45.99 1.47 18.69
C PRO A 85 44.48 1.68 18.85
N PRO A 86 43.64 0.75 18.35
CA PRO A 86 42.19 0.89 18.45
C PRO A 86 41.65 0.72 19.88
N GLY A 87 40.57 1.42 20.17
CA GLY A 87 39.83 1.36 21.44
C GLY A 87 38.65 2.31 21.38
N PRO A 88 37.73 2.27 22.37
CA PRO A 88 36.54 3.11 22.36
C PRO A 88 36.80 4.61 22.08
N LEU A 89 37.63 5.25 22.89
N LEU A 89 37.63 5.26 22.88
CA LEU A 89 37.95 6.70 22.79
CA LEU A 89 37.93 6.72 22.77
C LEU A 89 38.81 6.97 21.55
C LEU A 89 38.83 7.00 21.56
N ALA A 90 39.80 6.11 21.27
CA ALA A 90 40.76 6.27 20.15
C ALA A 90 39.99 6.20 18.81
N ASN A 91 39.03 5.28 18.70
CA ASN A 91 38.17 5.12 17.50
C ASN A 91 37.27 6.35 17.36
N LEU A 92 36.66 6.80 18.46
CA LEU A 92 35.79 8.01 18.50
C LEU A 92 36.59 9.21 17.99
N SER A 93 37.80 9.42 18.52
N SER A 93 37.80 9.41 18.53
CA SER A 93 38.71 10.53 18.16
CA SER A 93 38.72 10.53 18.17
C SER A 93 39.09 10.47 16.67
C SER A 93 39.10 10.47 16.69
N ALA A 94 39.44 9.28 16.17
CA ALA A 94 39.86 9.08 14.76
C ALA A 94 38.68 9.32 13.81
N THR A 95 37.49 8.80 14.14
CA THR A 95 36.26 8.98 13.31
C THR A 95 35.88 10.47 13.31
N ARG A 96 35.89 11.11 14.49
CA ARG A 96 35.57 12.56 14.62
C ARG A 96 36.56 13.41 13.81
N GLY A 97 37.86 13.07 13.87
CA GLY A 97 38.90 13.76 13.10
C GLY A 97 38.62 13.71 11.61
N PHE A 98 38.25 12.53 11.09
CA PHE A 98 37.87 12.33 9.68
C PHE A 98 36.66 13.22 9.35
N LEU A 99 35.59 13.11 10.14
CA LEU A 99 34.33 13.84 9.88
C LEU A 99 34.56 15.35 9.95
N ASP A 100 35.28 15.82 10.97
CA ASP A 100 35.55 17.28 11.15
C ASP A 100 36.32 17.81 9.94
N ALA A 101 37.32 17.07 9.46
CA ALA A 101 38.14 17.47 8.30
C ALA A 101 37.26 17.53 7.05
N GLN A 102 36.33 16.59 6.89
CA GLN A 102 35.43 16.55 5.70
C GLN A 102 34.40 17.68 5.80
N ALA A 103 33.88 17.98 7.00
CA ALA A 103 33.00 19.14 7.26
C ALA A 103 33.70 20.45 6.88
N ARG A 104 34.95 20.63 7.31
CA ARG A 104 35.75 21.83 6.95
C ARG A 104 35.92 21.90 5.42
N ARG A 105 36.25 20.77 4.78
CA ARG A 105 36.55 20.71 3.33
C ARG A 105 35.30 21.09 2.53
N ALA A 106 34.14 20.52 2.88
CA ALA A 106 32.86 20.69 2.15
C ALA A 106 32.14 21.97 2.58
N GLY A 107 32.61 22.63 3.65
CA GLY A 107 32.08 23.92 4.14
C GLY A 107 30.75 23.76 4.86
N LEU A 108 30.60 22.70 5.65
CA LEU A 108 29.36 22.38 6.40
C LEU A 108 29.38 23.11 7.74
N SER A 109 28.20 23.54 8.23
CA SER A 109 27.95 24.03 9.60
C SER A 109 27.44 22.87 10.45
N THR A 110 28.05 22.63 11.61
CA THR A 110 27.79 21.44 12.46
C THR A 110 27.21 21.88 13.81
N SER A 111 26.54 23.05 13.86
CA SER A 111 26.04 23.70 15.10
C SER A 111 25.03 22.79 15.81
N ARG A 112 24.14 22.14 15.05
CA ARG A 112 23.11 21.20 15.59
C ARG A 112 23.79 20.01 16.26
N LEU A 113 24.72 19.35 15.54
CA LEU A 113 25.50 18.21 16.09
C LEU A 113 26.33 18.71 17.28
N ASP A 114 26.92 19.89 17.17
CA ASP A 114 27.79 20.49 18.22
C ASP A 114 26.96 20.78 19.48
N SER A 115 25.69 21.18 19.30
CA SER A 115 24.75 21.56 20.41
C SER A 115 24.51 20.34 21.33
N VAL A 116 24.44 19.13 20.77
CA VAL A 116 24.12 17.87 21.51
C VAL A 116 25.42 17.08 21.82
N ARG A 117 26.55 17.44 21.20
CA ARG A 117 27.84 16.70 21.32
C ARG A 117 28.18 16.46 22.81
N ASP A 118 28.05 17.49 23.64
CA ASP A 118 28.48 17.47 25.07
C ASP A 118 27.63 16.49 25.90
N LEU A 119 26.43 16.13 25.44
CA LEU A 119 25.54 15.17 26.15
C LEU A 119 26.10 13.74 26.04
N PHE A 120 26.84 13.42 24.98
CA PHE A 120 27.34 12.05 24.68
C PHE A 120 28.79 11.86 25.19
N ALA A 121 29.47 12.97 25.53
CA ALA A 121 30.91 12.97 25.92
C ALA A 121 31.11 12.23 27.24
N THR A 122 32.06 11.28 27.28
CA THR A 122 32.46 10.54 28.50
C THR A 122 33.88 10.00 28.35
N ASP A 123 34.65 10.01 29.44
CA ASP A 123 36.04 9.51 29.50
C ASP A 123 36.03 7.98 29.57
N ASP A 124 34.88 7.37 29.84
CA ASP A 124 34.71 5.89 29.93
C ASP A 124 33.53 5.47 29.06
N PRO A 125 33.66 5.54 27.70
CA PRO A 125 32.57 5.19 26.80
C PRO A 125 32.31 3.68 26.77
N GLN A 126 31.05 3.27 26.92
CA GLN A 126 30.60 1.86 27.03
C GLN A 126 29.92 1.44 25.71
N GLY A 127 30.13 0.19 25.28
CA GLY A 127 29.34 -0.47 24.21
C GLY A 127 30.10 -0.75 22.92
N ASP A 128 31.43 -0.55 22.88
CA ASP A 128 32.33 -0.87 21.74
C ASP A 128 32.16 0.14 20.57
N PHE A 129 31.21 1.08 20.66
CA PHE A 129 31.08 2.21 19.70
C PHE A 129 30.54 3.45 20.42
N ALA A 130 31.02 4.62 20.01
CA ALA A 130 30.56 5.95 20.47
C ALA A 130 30.03 6.73 19.27
N MET A 131 30.73 6.69 18.14
CA MET A 131 30.37 7.46 16.91
C MET A 131 30.73 6.64 15.66
N TRP A 132 29.74 6.37 14.81
CA TRP A 132 29.94 5.87 13.43
C TRP A 132 29.51 6.97 12.48
N CYS A 133 29.81 6.83 11.21
CA CYS A 133 29.25 7.74 10.20
C CYS A 133 28.84 6.97 8.96
N SER A 134 28.03 7.62 8.14
CA SER A 134 27.58 7.15 6.82
C SER A 134 28.01 8.16 5.78
N LEU A 135 28.59 7.68 4.70
CA LEU A 135 28.91 8.43 3.46
C LEU A 135 27.77 8.13 2.48
N VAL A 136 27.07 9.15 2.01
CA VAL A 136 25.83 8.99 1.20
C VAL A 136 26.09 9.57 -0.19
N PHE A 137 25.95 8.72 -1.22
CA PHE A 137 26.26 9.03 -2.63
C PHE A 137 24.98 8.93 -3.45
N ARG A 138 24.20 10.01 -3.45
CA ARG A 138 22.97 10.16 -4.26
C ARG A 138 23.37 10.47 -5.71
N SER A 139 22.58 9.98 -6.65
CA SER A 139 22.81 10.12 -8.11
C SER A 139 23.00 11.60 -8.45
N SER A 140 24.12 11.95 -9.10
CA SER A 140 24.45 13.29 -9.66
C SER A 140 24.57 14.35 -8.55
N ARG A 141 24.83 13.95 -7.29
CA ARG A 141 24.90 14.90 -6.17
C ARG A 141 26.23 14.75 -5.44
N ARG A 142 26.64 15.81 -4.72
CA ARG A 142 27.85 15.79 -3.87
C ARG A 142 27.58 14.84 -2.71
N PRO A 143 28.62 14.17 -2.18
CA PRO A 143 28.44 13.31 -1.02
C PRO A 143 27.78 14.04 0.15
N GLU A 144 26.96 13.32 0.91
CA GLU A 144 26.32 13.78 2.17
C GLU A 144 26.88 12.92 3.30
N PHE A 145 26.95 13.47 4.50
CA PHE A 145 27.51 12.82 5.71
C PHE A 145 26.43 12.74 6.78
N LYS A 146 26.40 11.61 7.48
CA LYS A 146 25.49 11.34 8.60
C LYS A 146 26.33 10.82 9.76
N VAL A 147 25.99 11.21 10.98
CA VAL A 147 26.70 10.77 12.21
C VAL A 147 25.75 9.91 13.01
N TYR A 148 26.22 8.75 13.47
CA TYR A 148 25.45 7.87 14.39
C TYR A 148 26.10 7.91 15.75
N LEU A 149 25.39 8.38 16.76
CA LEU A 149 25.86 8.45 18.16
C LEU A 149 25.23 7.32 18.97
N ASN A 150 25.96 6.81 19.96
CA ASN A 150 25.52 5.70 20.84
C ASN A 150 24.81 6.31 22.05
N PRO A 151 23.46 6.17 22.17
CA PRO A 151 22.75 6.68 23.35
C PRO A 151 23.13 5.95 24.65
N GLU A 152 23.72 4.75 24.54
CA GLU A 152 24.10 3.89 25.69
C GLU A 152 25.58 4.07 26.05
N VAL A 153 26.23 5.12 25.52
CA VAL A 153 27.70 5.37 25.65
C VAL A 153 28.05 5.64 27.13
N LYS A 154 27.10 6.12 27.93
CA LYS A 154 27.27 6.34 29.40
C LYS A 154 26.53 5.27 30.19
N GLY A 155 26.26 4.10 29.57
CA GLY A 155 25.48 3.01 30.18
C GLY A 155 24.03 3.05 29.74
N VAL A 156 23.37 1.89 29.76
CA VAL A 156 21.96 1.69 29.30
C VAL A 156 21.02 2.51 30.19
N GLU A 157 21.22 2.47 31.52
CA GLU A 157 20.37 3.15 32.53
C GLU A 157 20.26 4.65 32.21
N ARG A 158 21.32 5.26 31.68
CA ARG A 158 21.43 6.71 31.39
C ARG A 158 20.82 7.05 30.01
N SER A 159 20.59 6.07 29.13
CA SER A 159 20.24 6.32 27.69
C SER A 159 18.93 7.10 27.57
N PRO A 160 17.84 6.80 28.33
CA PRO A 160 16.60 7.56 28.20
C PRO A 160 16.76 9.06 28.52
N ALA A 161 17.44 9.38 29.63
CA ALA A 161 17.73 10.77 30.07
C ALA A 161 18.49 11.51 28.96
N LEU A 162 19.54 10.86 28.42
CA LEU A 162 20.43 11.42 27.37
C LEU A 162 19.61 11.77 26.13
N VAL A 163 18.83 10.82 25.61
CA VAL A 163 18.01 10.99 24.37
C VAL A 163 16.96 12.10 24.60
N SER A 164 16.28 12.12 25.76
CA SER A 164 15.29 13.16 26.10
C SER A 164 15.96 14.54 25.99
N GLU A 165 17.12 14.69 26.63
CA GLU A 165 17.86 15.98 26.72
C GLU A 165 18.32 16.39 25.31
N ALA A 166 18.82 15.44 24.51
CA ALA A 166 19.32 15.71 23.14
C ALA A 166 18.17 16.18 22.23
N LEU A 167 17.04 15.45 22.21
CA LEU A 167 15.88 15.81 21.35
C LEU A 167 15.32 17.18 21.78
N HIS A 168 15.28 17.46 23.07
CA HIS A 168 14.74 18.75 23.61
C HIS A 168 15.62 19.91 23.13
N ARG A 169 16.95 19.75 23.16
CA ARG A 169 17.91 20.81 22.71
C ARG A 169 17.64 21.16 21.25
N LEU A 170 17.19 20.19 20.46
CA LEU A 170 16.91 20.37 19.02
C LEU A 170 15.46 20.82 18.81
N GLY A 171 14.71 21.05 19.88
CA GLY A 171 13.32 21.53 19.83
C GLY A 171 12.34 20.41 19.51
N LEU A 172 12.71 19.16 19.81
CA LEU A 172 11.88 17.95 19.53
C LEU A 172 11.46 17.26 20.84
N GLY A 173 11.42 18.01 21.95
CA GLY A 173 11.12 17.49 23.29
C GLY A 173 9.68 17.00 23.40
N ALA A 174 8.74 17.67 22.72
CA ALA A 174 7.29 17.39 22.78
C ALA A 174 6.97 16.08 22.04
N SER A 175 7.61 15.84 20.89
CA SER A 175 7.34 14.67 20.00
C SER A 175 7.99 13.40 20.55
N TYR A 176 9.09 13.52 21.30
CA TYR A 176 9.82 12.37 21.89
C TYR A 176 8.95 11.70 22.94
N ARG A 177 8.24 12.50 23.73
CA ARG A 177 7.31 12.01 24.78
C ARG A 177 6.29 11.04 24.14
N ALA A 178 5.78 11.37 22.94
CA ALA A 178 4.79 10.58 22.18
C ALA A 178 5.32 9.16 21.93
N LEU A 179 6.59 9.01 21.53
CA LEU A 179 7.23 7.68 21.32
C LEU A 179 7.30 6.94 22.67
N LEU A 180 7.90 7.55 23.69
CA LEU A 180 8.15 6.87 24.99
C LEU A 180 6.83 6.64 25.75
N ASP A 181 5.80 7.48 25.54
CA ASP A 181 4.47 7.33 26.20
C ASP A 181 3.65 6.23 25.52
N HIS A 182 3.66 6.18 24.18
CA HIS A 182 2.68 5.39 23.39
C HIS A 182 3.35 4.44 22.40
N GLY A 183 4.70 4.41 22.31
CA GLY A 183 5.44 3.67 21.26
C GLY A 183 6.44 2.64 21.80
N VAL A 184 6.67 2.61 23.11
CA VAL A 184 7.64 1.68 23.77
C VAL A 184 6.84 0.67 24.61
N ARG A 185 7.19 -0.61 24.53
CA ARG A 185 6.55 -1.69 25.34
C ARG A 185 6.56 -1.27 26.80
N PRO A 186 5.45 -1.48 27.56
CA PRO A 186 5.38 -1.02 28.95
C PRO A 186 6.59 -1.44 29.80
N GLY A 187 7.40 -0.46 30.23
CA GLY A 187 8.57 -0.64 31.12
C GLY A 187 9.72 -1.41 30.47
N GLU A 188 9.75 -1.48 29.13
CA GLU A 188 10.79 -2.23 28.36
C GLU A 188 11.86 -1.28 27.83
N LEU A 189 11.73 0.02 28.15
CA LEU A 189 12.72 1.07 27.78
C LEU A 189 14.06 0.73 28.44
N GLY A 190 15.10 0.51 27.62
CA GLY A 190 16.46 0.17 28.07
C GLY A 190 16.59 -1.29 28.46
N ARG A 191 15.57 -2.11 28.20
CA ARG A 191 15.59 -3.57 28.48
C ARG A 191 15.29 -4.30 27.16
N GLY A 192 14.02 -4.63 26.90
CA GLY A 192 13.59 -5.24 25.63
C GLY A 192 13.71 -4.26 24.48
N ASP A 193 13.43 -2.98 24.75
CA ASP A 193 13.46 -1.88 23.75
C ASP A 193 14.65 -0.98 24.08
N ARG A 194 15.73 -1.09 23.29
CA ARG A 194 17.02 -0.39 23.55
C ARG A 194 17.16 0.80 22.59
N LEU A 195 17.54 1.95 23.13
CA LEU A 195 17.93 3.17 22.36
C LEU A 195 19.35 2.97 21.82
N THR A 196 19.49 2.53 20.56
CA THR A 196 20.74 1.96 20.02
C THR A 196 21.50 2.96 19.13
N PHE A 197 20.81 3.82 18.38
CA PHE A 197 21.47 4.87 17.54
C PHE A 197 20.69 6.18 17.61
N PHE A 198 21.45 7.28 17.64
CA PHE A 198 20.96 8.67 17.52
C PHE A 198 21.69 9.30 16.34
N ALA A 199 20.99 9.55 15.24
CA ALA A 199 21.62 9.90 13.96
C ALA A 199 21.20 11.32 13.54
N VAL A 200 22.16 12.11 13.03
N VAL A 200 22.16 12.10 13.05
CA VAL A 200 21.95 13.50 12.54
CA VAL A 200 21.97 13.48 12.52
C VAL A 200 22.77 13.70 11.25
C VAL A 200 22.75 13.61 11.20
N ASP A 201 22.17 14.28 10.21
N ASP A 201 22.30 14.47 10.27
CA ASP A 201 22.85 14.57 8.92
CA ASP A 201 22.90 14.63 8.91
C ASP A 201 23.34 16.02 8.93
C ASP A 201 24.06 15.66 8.94
N LEU A 202 24.53 16.30 8.37
N LEU A 202 25.16 15.34 9.66
CA LEU A 202 25.16 17.64 8.38
CA LEU A 202 26.39 16.18 9.97
C LEU A 202 25.11 18.27 6.98
C LEU A 202 26.15 17.70 9.78
N HIS A 203 23.93 18.74 6.54
N HIS A 203 25.64 18.11 8.61
CA HIS A 203 23.79 19.54 5.29
CA HIS A 203 25.32 19.52 8.26
C HIS A 203 22.70 20.60 5.47
C HIS A 203 23.98 19.91 8.89
N ASP A 204 21.74 20.37 6.37
N ASP A 204 23.89 21.13 9.44
CA ASP A 204 20.60 21.30 6.60
CA ASP A 204 22.70 21.61 10.21
C ASP A 204 19.77 21.40 5.31
C ASP A 204 21.42 21.39 9.39
N GLY A 205 18.55 21.91 5.43
N GLY A 205 21.32 22.03 8.21
CA GLY A 205 17.59 22.03 4.31
CA GLY A 205 20.11 22.01 7.37
C GLY A 205 16.37 21.12 4.52
C GLY A 205 19.03 22.94 7.90
N PRO A 206 15.35 21.21 3.65
N PRO A 206 17.92 23.18 7.13
CA PRO A 206 14.09 20.50 3.87
CA PRO A 206 16.92 24.17 7.51
C PRO A 206 14.24 18.97 3.98
C PRO A 206 16.23 23.88 8.85
N GLN A 207 15.40 18.43 3.59
N GLN A 207 15.85 22.61 9.06
CA GLN A 207 15.65 16.96 3.50
CA GLN A 207 15.15 22.13 10.28
C GLN A 207 16.53 16.49 4.67
C GLN A 207 16.05 21.15 11.04
N ALA A 208 17.16 17.41 5.39
N ALA A 208 15.95 21.15 12.37
CA ALA A 208 18.05 17.12 6.54
CA ALA A 208 16.51 20.09 13.25
C ALA A 208 17.24 16.43 7.65
C ALA A 208 15.80 18.77 12.93
N ARG A 209 17.78 15.37 8.26
N ARG A 209 16.58 17.71 12.69
CA ARG A 209 17.03 14.52 9.24
CA ARG A 209 16.07 16.37 12.34
C ARG A 209 17.74 14.46 10.60
C ARG A 209 16.91 15.33 13.09
N VAL A 210 16.95 14.24 11.64
N VAL A 210 16.25 14.35 13.73
CA VAL A 210 17.35 13.62 12.94
CA VAL A 210 16.93 13.22 14.42
C VAL A 210 16.56 12.32 13.10
C VAL A 210 16.26 11.91 14.01
N LYS A 211 17.21 11.23 13.52
N LYS A 211 17.07 10.93 13.65
CA LYS A 211 16.58 9.86 13.59
CA LYS A 211 16.63 9.54 13.41
C LYS A 211 16.97 9.17 14.91
C LYS A 211 17.02 8.72 14.63
N LEU A 212 16.03 8.39 15.46
CA LEU A 212 16.24 7.58 16.69
C LEU A 212 15.93 6.13 16.34
N TYR A 213 16.87 5.22 16.60
CA TYR A 213 16.74 3.77 16.31
C TYR A 213 16.53 3.01 17.61
N LEU A 214 15.51 2.17 17.64
CA LEU A 214 15.18 1.28 18.77
C LEU A 214 15.41 -0.17 18.33
N THR A 215 16.14 -0.94 19.12
CA THR A 215 16.32 -2.39 18.93
C THR A 215 15.31 -3.11 19.81
N HIS A 216 14.45 -3.92 19.19
CA HIS A 216 13.37 -4.71 19.83
C HIS A 216 13.85 -6.15 19.99
N HIS A 217 14.36 -6.51 21.16
CA HIS A 217 14.98 -7.84 21.42
C HIS A 217 13.88 -8.91 21.55
N GLU A 218 14.06 -10.04 20.86
CA GLU A 218 13.16 -11.22 20.91
C GLU A 218 11.72 -10.74 20.72
N ALA A 219 11.49 -9.89 19.71
CA ALA A 219 10.25 -9.11 19.55
C ALA A 219 9.26 -9.89 18.68
N GLU A 220 8.00 -9.92 19.13
CA GLU A 220 6.83 -10.32 18.31
C GLU A 220 6.54 -9.18 17.34
N VAL A 221 6.24 -9.49 16.07
CA VAL A 221 5.91 -8.46 15.04
C VAL A 221 4.72 -7.66 15.56
N TRP A 222 3.78 -8.34 16.22
CA TRP A 222 2.62 -7.70 16.91
C TRP A 222 3.09 -6.48 17.69
N ASP A 223 4.15 -6.62 18.51
CA ASP A 223 4.69 -5.54 19.39
C ASP A 223 5.47 -4.50 18.57
N VAL A 224 6.24 -4.93 17.58
CA VAL A 224 7.07 -4.01 16.74
C VAL A 224 6.14 -3.14 15.89
N THR A 225 5.05 -3.70 15.39
CA THR A 225 4.05 -2.97 14.55
C THR A 225 3.24 -2.01 15.44
N ARG A 226 2.99 -2.38 16.70
CA ARG A 226 2.32 -1.50 17.69
C ARG A 226 3.22 -0.28 17.94
N ALA A 227 4.52 -0.51 18.15
CA ALA A 227 5.53 0.56 18.32
C ALA A 227 5.49 1.51 17.12
N ALA A 228 5.38 0.97 15.90
CA ALA A 228 5.40 1.74 14.64
C ALA A 228 4.15 2.63 14.51
N SER A 229 3.04 2.24 15.15
CA SER A 229 1.70 2.86 14.97
CA SER A 229 1.70 2.86 14.97
C SER A 229 1.67 4.29 15.51
N VAL A 230 2.66 4.69 16.32
CA VAL A 230 2.76 6.09 16.87
C VAL A 230 3.06 7.07 15.72
N VAL A 231 3.54 6.57 14.56
CA VAL A 231 3.80 7.39 13.34
C VAL A 231 2.55 7.39 12.47
N ASP A 232 2.01 8.58 12.17
CA ASP A 232 0.75 8.73 11.39
C ASP A 232 0.95 8.11 10.00
N GLY A 233 -0.02 7.33 9.52
CA GLY A 233 -0.09 6.82 8.13
C GLY A 233 0.56 5.45 7.95
N VAL A 234 1.27 4.93 8.96
CA VAL A 234 1.97 3.62 8.89
C VAL A 234 0.92 2.50 9.00
N ASP A 235 0.89 1.61 8.02
CA ASP A 235 -0.03 0.44 7.97
C ASP A 235 0.65 -0.74 8.66
N VAL A 236 0.13 -1.18 9.80
CA VAL A 236 0.69 -2.33 10.59
C VAL A 236 0.71 -3.58 9.69
N ALA A 237 -0.29 -3.75 8.82
CA ALA A 237 -0.40 -4.91 7.90
C ALA A 237 0.81 -4.92 6.96
N GLU A 238 1.18 -3.74 6.43
CA GLU A 238 2.32 -3.60 5.48
C GLU A 238 3.60 -3.96 6.21
N ILE A 239 3.79 -3.48 7.43
CA ILE A 239 5.04 -3.73 8.22
C ILE A 239 5.11 -5.22 8.51
N GLU A 240 3.99 -5.82 8.92
CA GLU A 240 3.90 -7.27 9.22
C GLU A 240 4.23 -8.06 7.95
N GLU A 241 3.71 -7.63 6.80
CA GLU A 241 3.89 -8.31 5.50
C GLU A 241 5.38 -8.30 5.11
N PHE A 242 6.05 -7.16 5.30
CA PHE A 242 7.53 -7.00 5.06
C PHE A 242 8.29 -7.98 5.95
N CYS A 243 7.96 -8.05 7.24
CA CYS A 243 8.62 -8.95 8.23
C CYS A 243 8.37 -10.43 7.89
N VAL A 244 7.13 -10.84 7.56
CA VAL A 244 6.81 -12.28 7.23
C VAL A 244 7.61 -12.69 5.99
N VAL A 245 7.68 -11.84 4.97
CA VAL A 245 8.41 -12.17 3.71
C VAL A 245 9.90 -12.20 4.01
N ALA A 246 10.43 -11.16 4.65
CA ALA A 246 11.87 -11.02 4.94
C ALA A 246 12.31 -12.11 5.94
N GLY A 247 11.46 -12.43 6.93
CA GLY A 247 11.75 -13.41 7.98
C GLY A 247 11.38 -14.84 7.61
N GLY A 248 10.64 -15.04 6.52
CA GLY A 248 10.32 -16.36 5.94
C GLY A 248 9.28 -17.13 6.76
N GLY A 249 8.46 -16.44 7.56
CA GLY A 249 7.37 -17.05 8.35
C GLY A 249 7.51 -16.78 9.83
N THR A 250 8.74 -16.53 10.30
CA THR A 250 9.04 -16.06 11.68
C THR A 250 8.01 -15.01 12.10
N ARG A 251 7.36 -15.21 13.24
CA ARG A 251 6.51 -14.19 13.93
C ARG A 251 7.29 -13.62 15.13
N ARG A 252 8.18 -14.41 15.74
CA ARG A 252 9.06 -13.98 16.85
C ARG A 252 10.51 -13.95 16.34
N PHE A 253 11.11 -12.76 16.33
CA PHE A 253 12.49 -12.52 15.83
C PHE A 253 13.47 -12.75 17.00
N ASP A 254 13.73 -14.03 17.27
CA ASP A 254 14.51 -14.55 18.43
C ASP A 254 15.96 -14.79 18.04
N GLY A 255 16.30 -14.64 16.75
CA GLY A 255 17.68 -14.50 16.28
C GLY A 255 18.14 -13.07 16.46
N ARG A 256 18.72 -12.48 15.42
CA ARG A 256 19.09 -11.05 15.45
C ARG A 256 17.80 -10.24 15.51
N PRO A 257 17.79 -9.14 16.28
CA PRO A 257 16.55 -8.44 16.59
C PRO A 257 16.08 -7.48 15.48
N LEU A 258 14.77 -7.28 15.41
CA LEU A 258 14.17 -6.19 14.60
C LEU A 258 14.65 -4.85 15.16
N VAL A 259 14.88 -3.89 14.27
CA VAL A 259 15.25 -2.50 14.61
C VAL A 259 14.24 -1.60 13.91
N GLY A 260 13.69 -0.64 14.64
CA GLY A 260 12.81 0.40 14.09
C GLY A 260 13.44 1.76 14.26
N SER A 261 13.28 2.64 13.28
CA SER A 261 13.79 4.01 13.34
C SER A 261 12.63 4.99 13.21
N TYR A 262 12.71 6.04 13.99
CA TYR A 262 11.69 7.11 14.10
C TYR A 262 12.40 8.38 13.68
N THR A 263 11.89 9.05 12.64
CA THR A 263 12.41 10.34 12.15
C THR A 263 11.63 11.44 12.87
N PHE A 264 12.31 12.21 13.73
CA PHE A 264 11.75 13.33 14.54
C PHE A 264 12.01 14.65 13.82
N THR A 265 10.96 15.47 13.64
CA THR A 265 11.02 16.77 12.91
C THR A 265 10.35 17.87 13.73
N GLU A 266 10.67 19.14 13.43
CA GLU A 266 10.13 20.35 14.10
C GLU A 266 8.64 20.48 13.78
N GLY A 267 7.83 20.89 14.77
CA GLY A 267 6.38 21.15 14.65
C GLY A 267 5.57 19.89 14.37
N ALA A 268 6.10 18.72 14.74
CA ALA A 268 5.42 17.41 14.65
C ALA A 268 5.08 16.93 16.07
N ASP A 269 3.89 16.37 16.26
CA ASP A 269 3.40 15.84 17.56
C ASP A 269 3.98 14.44 17.81
N ARG A 270 4.46 13.80 16.74
CA ARG A 270 4.97 12.40 16.75
C ARG A 270 6.05 12.27 15.67
N PRO A 271 6.88 11.20 15.70
CA PRO A 271 7.82 10.94 14.60
C PRO A 271 7.10 10.97 13.24
N VAL A 272 7.74 11.58 12.24
CA VAL A 272 7.18 11.83 10.88
C VAL A 272 7.43 10.62 9.97
N GLY A 273 8.60 10.00 10.10
CA GLY A 273 9.03 8.87 9.27
C GLY A 273 9.27 7.65 10.13
N TYR A 274 9.00 6.48 9.59
CA TYR A 274 9.32 5.19 10.23
C TYR A 274 10.03 4.31 9.22
N SER A 275 11.08 3.61 9.64
CA SER A 275 11.72 2.53 8.86
C SER A 275 11.87 1.31 9.75
N ILE A 276 11.71 0.12 9.15
CA ILE A 276 11.91 -1.19 9.83
C ILE A 276 13.11 -1.84 9.15
N TYR A 277 14.04 -2.35 9.95
CA TYR A 277 15.28 -3.03 9.48
C TYR A 277 15.22 -4.47 9.95
N VAL A 278 15.12 -5.41 9.00
CA VAL A 278 15.12 -6.86 9.29
C VAL A 278 16.54 -7.38 9.07
N PRO A 279 17.19 -7.99 10.08
CA PRO A 279 18.51 -8.61 9.91
C PRO A 279 18.36 -10.00 9.26
N ILE A 280 18.00 -9.97 7.99
CA ILE A 280 17.53 -11.11 7.17
C ILE A 280 18.54 -12.27 7.23
N ARG A 281 19.84 -11.97 7.36
CA ARG A 281 20.92 -13.00 7.42
C ARG A 281 20.66 -14.03 8.54
N SER A 282 19.93 -13.65 9.58
CA SER A 282 19.65 -14.49 10.77
C SER A 282 18.50 -15.48 10.48
N TYR A 283 17.77 -15.30 9.38
CA TYR A 283 16.46 -15.97 9.13
C TYR A 283 16.45 -16.69 7.76
N VAL A 284 17.63 -16.99 7.23
CA VAL A 284 17.81 -17.66 5.91
C VAL A 284 18.86 -18.76 6.03
N THR A 285 18.84 -19.73 5.11
CA THR A 285 19.85 -20.80 5.00
C THR A 285 21.13 -20.22 4.41
N ASP A 286 21.00 -19.27 3.48
CA ASP A 286 22.14 -18.72 2.71
C ASP A 286 21.69 -17.48 1.92
N ASP A 287 22.63 -16.86 1.22
CA ASP A 287 22.40 -15.59 0.51
C ASP A 287 21.58 -15.81 -0.76
N GLN A 288 21.45 -17.04 -1.25
CA GLN A 288 20.52 -17.29 -2.40
C GLN A 288 19.09 -17.10 -1.90
N GLU A 289 18.76 -17.66 -0.73
CA GLU A 289 17.42 -17.49 -0.13
C GLU A 289 17.21 -16.01 0.23
N ALA A 290 18.22 -15.34 0.78
CA ALA A 290 18.13 -13.91 1.13
C ALA A 290 17.87 -13.11 -0.14
N ARG A 291 18.60 -13.40 -1.22
CA ARG A 291 18.44 -12.66 -2.49
C ARG A 291 17.00 -12.84 -3.00
N ASP A 292 16.49 -14.05 -2.90
CA ASP A 292 15.16 -14.43 -3.45
C ASP A 292 14.06 -13.69 -2.67
N ARG A 293 14.22 -13.57 -1.35
CA ARG A 293 13.26 -12.83 -0.48
C ARG A 293 13.34 -11.34 -0.79
N VAL A 294 14.56 -10.79 -0.89
CA VAL A 294 14.73 -9.35 -1.19
C VAL A 294 14.18 -9.06 -2.59
N ALA A 295 14.41 -9.95 -3.56
CA ALA A 295 13.87 -9.84 -4.93
C ALA A 295 12.32 -9.81 -4.87
N ALA A 296 11.71 -10.69 -4.07
CA ALA A 296 10.23 -10.77 -3.94
C ALA A 296 9.69 -9.42 -3.41
N LEU A 297 10.40 -8.82 -2.43
CA LEU A 297 10.01 -7.53 -1.82
C LEU A 297 10.16 -6.41 -2.85
N LEU A 298 11.25 -6.37 -3.61
CA LEU A 298 11.45 -5.37 -4.69
C LEU A 298 10.33 -5.51 -5.75
N VAL A 299 10.00 -6.75 -6.14
CA VAL A 299 8.93 -7.05 -7.14
C VAL A 299 7.59 -6.50 -6.65
N ARG A 300 7.25 -6.74 -5.38
CA ARG A 300 5.96 -6.29 -4.77
C ARG A 300 5.88 -4.75 -4.82
N TYR A 301 7.00 -4.06 -4.62
CA TYR A 301 7.09 -2.57 -4.56
C TYR A 301 7.44 -2.00 -5.95
N GLY A 302 7.52 -2.84 -6.99
CA GLY A 302 7.72 -2.39 -8.39
C GLY A 302 9.11 -1.82 -8.63
N PHE A 303 10.11 -2.28 -7.89
CA PHE A 303 11.55 -1.97 -8.10
C PHE A 303 12.16 -3.04 -9.00
N ASP A 304 13.02 -2.63 -9.93
CA ASP A 304 13.80 -3.52 -10.82
C ASP A 304 14.79 -4.35 -9.97
N THR A 305 14.78 -5.67 -10.14
CA THR A 305 15.65 -6.63 -9.39
C THR A 305 17.03 -6.78 -10.05
N ASP A 306 17.20 -6.27 -11.27
N ASP A 306 17.21 -6.27 -11.28
CA ASP A 306 18.50 -6.29 -12.01
CA ASP A 306 18.50 -6.30 -12.01
C ASP A 306 19.53 -5.46 -11.24
C ASP A 306 19.54 -5.45 -11.25
N GLY A 307 19.11 -4.30 -10.71
CA GLY A 307 19.96 -3.43 -9.87
C GLY A 307 20.45 -4.17 -8.63
N LEU A 308 19.56 -4.93 -7.98
CA LEU A 308 19.89 -5.81 -6.83
C LEU A 308 20.99 -6.78 -7.24
N ASP A 309 20.76 -7.52 -8.33
CA ASP A 309 21.64 -8.62 -8.77
C ASP A 309 23.00 -8.04 -9.19
N ARG A 310 23.01 -6.90 -9.88
CA ARG A 310 24.28 -6.25 -10.30
C ARG A 310 25.07 -5.77 -9.08
N ALA A 311 24.38 -5.27 -8.04
CA ALA A 311 25.02 -4.76 -6.81
C ALA A 311 25.64 -5.93 -6.05
N ILE A 312 24.92 -7.04 -5.93
CA ILE A 312 25.46 -8.29 -5.29
C ILE A 312 26.74 -8.71 -6.03
N ALA A 313 26.65 -8.81 -7.35
CA ALA A 313 27.78 -9.25 -8.22
C ALA A 313 28.99 -8.32 -8.04
N ALA A 314 28.76 -7.01 -7.89
CA ALA A 314 29.82 -5.99 -7.72
C ALA A 314 30.58 -6.26 -6.43
N VAL A 315 29.89 -6.67 -5.37
CA VAL A 315 30.51 -6.86 -4.03
C VAL A 315 31.35 -8.14 -4.04
N THR A 316 30.80 -9.26 -4.51
CA THR A 316 31.50 -10.57 -4.46
C THR A 316 31.04 -11.46 -5.61
N PRO A 317 31.95 -12.27 -6.20
CA PRO A 317 31.57 -13.23 -7.23
C PRO A 317 31.21 -14.60 -6.66
N ARG A 318 31.28 -14.79 -5.34
CA ARG A 318 31.04 -16.10 -4.70
C ARG A 318 29.63 -16.59 -5.02
N PRO A 319 29.45 -17.91 -5.16
CA PRO A 319 28.10 -18.48 -5.23
C PRO A 319 27.31 -18.04 -3.99
N LEU A 320 26.07 -17.60 -4.17
CA LEU A 320 25.23 -17.11 -3.06
C LEU A 320 24.95 -18.26 -2.07
N ARG A 321 24.88 -19.52 -2.54
CA ARG A 321 24.65 -20.71 -1.68
C ARG A 321 25.84 -20.98 -0.73
N ASP A 322 27.02 -20.42 -1.01
CA ASP A 322 28.29 -20.81 -0.32
C ASP A 322 28.44 -20.07 1.01
N GLY A 323 27.47 -19.24 1.40
CA GLY A 323 27.52 -18.52 2.67
C GLY A 323 26.25 -17.80 2.98
N VAL A 324 26.19 -17.22 4.18
CA VAL A 324 25.07 -16.36 4.62
C VAL A 324 25.66 -15.04 5.11
N GLY A 325 24.88 -13.97 5.13
CA GLY A 325 25.33 -12.69 5.71
C GLY A 325 25.87 -11.68 4.68
N LEU A 326 26.00 -12.04 3.39
CA LEU A 326 26.30 -11.02 2.33
C LEU A 326 25.17 -9.98 2.37
N ILE A 327 23.92 -10.43 2.27
CA ILE A 327 22.73 -9.57 2.44
C ILE A 327 22.46 -9.54 3.94
N ALA A 328 22.99 -8.55 4.62
CA ALA A 328 23.04 -8.50 6.09
C ALA A 328 21.68 -8.06 6.65
N HIS A 329 21.05 -7.08 6.00
CA HIS A 329 19.75 -6.50 6.40
C HIS A 329 18.96 -6.13 5.15
N VAL A 330 17.66 -5.98 5.30
CA VAL A 330 16.79 -5.31 4.29
C VAL A 330 15.84 -4.42 5.08
N SER A 331 15.59 -3.22 4.59
CA SER A 331 14.75 -2.23 5.30
C SER A 331 13.64 -1.71 4.40
N LEU A 332 12.53 -1.32 5.03
CA LEU A 332 11.42 -0.59 4.37
C LEU A 332 11.38 0.81 4.97
N ARG A 333 11.39 1.84 4.11
CA ARG A 333 11.37 3.28 4.49
C ARG A 333 10.01 3.87 4.12
N LEU A 334 9.28 4.38 5.11
CA LEU A 334 7.92 4.99 4.94
C LEU A 334 7.98 6.49 5.30
N GLY A 335 7.26 7.32 4.55
CA GLY A 335 7.11 8.78 4.80
C GLY A 335 8.27 9.58 4.21
N ALA A 336 8.44 10.81 4.69
CA ALA A 336 9.45 11.78 4.20
C ALA A 336 10.82 11.44 4.80
N PRO A 337 11.94 11.77 4.13
CA PRO A 337 11.93 12.50 2.85
C PRO A 337 11.91 11.67 1.56
N ARG A 338 12.34 10.40 1.60
CA ARG A 338 12.60 9.57 0.38
C ARG A 338 12.30 8.09 0.68
N PRO A 339 11.03 7.65 0.56
CA PRO A 339 10.67 6.27 0.90
C PRO A 339 11.18 5.24 -0.11
N GLY A 340 11.24 3.96 0.28
CA GLY A 340 11.66 2.85 -0.59
C GLY A 340 12.19 1.64 0.18
N VAL A 341 13.02 0.82 -0.48
CA VAL A 341 13.63 -0.40 0.12
C VAL A 341 15.14 -0.26 0.04
N THR A 342 15.84 -0.60 1.13
CA THR A 342 17.32 -0.58 1.19
C THR A 342 17.81 -2.01 1.41
N VAL A 343 18.85 -2.37 0.70
CA VAL A 343 19.55 -3.67 0.85
C VAL A 343 20.95 -3.37 1.38
N TYR A 344 21.36 -4.08 2.41
CA TYR A 344 22.66 -3.89 3.09
C TYR A 344 23.56 -5.05 2.69
N LEU A 345 24.75 -4.73 2.17
CA LEU A 345 25.68 -5.70 1.55
C LEU A 345 27.01 -5.69 2.30
N SER A 346 27.42 -6.86 2.77
CA SER A 346 28.63 -7.05 3.61
C SER A 346 29.89 -7.10 2.75
N ALA A 347 30.96 -6.47 3.21
CA ALA A 347 32.29 -6.49 2.56
C ALA A 347 32.90 -7.90 2.60
N GLU A 348 32.64 -8.65 3.67
CA GLU A 348 33.23 -10.00 3.90
C GLU A 348 34.76 -9.92 3.68
N ALA A 349 35.43 -8.94 4.28
CA ALA A 349 36.88 -8.76 4.14
C ALA A 349 37.63 -9.89 4.87
N TYR A 350 37.04 -10.43 5.93
CA TYR A 350 37.71 -11.36 6.87
C TYR A 350 37.07 -12.75 6.84
N ARG A 351 35.76 -12.86 6.68
CA ARG A 351 35.06 -14.15 6.82
C ARG A 351 33.75 -14.13 6.03
N VAL A 352 33.42 -15.25 5.41
CA VAL A 352 32.07 -15.57 4.90
C VAL A 352 31.42 -16.51 5.92
N SER A 353 30.33 -16.09 6.54
CA SER A 353 29.56 -16.93 7.50
C SER A 353 29.06 -18.17 6.77
N PRO A 354 29.22 -19.39 7.34
CA PRO A 354 28.85 -20.61 6.65
C PRO A 354 27.34 -20.71 6.47
N PRO A 355 26.88 -21.34 5.37
CA PRO A 355 25.46 -21.48 5.12
C PRO A 355 24.88 -22.59 6.01
N ARG A 356 23.58 -22.57 6.26
CA ARG A 356 22.83 -23.66 6.93
C ARG A 356 22.39 -24.65 5.84
N PRO A 357 22.42 -25.99 6.10
CA PRO A 357 21.99 -26.96 5.09
C PRO A 357 20.53 -26.76 4.65
N ARG A 358 20.26 -27.08 3.38
CA ARG A 358 18.90 -27.17 2.78
C ARG A 358 18.50 -28.65 2.72
N GLY B 3 35.49 15.24 -27.75
CA GLY B 3 34.11 14.76 -27.50
C GLY B 3 33.11 15.90 -27.54
N LEU B 4 31.82 15.57 -27.56
CA LEU B 4 30.72 16.58 -27.56
C LEU B 4 30.74 17.35 -26.24
N SER B 5 30.48 18.65 -26.30
CA SER B 5 30.16 19.50 -25.15
C SER B 5 28.66 19.47 -24.92
N VAL B 6 28.21 19.95 -23.77
CA VAL B 6 26.76 20.12 -23.47
C VAL B 6 26.18 21.08 -24.52
N SER B 7 26.88 22.17 -24.84
CA SER B 7 26.45 23.12 -25.88
C SER B 7 26.26 22.40 -27.23
N ASP B 8 27.23 21.58 -27.66
CA ASP B 8 27.16 20.88 -28.97
C ASP B 8 25.82 20.14 -29.06
N HIS B 9 25.48 19.40 -28.01
CA HIS B 9 24.24 18.59 -27.90
C HIS B 9 23.02 19.52 -27.97
N LEU B 10 22.92 20.46 -27.03
CA LEU B 10 21.70 21.31 -26.84
C LEU B 10 21.54 22.26 -28.01
N ASP B 11 22.63 22.89 -28.44
CA ASP B 11 22.60 23.82 -29.58
C ASP B 11 22.14 23.07 -30.84
N GLY B 12 22.59 21.82 -31.05
CA GLY B 12 22.16 20.99 -32.19
C GLY B 12 20.65 20.78 -32.15
N GLN B 13 20.12 20.45 -30.98
CA GLN B 13 18.68 20.23 -30.77
C GLN B 13 17.93 21.53 -31.08
N LEU B 14 18.37 22.65 -30.53
CA LEU B 14 17.67 23.94 -30.73
C LEU B 14 17.71 24.33 -32.22
N ALA B 15 18.84 24.17 -32.91
CA ALA B 15 18.96 24.52 -34.35
C ALA B 15 17.93 23.71 -35.16
N ARG B 16 17.81 22.41 -34.88
CA ARG B 16 16.87 21.52 -35.62
C ARG B 16 15.42 21.88 -35.26
N LEU B 17 15.14 22.19 -33.98
CA LEU B 17 13.79 22.62 -33.53
C LEU B 17 13.39 23.93 -34.24
N CYS B 18 14.30 24.88 -34.37
CA CYS B 18 14.03 26.16 -35.08
C CYS B 18 13.58 25.87 -36.53
N GLU B 19 14.28 24.96 -37.21
CA GLU B 19 13.94 24.50 -38.58
C GLU B 19 12.49 23.99 -38.59
N VAL B 20 12.09 23.20 -37.58
CA VAL B 20 10.72 22.60 -37.45
C VAL B 20 9.69 23.72 -37.22
N ALA B 21 9.96 24.64 -36.30
CA ALA B 21 9.06 25.73 -35.87
C ALA B 21 9.07 26.87 -36.91
N GLY B 22 9.95 26.82 -37.90
CA GLY B 22 10.11 27.88 -38.92
C GLY B 22 10.59 29.17 -38.29
N ALA B 23 11.64 29.10 -37.48
CA ALA B 23 12.21 30.25 -36.74
C ALA B 23 13.67 30.44 -37.14
N ASP B 24 14.09 31.68 -37.42
CA ASP B 24 15.51 32.01 -37.60
C ASP B 24 16.23 31.55 -36.33
N PRO B 25 17.29 30.72 -36.46
CA PRO B 25 17.98 30.18 -35.29
C PRO B 25 19.05 31.09 -34.64
N VAL B 26 19.44 32.19 -35.29
CA VAL B 26 20.61 33.01 -34.84
C VAL B 26 20.37 33.51 -33.40
N GLU B 27 19.27 34.23 -33.14
CA GLU B 27 19.03 34.85 -31.81
C GLU B 27 18.71 33.75 -30.78
N PRO B 28 17.81 32.79 -31.07
CA PRO B 28 17.56 31.68 -30.14
C PRO B 28 18.87 30.98 -29.70
N ARG B 29 19.77 30.69 -30.64
CA ARG B 29 21.03 29.97 -30.35
C ARG B 29 21.95 30.86 -29.50
N ASN B 30 22.01 32.15 -29.80
CA ASN B 30 22.79 33.13 -29.00
C ASN B 30 22.27 33.13 -27.56
N LEU B 31 20.94 33.09 -27.37
CA LEU B 31 20.32 33.18 -26.01
C LEU B 31 20.54 31.86 -25.25
N LEU B 32 20.43 30.69 -25.90
CA LEU B 32 20.71 29.38 -25.23
C LEU B 32 22.15 29.37 -24.71
N ALA B 33 23.10 29.84 -25.53
CA ALA B 33 24.53 29.93 -25.15
C ALA B 33 24.67 30.79 -23.89
N GLY B 34 24.00 31.94 -23.84
CA GLY B 34 23.99 32.84 -22.67
C GLY B 34 23.38 32.17 -21.46
N LEU B 35 22.25 31.50 -21.63
CA LEU B 35 21.54 30.81 -20.52
C LEU B 35 22.44 29.70 -19.94
N LEU B 36 23.12 28.94 -20.79
CA LEU B 36 23.95 27.78 -20.35
C LEU B 36 25.15 28.27 -19.54
N GLY B 37 25.66 29.47 -19.84
CA GLY B 37 26.84 30.02 -19.16
C GLY B 37 27.98 29.02 -19.15
N PRO B 38 28.52 28.63 -17.97
CA PRO B 38 29.73 27.80 -17.92
C PRO B 38 29.47 26.32 -18.29
N VAL B 39 28.22 25.89 -18.32
CA VAL B 39 27.85 24.49 -18.66
C VAL B 39 28.13 24.24 -20.16
N GLY B 40 27.96 25.25 -21.01
CA GLY B 40 27.98 25.09 -22.48
C GLY B 40 29.25 24.36 -22.94
N PRO B 41 30.45 24.87 -22.58
CA PRO B 41 31.71 24.22 -22.99
C PRO B 41 32.08 22.91 -22.26
N ARG B 42 31.34 22.47 -21.25
CA ARG B 42 31.71 21.29 -20.43
C ARG B 42 31.47 20.02 -21.24
N PRO B 43 32.37 19.01 -21.14
CA PRO B 43 32.18 17.74 -21.85
C PRO B 43 30.86 17.06 -21.42
N LEU B 44 30.14 16.46 -22.38
CA LEU B 44 28.93 15.61 -22.14
C LEU B 44 29.25 14.48 -21.16
N TYR B 45 30.44 13.88 -21.28
CA TYR B 45 30.86 12.68 -20.48
C TYR B 45 31.03 13.07 -19.01
N GLU B 46 31.27 14.36 -18.73
CA GLU B 46 31.40 14.89 -17.35
C GLU B 46 30.04 14.78 -16.66
N PRO B 47 29.98 14.29 -15.39
CA PRO B 47 28.75 14.36 -14.61
C PRO B 47 28.27 15.80 -14.46
N PRO B 48 26.95 16.04 -14.29
CA PRO B 48 26.44 17.39 -14.08
C PRO B 48 27.13 18.07 -12.90
N ALA B 49 27.51 19.35 -13.04
CA ALA B 49 28.20 20.13 -11.98
C ALA B 49 27.20 20.52 -10.88
N TRP B 50 25.89 20.40 -11.13
CA TRP B 50 24.80 20.70 -10.16
C TRP B 50 23.58 19.85 -10.50
N PRO B 51 22.84 19.30 -9.51
CA PRO B 51 21.66 18.49 -9.78
C PRO B 51 20.47 19.41 -10.09
N SER B 52 20.51 20.05 -11.25
CA SER B 52 19.47 21.00 -11.71
C SER B 52 18.10 20.34 -11.61
N GLY B 53 17.11 21.05 -11.05
CA GLY B 53 15.72 20.56 -10.97
C GLY B 53 14.97 20.71 -12.28
N VAL B 54 15.59 21.29 -13.31
CA VAL B 54 14.91 21.59 -14.60
C VAL B 54 14.47 20.29 -15.28
N SER B 55 15.26 19.22 -15.16
CA SER B 55 14.99 17.92 -15.81
C SER B 55 15.48 16.79 -14.93
N ASP B 56 14.94 15.60 -15.13
CA ASP B 56 15.24 14.37 -14.34
C ASP B 56 16.73 14.02 -14.41
N ASP B 57 17.38 14.18 -15.57
CA ASP B 57 18.82 13.82 -15.74
C ASP B 57 19.72 15.03 -15.39
N HIS B 58 19.14 16.13 -14.91
CA HIS B 58 19.84 17.36 -14.40
C HIS B 58 20.47 18.16 -15.55
N THR B 59 20.06 17.94 -16.80
CA THR B 59 20.30 18.94 -17.87
C THR B 59 19.63 20.23 -17.41
N PRO B 60 20.33 21.39 -17.37
CA PRO B 60 19.73 22.62 -16.86
C PRO B 60 18.84 23.35 -17.88
N VAL B 61 18.37 22.65 -18.91
CA VAL B 61 17.33 23.16 -19.87
C VAL B 61 16.33 22.07 -20.19
N GLU B 62 15.15 22.49 -20.62
CA GLU B 62 14.08 21.65 -21.19
C GLU B 62 13.44 22.42 -22.32
N PHE B 63 13.12 21.74 -23.42
CA PHE B 63 12.44 22.36 -24.59
C PHE B 63 10.95 22.16 -24.44
N SER B 64 10.17 23.01 -25.07
CA SER B 64 8.72 22.75 -25.22
C SER B 64 8.20 23.38 -26.50
N ILE B 65 7.16 22.77 -27.07
N ILE B 65 7.15 22.78 -27.07
CA ILE B 65 6.41 23.27 -28.25
CA ILE B 65 6.43 23.31 -28.24
C ILE B 65 4.97 23.53 -27.79
C ILE B 65 4.97 23.52 -27.84
N ALA B 66 4.52 24.78 -27.88
CA ALA B 66 3.16 25.18 -27.53
C ALA B 66 2.35 25.29 -28.82
N PHE B 67 1.39 24.40 -29.00
CA PHE B 67 0.42 24.44 -30.13
C PHE B 67 -0.67 25.44 -29.78
N ASN B 68 -0.93 26.36 -30.70
CA ASN B 68 -1.80 27.55 -30.51
C ASN B 68 -2.93 27.51 -31.55
N GLU B 69 -4.12 27.97 -31.16
CA GLU B 69 -5.31 28.09 -32.06
C GLU B 69 -5.03 29.12 -33.16
N ALA B 70 -4.34 30.23 -32.84
CA ALA B 70 -4.35 31.50 -33.60
C ALA B 70 -2.98 31.87 -34.20
N GLU B 71 -1.93 31.05 -34.03
CA GLU B 71 -0.61 31.28 -34.70
C GLU B 71 0.18 29.97 -34.75
N PRO B 72 1.31 29.90 -35.51
CA PRO B 72 2.12 28.70 -35.56
C PRO B 72 2.69 28.32 -34.18
N PRO B 73 3.24 27.10 -34.00
CA PRO B 73 3.70 26.67 -32.69
C PRO B 73 4.77 27.62 -32.13
N THR B 74 4.75 27.80 -30.81
CA THR B 74 5.74 28.59 -30.04
C THR B 74 6.78 27.63 -29.50
N LEU B 75 8.06 27.90 -29.74
CA LEU B 75 9.19 27.11 -29.19
C LEU B 75 9.65 27.82 -27.92
N ARG B 76 9.87 27.08 -26.83
CA ARG B 76 10.38 27.67 -25.56
C ARG B 76 11.50 26.80 -24.98
N ILE B 77 12.39 27.44 -24.23
CA ILE B 77 13.46 26.79 -23.43
C ILE B 77 13.29 27.27 -21.99
N LEU B 78 13.10 26.33 -21.07
CA LEU B 78 13.15 26.56 -19.61
C LEU B 78 14.57 26.23 -19.14
N GLY B 79 15.17 27.05 -18.30
CA GLY B 79 16.50 26.68 -17.79
C GLY B 79 17.07 27.64 -16.77
N GLU B 80 18.31 27.37 -16.39
CA GLU B 80 19.05 28.17 -15.40
C GLU B 80 20.52 28.22 -15.78
N THR B 81 21.17 29.30 -15.39
CA THR B 81 22.64 29.49 -15.53
C THR B 81 23.30 29.04 -14.23
N LEU B 82 24.17 28.03 -14.28
CA LEU B 82 24.89 27.57 -13.07
C LEU B 82 25.99 28.58 -12.73
N GLY B 83 26.23 28.80 -11.44
CA GLY B 83 27.36 29.60 -10.94
C GLY B 83 28.68 28.85 -11.09
N SER B 84 29.79 29.50 -10.76
CA SER B 84 31.16 28.94 -10.79
C SER B 84 31.85 29.26 -9.46
N PRO B 85 31.81 28.37 -8.44
CA PRO B 85 31.19 27.04 -8.55
C PRO B 85 29.66 27.09 -8.40
N PRO B 86 28.93 26.03 -8.83
CA PRO B 86 27.47 25.99 -8.70
C PRO B 86 26.98 25.90 -7.26
N GLY B 87 25.81 26.49 -7.00
CA GLY B 87 25.13 26.49 -5.69
C GLY B 87 23.88 27.34 -5.71
N PRO B 88 22.99 27.25 -4.70
CA PRO B 88 21.72 27.98 -4.69
C PRO B 88 21.85 29.47 -5.06
N LEU B 89 22.69 30.22 -4.34
CA LEU B 89 22.83 31.69 -4.52
C LEU B 89 23.66 31.99 -5.77
N ALA B 90 24.71 31.23 -6.03
CA ALA B 90 25.59 31.37 -7.22
C ALA B 90 24.75 31.20 -8.50
N ASN B 91 23.88 30.20 -8.52
CA ASN B 91 22.99 29.91 -9.67
C ASN B 91 22.01 31.07 -9.84
N LEU B 92 21.43 31.58 -8.75
CA LEU B 92 20.47 32.72 -8.78
C LEU B 92 21.19 33.93 -9.41
N SER B 93 22.39 34.25 -8.91
CA SER B 93 23.18 35.43 -9.37
C SER B 93 23.51 35.30 -10.87
N ALA B 94 23.94 34.12 -11.32
CA ALA B 94 24.32 33.87 -12.73
C ALA B 94 23.09 34.00 -13.63
N THR B 95 21.96 33.41 -13.23
CA THR B 95 20.69 33.44 -14.01
C THR B 95 20.16 34.88 -14.06
N ARG B 96 20.15 35.57 -12.93
N ARG B 96 20.14 35.57 -12.92
CA ARG B 96 19.74 37.00 -12.85
CA ARG B 96 19.74 37.00 -12.85
C ARG B 96 20.67 37.87 -13.71
C ARG B 96 20.67 37.84 -13.74
N GLY B 97 21.98 37.56 -13.71
CA GLY B 97 22.97 38.29 -14.52
C GLY B 97 22.66 38.18 -16.00
N PHE B 98 22.32 36.99 -16.46
CA PHE B 98 21.94 36.71 -17.86
C PHE B 98 20.70 37.54 -18.23
N LEU B 99 19.64 37.44 -17.43
CA LEU B 99 18.34 38.12 -17.69
C LEU B 99 18.53 39.65 -17.69
N ASP B 100 19.25 40.18 -16.71
CA ASP B 100 19.48 41.65 -16.57
C ASP B 100 20.21 42.16 -17.83
N ALA B 101 21.22 41.44 -18.33
CA ALA B 101 21.95 41.82 -19.56
C ALA B 101 20.99 41.80 -20.76
N GLN B 102 20.11 40.79 -20.86
CA GLN B 102 19.17 40.65 -21.99
C GLN B 102 18.09 41.73 -21.90
N ALA B 103 17.63 42.06 -20.69
CA ALA B 103 16.66 43.17 -20.45
C ALA B 103 17.29 44.50 -20.92
N ARG B 104 18.55 44.74 -20.55
CA ARG B 104 19.28 45.97 -20.95
C ARG B 104 19.45 46.01 -22.47
N ARG B 105 19.76 44.87 -23.10
CA ARG B 105 20.00 44.75 -24.57
C ARG B 105 18.70 45.04 -25.36
N ALA B 106 17.57 44.46 -24.93
CA ALA B 106 16.26 44.57 -25.61
C ALA B 106 15.52 45.87 -25.21
N GLY B 107 16.08 46.66 -24.30
CA GLY B 107 15.50 47.92 -23.79
C GLY B 107 14.20 47.69 -23.01
N LEU B 108 14.16 46.68 -22.14
CA LEU B 108 12.96 46.32 -21.32
C LEU B 108 12.95 47.12 -20.02
N SER B 109 11.77 47.46 -19.52
CA SER B 109 11.55 47.96 -18.14
C SER B 109 11.14 46.78 -17.25
N THR B 110 11.72 46.67 -16.06
CA THR B 110 11.59 45.51 -15.15
C THR B 110 11.15 45.98 -13.77
N SER B 111 10.40 47.08 -13.69
CA SER B 111 10.00 47.74 -12.41
C SER B 111 9.04 46.83 -11.61
N ARG B 112 8.14 46.12 -12.31
CA ARG B 112 7.17 45.17 -11.68
C ARG B 112 7.94 44.05 -10.99
N LEU B 113 8.81 43.36 -11.74
CA LEU B 113 9.67 42.28 -11.20
C LEU B 113 10.55 42.85 -10.07
N ASP B 114 11.09 44.06 -10.26
CA ASP B 114 11.97 44.74 -9.27
C ASP B 114 11.17 45.08 -8.01
N SER B 115 9.88 45.40 -8.17
CA SER B 115 8.98 45.87 -7.07
C SER B 115 8.70 44.73 -6.07
N VAL B 116 8.88 43.47 -6.46
CA VAL B 116 8.61 42.27 -5.59
C VAL B 116 9.92 41.52 -5.30
N ARG B 117 11.07 42.06 -5.73
CA ARG B 117 12.38 41.36 -5.67
C ARG B 117 12.77 41.08 -4.19
N ASP B 118 12.58 42.07 -3.31
CA ASP B 118 13.02 42.02 -1.89
C ASP B 118 12.28 40.89 -1.14
N LEU B 119 11.04 40.58 -1.53
CA LEU B 119 10.18 39.55 -0.87
C LEU B 119 10.80 38.15 -1.05
N PHE B 120 11.53 37.90 -2.14
CA PHE B 120 12.14 36.60 -2.49
C PHE B 120 13.62 36.53 -2.06
N ALA B 121 14.29 37.69 -1.94
CA ALA B 121 15.75 37.80 -1.64
C ALA B 121 16.05 37.18 -0.27
N THR B 122 17.01 36.25 -0.21
CA THR B 122 17.47 35.58 1.03
C THR B 122 18.94 35.16 0.87
N ASP B 123 19.74 35.32 1.92
CA ASP B 123 21.18 34.92 1.96
C ASP B 123 21.26 33.39 1.98
N ASP B 124 20.24 32.70 2.52
CA ASP B 124 20.18 31.23 2.66
C ASP B 124 18.95 30.68 1.91
N PRO B 125 18.97 30.65 0.55
CA PRO B 125 17.83 30.17 -0.23
C PRO B 125 17.61 28.66 -0.10
N GLN B 126 16.37 28.26 0.25
CA GLN B 126 15.96 26.85 0.50
C GLN B 126 15.38 26.25 -0.80
N GLY B 127 15.57 24.94 -0.99
CA GLY B 127 15.22 24.21 -2.23
C GLY B 127 16.42 24.09 -3.15
N ASP B 128 16.25 23.49 -4.33
CA ASP B 128 17.35 23.30 -5.31
C ASP B 128 17.30 24.42 -6.37
N PHE B 129 16.44 25.44 -6.17
CA PHE B 129 16.39 26.64 -7.05
C PHE B 129 15.75 27.85 -6.35
N ALA B 130 16.13 29.04 -6.80
CA ALA B 130 15.55 30.35 -6.42
C ALA B 130 14.88 31.00 -7.64
N MET B 131 15.53 30.94 -8.81
CA MET B 131 15.06 31.63 -10.05
CA MET B 131 14.99 31.57 -10.03
C MET B 131 15.42 30.79 -11.28
N TRP B 132 14.43 30.46 -12.10
CA TRP B 132 14.61 29.90 -13.45
C TRP B 132 14.10 30.93 -14.43
N CYS B 133 14.45 30.73 -15.72
N CYS B 133 14.35 30.74 -15.70
CA CYS B 133 14.15 31.62 -16.89
CA CYS B 133 13.74 31.60 -16.73
C CYS B 133 13.49 30.79 -18.01
C CYS B 133 13.36 30.78 -17.94
N SER B 134 12.55 31.38 -18.78
CA SER B 134 12.04 30.79 -20.02
C SER B 134 12.38 31.75 -21.17
N LEU B 135 12.93 31.21 -22.24
CA LEU B 135 13.13 31.90 -23.55
C LEU B 135 11.96 31.52 -24.44
N VAL B 136 11.23 32.50 -24.97
CA VAL B 136 9.97 32.24 -25.72
C VAL B 136 10.16 32.74 -27.15
N PHE B 137 10.08 31.81 -28.11
CA PHE B 137 10.32 32.07 -29.55
C PHE B 137 8.99 31.88 -30.29
N ARG B 138 8.18 32.94 -30.33
CA ARG B 138 6.91 33.00 -31.10
C ARG B 138 7.25 33.24 -32.58
N SER B 139 6.42 32.73 -33.47
CA SER B 139 6.60 32.82 -34.95
C SER B 139 6.70 34.31 -35.37
N SER B 140 7.76 34.68 -36.10
CA SER B 140 7.98 36.02 -36.73
C SER B 140 8.14 37.12 -35.66
N ARG B 141 8.50 36.77 -34.41
CA ARG B 141 8.62 37.75 -33.30
C ARG B 141 10.00 37.63 -32.65
N ARG B 142 10.48 38.71 -32.06
CA ARG B 142 11.73 38.72 -31.28
C ARG B 142 11.49 37.90 -30.01
N PRO B 143 12.53 37.29 -29.43
CA PRO B 143 12.37 36.50 -28.20
C PRO B 143 11.73 37.29 -27.06
N GLU B 144 10.93 36.60 -26.25
CA GLU B 144 10.38 37.12 -24.99
C GLU B 144 10.98 36.31 -23.85
N PHE B 145 11.02 36.90 -22.66
CA PHE B 145 11.62 36.30 -21.44
C PHE B 145 10.57 36.21 -20.34
N LYS B 146 10.60 35.09 -19.62
CA LYS B 146 9.77 34.85 -18.42
C LYS B 146 10.67 34.47 -17.27
N VAL B 147 10.32 34.89 -16.05
CA VAL B 147 11.08 34.61 -14.81
C VAL B 147 10.22 33.72 -13.93
N TYR B 148 10.76 32.61 -13.43
CA TYR B 148 10.06 31.66 -12.53
C TYR B 148 10.74 31.73 -11.17
N LEU B 149 10.06 32.30 -10.18
CA LEU B 149 10.58 32.46 -8.79
C LEU B 149 10.04 31.31 -7.92
N ASN B 150 10.85 30.88 -6.96
CA ASN B 150 10.52 29.80 -5.99
C ASN B 150 9.81 30.41 -4.79
N PRO B 151 8.49 30.22 -4.61
CA PRO B 151 7.78 30.77 -3.45
C PRO B 151 8.23 30.16 -2.11
N GLU B 152 8.92 29.01 -2.15
CA GLU B 152 9.40 28.27 -0.95
C GLU B 152 10.90 28.50 -0.74
N VAL B 153 11.46 29.55 -1.35
CA VAL B 153 12.91 29.91 -1.28
C VAL B 153 13.29 30.21 0.19
N LYS B 154 12.36 30.77 0.98
CA LYS B 154 12.56 31.10 2.42
C LYS B 154 11.93 30.02 3.32
N GLY B 155 11.86 28.78 2.85
CA GLY B 155 11.20 27.66 3.55
C GLY B 155 9.74 27.54 3.15
N VAL B 156 9.19 26.32 3.24
CA VAL B 156 7.83 25.96 2.76
C VAL B 156 6.78 26.73 3.58
N GLU B 157 6.96 26.84 4.90
CA GLU B 157 5.91 27.40 5.81
C GLU B 157 5.83 28.92 5.64
N ARG B 158 6.88 29.57 5.11
CA ARG B 158 6.89 31.03 4.80
C ARG B 158 6.20 31.32 3.45
N SER B 159 6.05 30.30 2.59
CA SER B 159 5.65 30.47 1.16
C SER B 159 4.29 31.16 1.01
N PRO B 160 3.25 30.82 1.82
CA PRO B 160 1.93 31.46 1.67
C PRO B 160 1.96 32.97 1.93
N ALA B 161 2.76 33.43 2.91
CA ALA B 161 2.92 34.85 3.27
C ALA B 161 3.62 35.59 2.13
N LEU B 162 4.75 35.05 1.64
CA LEU B 162 5.54 35.61 0.52
C LEU B 162 4.61 35.89 -0.67
N VAL B 163 3.85 34.89 -1.13
CA VAL B 163 3.00 34.98 -2.36
C VAL B 163 1.91 36.02 -2.15
N SER B 164 1.28 36.05 -0.97
CA SER B 164 0.19 37.00 -0.65
C SER B 164 0.70 38.45 -0.82
N GLU B 165 1.84 38.77 -0.21
CA GLU B 165 2.42 40.13 -0.22
C GLU B 165 2.85 40.48 -1.65
N ALA B 166 3.51 39.54 -2.34
CA ALA B 166 3.96 39.71 -3.75
C ALA B 166 2.77 40.08 -4.64
N LEU B 167 1.68 39.31 -4.61
CA LEU B 167 0.51 39.53 -5.51
C LEU B 167 -0.19 40.86 -5.15
N HIS B 168 -0.30 41.20 -3.88
CA HIS B 168 -0.95 42.46 -3.44
C HIS B 168 -0.15 43.68 -3.95
N ARG B 169 1.18 43.63 -3.88
CA ARG B 169 2.06 44.72 -4.39
C ARG B 169 1.77 44.99 -5.87
N LEU B 170 1.48 43.93 -6.64
CA LEU B 170 1.22 44.03 -8.10
C LEU B 170 -0.25 44.39 -8.36
N GLY B 171 -1.04 44.61 -7.30
CA GLY B 171 -2.46 44.98 -7.40
C GLY B 171 -3.33 43.80 -7.75
N LEU B 172 -2.96 42.59 -7.30
CA LEU B 172 -3.70 41.32 -7.58
C LEU B 172 -4.12 40.66 -6.26
N GLY B 173 -4.21 41.44 -5.18
CA GLY B 173 -4.50 40.93 -3.82
C GLY B 173 -5.88 40.31 -3.72
N ALA B 174 -6.87 40.92 -4.35
CA ALA B 174 -8.29 40.49 -4.30
C ALA B 174 -8.47 39.14 -5.02
N SER B 175 -7.91 39.01 -6.24
CA SER B 175 -8.05 37.81 -7.11
C SER B 175 -7.33 36.60 -6.50
N TYR B 176 -6.28 36.83 -5.70
CA TYR B 176 -5.50 35.75 -5.02
C TYR B 176 -6.35 35.13 -3.90
N ARG B 177 -7.09 35.98 -3.19
CA ARG B 177 -7.94 35.57 -2.04
C ARG B 177 -8.96 34.51 -2.52
N ALA B 178 -9.47 34.62 -3.75
CA ALA B 178 -10.42 33.66 -4.38
C ALA B 178 -9.77 32.27 -4.49
N LEU B 179 -8.50 32.19 -4.88
CA LEU B 179 -7.78 30.90 -4.99
C LEU B 179 -7.57 30.34 -3.57
N LEU B 180 -7.03 31.14 -2.66
CA LEU B 180 -6.75 30.72 -1.25
C LEU B 180 -8.03 30.26 -0.56
N ASP B 181 -9.13 30.98 -0.74
CA ASP B 181 -10.40 30.76 0.00
C ASP B 181 -11.16 29.56 -0.57
N HIS B 182 -11.22 29.43 -1.89
CA HIS B 182 -12.21 28.55 -2.57
C HIS B 182 -11.55 27.57 -3.56
N GLY B 183 -10.22 27.62 -3.75
CA GLY B 183 -9.51 26.82 -4.78
C GLY B 183 -8.46 25.89 -4.22
N VAL B 184 -8.13 26.00 -2.94
CA VAL B 184 -7.09 25.16 -2.27
C VAL B 184 -7.80 24.15 -1.36
N ARG B 185 -7.45 22.87 -1.48
CA ARG B 185 -7.98 21.77 -0.62
C ARG B 185 -8.02 22.26 0.83
N PRO B 186 -9.13 22.00 1.55
CA PRO B 186 -9.47 22.72 2.78
C PRO B 186 -8.31 23.09 3.73
N GLY B 187 -7.43 22.15 4.08
CA GLY B 187 -6.28 22.40 4.97
C GLY B 187 -4.98 21.87 4.41
N GLU B 188 -4.56 22.34 3.22
CA GLU B 188 -3.44 21.75 2.45
C GLU B 188 -2.47 22.80 1.91
N LEU B 189 -2.72 24.10 2.09
CA LEU B 189 -1.82 25.17 1.58
C LEU B 189 -0.45 25.03 2.23
N GLY B 190 0.59 24.81 1.43
CA GLY B 190 1.98 24.60 1.88
C GLY B 190 2.20 23.17 2.41
N ARG B 191 1.25 22.26 2.17
CA ARG B 191 1.34 20.83 2.56
C ARG B 191 1.03 19.97 1.32
N GLY B 192 -0.23 19.56 1.12
CA GLY B 192 -0.67 18.80 -0.04
C GLY B 192 -0.65 19.64 -1.31
N ASP B 193 -1.04 20.92 -1.19
CA ASP B 193 -1.03 21.94 -2.28
C ASP B 193 0.13 22.90 -2.05
N ARG B 194 1.21 22.73 -2.81
CA ARG B 194 2.49 23.47 -2.65
C ARG B 194 2.54 24.61 -3.66
N LEU B 195 2.93 25.81 -3.21
CA LEU B 195 3.22 26.98 -4.07
C LEU B 195 4.59 26.79 -4.70
N THR B 196 4.64 26.36 -5.96
CA THR B 196 5.85 25.78 -6.58
C THR B 196 6.56 26.81 -7.46
N PHE B 197 5.82 27.65 -8.20
CA PHE B 197 6.40 28.68 -9.10
C PHE B 197 5.54 29.94 -9.06
N PHE B 198 6.22 31.08 -9.03
CA PHE B 198 5.66 32.43 -9.21
C PHE B 198 6.30 33.00 -10.48
N ALA B 199 5.53 33.07 -11.57
CA ALA B 199 6.06 33.40 -12.91
C ALA B 199 5.53 34.77 -13.37
N VAL B 200 6.44 35.60 -13.87
CA VAL B 200 6.13 36.93 -14.45
C VAL B 200 6.90 37.09 -15.75
N ASP B 201 6.37 37.87 -16.69
CA ASP B 201 7.15 38.43 -17.82
C ASP B 201 8.34 39.20 -17.23
N LEU B 202 9.51 39.11 -17.85
CA LEU B 202 10.68 39.95 -17.50
C LEU B 202 10.30 41.41 -17.74
N HIS B 203 9.63 41.70 -18.87
CA HIS B 203 9.18 43.05 -19.31
C HIS B 203 7.87 43.42 -18.61
N ASP B 204 7.73 44.68 -18.20
CA ASP B 204 6.57 45.18 -17.40
C ASP B 204 5.27 44.93 -18.16
N GLY B 205 5.17 45.41 -19.40
CA GLY B 205 3.94 45.36 -20.21
C GLY B 205 2.87 46.29 -19.61
N PRO B 206 1.66 46.33 -20.21
CA PRO B 206 0.65 47.32 -19.84
C PRO B 206 0.03 47.09 -18.45
N GLN B 207 -0.18 45.83 -18.08
CA GLN B 207 -0.87 45.40 -16.84
C GLN B 207 -0.02 44.37 -16.11
N ALA B 208 -0.04 44.41 -14.77
CA ALA B 208 0.53 43.35 -13.90
C ALA B 208 -0.17 42.03 -14.22
N ARG B 209 0.62 40.97 -14.40
CA ARG B 209 0.11 39.61 -14.66
C ARG B 209 1.05 38.61 -13.97
N VAL B 210 0.51 37.65 -13.24
CA VAL B 210 1.30 36.58 -12.58
C VAL B 210 0.68 35.25 -12.91
N LYS B 211 1.52 34.25 -13.14
CA LYS B 211 1.11 32.83 -13.23
C LYS B 211 1.62 32.11 -11.99
N LEU B 212 0.72 31.67 -11.11
CA LEU B 212 1.05 30.92 -9.88
C LEU B 212 0.80 29.43 -10.14
N TYR B 213 1.78 28.59 -9.84
CA TYR B 213 1.74 27.13 -10.08
C TYR B 213 1.59 26.43 -8.72
N LEU B 214 0.54 25.62 -8.57
CA LEU B 214 0.29 24.77 -7.40
C LEU B 214 0.59 23.31 -7.78
N THR B 215 1.45 22.65 -7.01
CA THR B 215 1.70 21.20 -7.13
C THR B 215 0.70 20.49 -6.22
N HIS B 216 -0.14 19.64 -6.78
CA HIS B 216 -1.14 18.81 -6.07
C HIS B 216 -0.56 17.40 -5.82
N HIS B 217 0.02 17.16 -4.64
CA HIS B 217 0.71 15.89 -4.31
C HIS B 217 -0.31 14.76 -4.12
N GLU B 218 -0.09 13.61 -4.78
CA GLU B 218 -0.90 12.37 -4.69
C GLU B 218 -2.38 12.72 -4.82
N ALA B 219 -2.73 13.50 -5.85
CA ALA B 219 -4.03 14.18 -5.98
C ALA B 219 -5.01 13.31 -6.78
N GLU B 220 -6.28 13.33 -6.36
CA GLU B 220 -7.44 12.82 -7.13
C GLU B 220 -7.79 13.88 -8.18
N VAL B 221 -8.12 13.47 -9.40
CA VAL B 221 -8.51 14.41 -10.50
C VAL B 221 -9.73 15.22 -10.03
N TRP B 222 -10.62 14.59 -9.28
CA TRP B 222 -11.82 15.22 -8.66
C TRP B 222 -11.41 16.52 -7.95
N ASP B 223 -10.36 16.47 -7.12
CA ASP B 223 -9.87 17.61 -6.31
C ASP B 223 -9.16 18.63 -7.20
N VAL B 224 -8.38 18.17 -8.17
CA VAL B 224 -7.58 19.06 -9.08
C VAL B 224 -8.56 19.89 -9.92
N THR B 225 -9.63 19.25 -10.41
CA THR B 225 -10.70 19.93 -11.20
C THR B 225 -11.54 20.83 -10.30
N ARG B 226 -11.72 20.48 -9.02
CA ARG B 226 -12.41 21.39 -8.07
C ARG B 226 -11.55 22.65 -7.88
N ALA B 227 -10.24 22.50 -7.67
CA ALA B 227 -9.30 23.65 -7.58
C ALA B 227 -9.43 24.52 -8.84
N ALA B 228 -9.51 23.90 -10.02
CA ALA B 228 -9.54 24.59 -11.34
C ALA B 228 -10.82 25.43 -11.47
N SER B 229 -11.92 24.99 -10.86
CA SER B 229 -13.27 25.55 -11.05
C SER B 229 -13.41 26.97 -10.47
N VAL B 230 -12.42 27.48 -9.74
CA VAL B 230 -12.40 28.91 -9.26
C VAL B 230 -12.11 29.83 -10.46
N VAL B 231 -11.62 29.30 -11.58
CA VAL B 231 -11.36 30.08 -12.84
C VAL B 231 -12.64 30.08 -13.69
N ASP B 232 -13.03 31.26 -14.17
N ASP B 232 -13.04 31.26 -14.16
CA ASP B 232 -14.29 31.49 -14.94
CA ASP B 232 -14.32 31.45 -14.92
C ASP B 232 -14.21 30.73 -16.28
C ASP B 232 -14.22 30.73 -16.26
N GLY B 233 -15.22 29.91 -16.58
CA GLY B 233 -15.42 29.28 -17.90
C GLY B 233 -14.59 28.02 -18.11
N VAL B 234 -13.93 27.49 -17.08
CA VAL B 234 -13.19 26.19 -17.18
C VAL B 234 -14.19 25.05 -17.00
N ASP B 235 -14.09 24.05 -17.87
CA ASP B 235 -14.96 22.84 -17.90
C ASP B 235 -14.23 21.72 -17.16
N VAL B 236 -14.74 21.33 -15.99
CA VAL B 236 -14.12 20.23 -15.16
C VAL B 236 -14.08 18.94 -15.98
N ALA B 237 -15.10 18.70 -16.82
CA ALA B 237 -15.21 17.51 -17.69
C ALA B 237 -14.00 17.47 -18.64
N GLU B 238 -13.66 18.63 -19.24
CA GLU B 238 -12.56 18.76 -20.23
C GLU B 238 -11.21 18.49 -19.55
N ILE B 239 -11.02 19.01 -18.33
CA ILE B 239 -9.75 18.82 -17.58
C ILE B 239 -9.63 17.34 -17.21
N GLU B 240 -10.70 16.71 -16.70
CA GLU B 240 -10.74 15.27 -16.35
C GLU B 240 -10.37 14.42 -17.58
N GLU B 241 -10.99 14.68 -18.73
CA GLU B 241 -10.78 13.88 -19.97
C GLU B 241 -9.30 14.00 -20.39
N PHE B 242 -8.73 15.20 -20.27
CA PHE B 242 -7.31 15.45 -20.61
C PHE B 242 -6.41 14.58 -19.74
N CYS B 243 -6.72 14.50 -18.44
CA CYS B 243 -5.95 13.71 -17.45
C CYS B 243 -6.14 12.22 -17.70
N VAL B 244 -7.37 11.80 -18.02
CA VAL B 244 -7.72 10.38 -18.36
C VAL B 244 -6.85 9.90 -19.54
N VAL B 245 -6.81 10.67 -20.63
CA VAL B 245 -6.05 10.30 -21.85
C VAL B 245 -4.55 10.34 -21.51
N ALA B 246 -4.05 11.43 -20.92
CA ALA B 246 -2.61 11.63 -20.64
C ALA B 246 -2.12 10.55 -19.67
N GLY B 247 -2.93 10.19 -18.67
CA GLY B 247 -2.57 9.21 -17.62
C GLY B 247 -2.92 7.77 -18.01
N GLY B 248 -3.59 7.56 -19.15
CA GLY B 248 -4.00 6.23 -19.64
C GLY B 248 -4.93 5.49 -18.68
N GLY B 249 -5.84 6.22 -18.02
CA GLY B 249 -6.91 5.62 -17.17
C GLY B 249 -6.65 5.78 -15.68
N THR B 250 -5.52 6.38 -15.31
CA THR B 250 -5.18 6.82 -13.93
C THR B 250 -6.19 7.90 -13.49
N ARG B 251 -6.80 7.75 -12.31
CA ARG B 251 -7.61 8.81 -11.63
C ARG B 251 -6.83 9.37 -10.43
N ARG B 252 -6.01 8.53 -9.79
CA ARG B 252 -5.11 8.90 -8.68
C ARG B 252 -3.70 9.06 -9.24
N PHE B 253 -3.19 10.30 -9.30
CA PHE B 253 -1.84 10.63 -9.79
C PHE B 253 -0.88 10.66 -8.60
N ASP B 254 -0.50 9.46 -8.13
CA ASP B 254 0.37 9.27 -6.94
C ASP B 254 1.76 8.83 -7.38
N GLY B 255 2.05 8.89 -8.69
CA GLY B 255 3.42 9.01 -9.23
C GLY B 255 3.87 10.46 -9.13
N ARG B 256 4.52 10.98 -10.18
CA ARG B 256 4.83 12.42 -10.25
C ARG B 256 3.51 13.20 -10.22
N PRO B 257 3.46 14.35 -9.52
CA PRO B 257 2.19 15.01 -9.21
C PRO B 257 1.62 15.85 -10.35
N LEU B 258 0.30 15.99 -10.38
CA LEU B 258 -0.38 16.98 -11.24
C LEU B 258 -0.02 18.38 -10.76
N VAL B 259 0.14 19.30 -11.69
CA VAL B 259 0.42 20.74 -11.39
C VAL B 259 -0.66 21.57 -12.10
N GLY B 260 -1.23 22.52 -11.39
CA GLY B 260 -2.16 23.53 -11.94
C GLY B 260 -1.54 24.89 -11.90
N SER B 261 -1.75 25.71 -12.91
CA SER B 261 -1.34 27.13 -12.91
C SER B 261 -2.55 28.02 -13.08
N TYR B 262 -2.50 29.16 -12.41
CA TYR B 262 -3.58 30.16 -12.31
C TYR B 262 -2.98 31.49 -12.77
N THR B 263 -3.60 32.10 -13.78
CA THR B 263 -3.17 33.41 -14.31
C THR B 263 -3.99 34.49 -13.59
N PHE B 264 -3.31 35.40 -12.88
CA PHE B 264 -3.91 36.55 -12.15
C PHE B 264 -3.66 37.84 -12.95
N THR B 265 -4.72 38.62 -13.16
N THR B 265 -4.71 38.63 -13.19
CA THR B 265 -4.73 39.89 -13.96
CA THR B 265 -4.63 39.92 -13.91
C THR B 265 -5.46 40.99 -13.20
C THR B 265 -5.47 40.99 -13.21
N GLU B 266 -5.25 42.25 -13.59
CA GLU B 266 -5.90 43.45 -12.98
C GLU B 266 -7.40 43.44 -13.28
N GLY B 267 -8.22 43.84 -12.30
CA GLY B 267 -9.68 44.07 -12.45
C GLY B 267 -10.48 42.78 -12.57
N ALA B 268 -9.91 41.65 -12.15
CA ALA B 268 -10.58 40.32 -12.10
C ALA B 268 -10.73 39.88 -10.65
N ASP B 269 -11.90 39.31 -10.30
CA ASP B 269 -12.23 38.83 -8.93
C ASP B 269 -11.67 37.41 -8.72
N ARG B 270 -11.09 36.81 -9.75
CA ARG B 270 -10.56 35.42 -9.73
C ARG B 270 -9.51 35.28 -10.83
N PRO B 271 -8.69 34.22 -10.78
CA PRO B 271 -7.78 33.91 -11.90
C PRO B 271 -8.58 33.74 -13.20
N VAL B 272 -8.01 34.19 -14.33
CA VAL B 272 -8.70 34.24 -15.67
C VAL B 272 -8.08 33.24 -16.65
N GLY B 273 -7.00 32.59 -16.26
CA GLY B 273 -6.37 31.53 -17.07
C GLY B 273 -6.05 30.35 -16.20
N TYR B 274 -6.24 29.16 -16.73
CA TYR B 274 -5.88 27.90 -16.04
C TYR B 274 -5.14 27.00 -17.02
N SER B 275 -4.08 26.33 -16.55
CA SER B 275 -3.39 25.25 -17.27
C SER B 275 -3.23 24.06 -16.32
N ILE B 276 -3.33 22.85 -16.85
CA ILE B 276 -3.05 21.59 -16.11
C ILE B 276 -1.85 20.94 -16.78
N TYR B 277 -0.84 20.57 -15.99
CA TYR B 277 0.43 19.96 -16.46
C TYR B 277 0.48 18.53 -15.93
N VAL B 278 0.41 17.55 -16.82
CA VAL B 278 0.52 16.12 -16.45
C VAL B 278 1.95 15.69 -16.70
N PRO B 279 2.68 15.17 -15.66
CA PRO B 279 4.01 14.61 -15.86
C PRO B 279 3.90 13.19 -16.46
N ILE B 280 3.53 13.14 -17.74
CA ILE B 280 3.13 11.91 -18.49
C ILE B 280 4.23 10.83 -18.40
N ARG B 281 5.51 11.22 -18.31
CA ARG B 281 6.65 10.27 -18.25
C ARG B 281 6.43 9.27 -17.08
N SER B 282 5.72 9.69 -16.04
CA SER B 282 5.49 8.90 -14.81
C SER B 282 4.36 7.87 -15.01
N TYR B 283 3.60 7.94 -16.11
CA TYR B 283 2.34 7.16 -16.32
C TYR B 283 2.39 6.37 -17.62
N VAL B 284 3.58 6.13 -18.16
CA VAL B 284 3.77 5.38 -19.43
C VAL B 284 4.89 4.35 -19.27
N THR B 285 4.89 3.35 -20.14
CA THR B 285 5.95 2.31 -20.28
C THR B 285 7.17 2.94 -20.95
N ASP B 286 6.96 3.76 -21.97
CA ASP B 286 8.05 4.33 -22.80
C ASP B 286 7.52 5.53 -23.59
N ASP B 287 8.38 6.14 -24.40
CA ASP B 287 8.05 7.39 -25.13
C ASP B 287 7.20 7.11 -26.37
N GLN B 288 7.12 5.87 -26.85
CA GLN B 288 6.17 5.52 -27.92
C GLN B 288 4.75 5.66 -27.37
N GLU B 289 4.49 5.12 -26.17
CA GLU B 289 3.16 5.24 -25.52
C GLU B 289 2.87 6.72 -25.23
N ALA B 290 3.83 7.47 -24.69
CA ALA B 290 3.68 8.92 -24.42
C ALA B 290 3.36 9.64 -25.73
N ARG B 291 4.12 9.39 -26.78
CA ARG B 291 3.89 10.03 -28.10
C ARG B 291 2.46 9.72 -28.57
N ASP B 292 1.99 8.48 -28.41
CA ASP B 292 0.66 8.07 -28.92
C ASP B 292 -0.44 8.80 -28.14
N ARG B 293 -0.27 8.95 -26.83
CA ARG B 293 -1.25 9.66 -25.96
C ARG B 293 -1.26 11.15 -26.32
N VAL B 294 -0.08 11.75 -26.47
CA VAL B 294 0.03 13.20 -26.82
C VAL B 294 -0.55 13.41 -28.22
N ALA B 295 -0.27 12.51 -29.17
CA ALA B 295 -0.85 12.56 -30.53
C ALA B 295 -2.38 12.54 -30.45
N ALA B 296 -2.95 11.65 -29.63
CA ALA B 296 -4.42 11.53 -29.45
C ALA B 296 -4.98 12.88 -28.94
N LEU B 297 -4.29 13.53 -28.00
CA LEU B 297 -4.75 14.82 -27.44
C LEU B 297 -4.65 15.92 -28.49
N LEU B 298 -3.56 15.99 -29.26
CA LEU B 298 -3.44 16.99 -30.36
C LEU B 298 -4.56 16.76 -31.40
N VAL B 299 -4.82 15.52 -31.77
CA VAL B 299 -5.89 15.17 -32.75
C VAL B 299 -7.25 15.67 -32.20
N ARG B 300 -7.54 15.41 -30.93
CA ARG B 300 -8.82 15.82 -30.29
C ARG B 300 -9.01 17.34 -30.44
N TYR B 301 -7.93 18.13 -30.32
CA TYR B 301 -7.95 19.61 -30.28
C TYR B 301 -7.68 20.21 -31.67
N GLY B 302 -7.58 19.38 -32.70
CA GLY B 302 -7.46 19.82 -34.11
C GLY B 302 -6.07 20.33 -34.44
N PHE B 303 -5.03 19.86 -33.75
CA PHE B 303 -3.61 20.28 -33.93
C PHE B 303 -2.86 19.25 -34.79
N ASP B 304 -1.75 19.67 -35.39
CA ASP B 304 -0.98 18.86 -36.39
C ASP B 304 0.01 17.95 -35.65
N THR B 305 -0.21 16.62 -35.70
CA THR B 305 0.68 15.60 -35.07
C THR B 305 1.99 15.51 -35.86
N ASP B 306 2.01 15.97 -37.11
CA ASP B 306 3.26 16.03 -37.92
C ASP B 306 4.25 16.97 -37.22
N GLY B 307 3.76 18.10 -36.69
CA GLY B 307 4.56 19.05 -35.89
C GLY B 307 5.18 18.41 -34.66
N LEU B 308 4.40 17.61 -33.93
CA LEU B 308 4.87 16.84 -32.75
C LEU B 308 5.97 15.87 -33.18
N ASP B 309 5.73 15.09 -34.23
CA ASP B 309 6.67 14.04 -34.67
C ASP B 309 7.97 14.69 -35.17
N ARG B 310 7.89 15.81 -35.89
CA ARG B 310 9.08 16.55 -36.40
C ARG B 310 9.88 17.11 -35.22
N ALA B 311 9.19 17.64 -34.19
CA ALA B 311 9.87 18.19 -32.99
C ALA B 311 10.59 17.06 -32.24
N ILE B 312 9.94 15.91 -32.07
CA ILE B 312 10.56 14.74 -31.41
C ILE B 312 11.84 14.33 -32.17
N ALA B 313 11.74 14.19 -33.48
CA ALA B 313 12.86 13.78 -34.36
C ALA B 313 14.01 14.80 -34.26
N ALA B 314 13.69 16.09 -34.13
CA ALA B 314 14.66 17.19 -33.99
C ALA B 314 15.47 17.01 -32.70
N VAL B 315 14.80 16.60 -31.62
CA VAL B 315 15.44 16.46 -30.28
C VAL B 315 16.33 15.21 -30.27
N THR B 316 15.86 14.09 -30.81
CA THR B 316 16.61 12.81 -30.78
C THR B 316 16.16 11.89 -31.90
N PRO B 317 17.10 11.13 -32.51
CA PRO B 317 16.77 10.11 -33.49
C PRO B 317 16.47 8.73 -32.88
N ARG B 318 16.55 8.61 -31.55
CA ARG B 318 16.47 7.30 -30.86
C ARG B 318 15.10 6.68 -31.06
N PRO B 319 14.99 5.33 -31.10
CA PRO B 319 13.70 4.66 -31.07
C PRO B 319 12.92 5.10 -29.81
N LEU B 320 11.67 5.49 -29.98
CA LEU B 320 10.83 5.97 -28.85
C LEU B 320 10.71 4.87 -27.78
N ARG B 321 10.64 3.59 -28.19
CA ARG B 321 10.47 2.42 -27.28
C ARG B 321 11.72 2.23 -26.39
N ASP B 322 12.88 2.76 -26.78
CA ASP B 322 14.20 2.52 -26.12
C ASP B 322 14.38 3.41 -24.88
N GLY B 323 13.41 4.25 -24.53
CA GLY B 323 13.52 5.12 -23.36
C GLY B 323 12.17 5.62 -22.89
N VAL B 324 12.16 6.23 -21.71
CA VAL B 324 11.00 6.96 -21.14
C VAL B 324 11.51 8.30 -20.65
N GLY B 325 10.69 9.34 -20.68
CA GLY B 325 11.06 10.65 -20.13
C GLY B 325 11.41 11.68 -21.20
N LEU B 326 11.50 11.29 -22.49
CA LEU B 326 11.70 12.28 -23.59
C LEU B 326 10.52 13.24 -23.57
N ILE B 327 9.30 12.69 -23.57
CA ILE B 327 8.07 13.50 -23.38
C ILE B 327 7.85 13.60 -21.87
N ALA B 328 8.33 14.68 -21.28
CA ALA B 328 8.40 14.83 -19.82
C ALA B 328 7.02 15.20 -19.27
N HIS B 329 6.32 16.10 -19.95
CA HIS B 329 5.03 16.66 -19.54
C HIS B 329 4.19 16.92 -20.78
N VAL B 330 2.89 16.99 -20.59
CA VAL B 330 1.95 17.55 -21.59
C VAL B 330 0.96 18.41 -20.82
N SER B 331 0.60 19.56 -21.37
CA SER B 331 -0.28 20.53 -20.67
C SER B 331 -1.42 20.96 -21.57
N LEU B 332 -2.54 21.29 -20.93
CA LEU B 332 -3.72 21.92 -21.57
C LEU B 332 -3.83 23.34 -21.01
N ARG B 333 -3.88 24.35 -21.90
CA ARG B 333 -3.97 25.79 -21.54
C ARG B 333 -5.37 26.30 -21.90
N LEU B 334 -6.09 26.82 -20.90
CA LEU B 334 -7.44 27.42 -21.05
C LEU B 334 -7.37 28.91 -20.66
N GLY B 335 -8.00 29.78 -21.44
CA GLY B 335 -8.04 31.24 -21.19
C GLY B 335 -6.99 32.00 -22.00
N ALA B 336 -7.03 33.33 -21.92
CA ALA B 336 -6.15 34.27 -22.66
C ALA B 336 -4.72 34.18 -22.11
N PRO B 337 -3.67 34.56 -22.89
CA PRO B 337 -3.83 35.06 -24.26
C PRO B 337 -3.99 33.97 -25.34
N ARG B 338 -3.21 32.88 -25.25
CA ARG B 338 -3.10 31.81 -26.28
C ARG B 338 -3.37 30.44 -25.64
N PRO B 339 -4.62 29.92 -25.72
CA PRO B 339 -4.91 28.57 -25.24
C PRO B 339 -4.44 27.50 -26.24
N GLY B 340 -4.27 26.27 -25.77
CA GLY B 340 -3.89 25.10 -26.60
C GLY B 340 -3.23 23.99 -25.79
N VAL B 341 -2.36 23.21 -26.44
CA VAL B 341 -1.67 22.03 -25.84
C VAL B 341 -0.17 22.27 -25.95
N THR B 342 0.57 22.05 -24.87
CA THR B 342 2.05 22.18 -24.87
C THR B 342 2.66 20.81 -24.61
N VAL B 343 3.69 20.47 -25.37
CA VAL B 343 4.49 19.23 -25.17
C VAL B 343 5.90 19.63 -24.72
N TYR B 344 6.37 19.02 -23.64
CA TYR B 344 7.67 19.32 -23.01
C TYR B 344 8.62 18.19 -23.36
N LEU B 345 9.75 18.52 -23.97
CA LEU B 345 10.70 17.55 -24.55
C LEU B 345 12.05 17.66 -23.87
N SER B 346 12.56 16.53 -23.38
CA SER B 346 13.79 16.44 -22.57
C SER B 346 15.00 16.48 -23.49
N ALA B 347 16.05 17.19 -23.10
CA ALA B 347 17.34 17.23 -23.81
C ALA B 347 18.04 15.86 -23.75
N GLU B 348 17.84 15.10 -22.67
CA GLU B 348 18.54 13.80 -22.39
C GLU B 348 20.05 13.97 -22.67
N ALA B 349 20.65 15.02 -22.14
CA ALA B 349 22.10 15.29 -22.33
C ALA B 349 22.91 14.28 -21.51
N TYR B 350 22.36 13.78 -20.41
CA TYR B 350 23.10 12.97 -19.40
C TYR B 350 22.59 11.53 -19.35
N ARG B 351 21.29 11.31 -19.55
CA ARG B 351 20.68 9.97 -19.39
C ARG B 351 19.43 9.87 -20.27
N VAL B 352 19.30 8.75 -20.97
CA VAL B 352 18.02 8.23 -21.53
C VAL B 352 17.49 7.22 -20.52
N SER B 353 16.49 7.59 -19.74
CA SER B 353 15.87 6.73 -18.70
C SER B 353 15.38 5.46 -19.38
N PRO B 354 15.86 4.26 -18.96
CA PRO B 354 15.45 3.01 -19.60
C PRO B 354 14.00 2.67 -19.23
N PRO B 355 13.23 2.04 -20.14
CA PRO B 355 11.87 1.59 -19.81
C PRO B 355 11.86 0.20 -19.12
N GLY C 3 -46.30 -1.33 45.42
CA GLY C 3 -47.02 -2.05 44.32
C GLY C 3 -46.58 -1.61 42.93
N LEU C 4 -45.39 -1.02 42.80
CA LEU C 4 -44.80 -0.61 41.50
C LEU C 4 -44.45 -1.86 40.68
N SER C 5 -44.70 -1.81 39.38
CA SER C 5 -44.21 -2.80 38.40
C SER C 5 -42.81 -2.41 37.92
N VAL C 6 -42.11 -3.34 37.27
CA VAL C 6 -40.82 -3.08 36.57
C VAL C 6 -41.07 -2.02 35.50
N SER C 7 -42.17 -2.15 34.76
CA SER C 7 -42.62 -1.15 33.75
C SER C 7 -42.69 0.26 34.36
N ASP C 8 -43.39 0.41 35.49
CA ASP C 8 -43.59 1.74 36.13
C ASP C 8 -42.22 2.37 36.36
N HIS C 9 -41.28 1.61 36.93
CA HIS C 9 -39.90 2.05 37.21
C HIS C 9 -39.18 2.44 35.91
N LEU C 10 -39.10 1.52 34.93
CA LEU C 10 -38.32 1.73 33.68
C LEU C 10 -38.96 2.80 32.82
N ASP C 11 -40.30 2.80 32.71
CA ASP C 11 -41.05 3.79 31.92
C ASP C 11 -40.78 5.20 32.48
N GLY C 12 -40.77 5.35 33.80
CA GLY C 12 -40.48 6.64 34.47
C GLY C 12 -39.10 7.12 34.10
N GLN C 13 -38.11 6.24 34.18
CA GLN C 13 -36.71 6.52 33.79
C GLN C 13 -36.66 6.96 32.32
N LEU C 14 -37.30 6.20 31.43
CA LEU C 14 -37.28 6.50 29.98
C LEU C 14 -37.94 7.86 29.73
N ALA C 15 -39.08 8.12 30.36
CA ALA C 15 -39.84 9.39 30.19
C ALA C 15 -38.95 10.58 30.58
N ARG C 16 -38.24 10.47 31.71
CA ARG C 16 -37.36 11.55 32.23
C ARG C 16 -36.14 11.71 31.31
N LEU C 17 -35.58 10.59 30.80
CA LEU C 17 -34.44 10.62 29.86
C LEU C 17 -34.86 11.28 28.54
N CYS C 18 -36.05 10.98 28.02
CA CYS C 18 -36.58 11.60 26.77
C CYS C 18 -36.62 13.13 26.93
N GLU C 19 -37.07 13.63 28.08
CA GLU C 19 -37.12 15.09 28.40
C GLU C 19 -35.70 15.67 28.35
N VAL C 20 -34.71 14.97 28.93
CA VAL C 20 -33.28 15.39 28.92
C VAL C 20 -32.77 15.43 27.47
N ALA C 21 -33.07 14.41 26.66
CA ALA C 21 -32.58 14.25 25.27
C ALA C 21 -33.37 15.14 24.30
N GLY C 22 -34.53 15.67 24.70
CA GLY C 22 -35.43 16.45 23.83
C GLY C 22 -36.11 15.55 22.80
N ALA C 23 -36.22 14.25 23.10
CA ALA C 23 -36.77 13.22 22.19
C ALA C 23 -38.28 13.08 22.44
N ASP C 24 -39.05 12.93 21.37
CA ASP C 24 -40.50 12.61 21.44
C ASP C 24 -40.67 11.28 22.18
N PRO C 25 -41.30 11.25 23.37
CA PRO C 25 -41.37 10.04 24.19
C PRO C 25 -42.41 8.97 23.81
N VAL C 26 -43.39 9.30 22.96
CA VAL C 26 -44.57 8.42 22.69
C VAL C 26 -44.06 7.06 22.17
N GLU C 27 -43.32 7.07 21.06
CA GLU C 27 -42.87 5.82 20.39
C GLU C 27 -41.85 5.10 21.28
N PRO C 28 -40.83 5.79 21.86
CA PRO C 28 -39.90 5.14 22.79
C PRO C 28 -40.58 4.36 23.93
N ARG C 29 -41.60 4.93 24.56
CA ARG C 29 -42.32 4.28 25.70
C ARG C 29 -43.16 3.09 25.19
N ASN C 30 -43.75 3.20 24.01
CA ASN C 30 -44.49 2.10 23.35
C ASN C 30 -43.51 0.94 23.11
N LEU C 31 -42.31 1.23 22.61
CA LEU C 31 -41.31 0.20 22.22
C LEU C 31 -40.73 -0.45 23.47
N LEU C 32 -40.45 0.32 24.54
CA LEU C 32 -39.94 -0.24 25.80
C LEU C 32 -40.96 -1.26 26.35
N ALA C 33 -42.25 -0.91 26.38
CA ALA C 33 -43.33 -1.81 26.87
C ALA C 33 -43.30 -3.12 26.06
N GLY C 34 -43.14 -3.03 24.75
CA GLY C 34 -43.04 -4.21 23.86
C GLY C 34 -41.80 -5.03 24.18
N LEU C 35 -40.65 -4.38 24.33
CA LEU C 35 -39.38 -5.08 24.56
C LEU C 35 -39.45 -5.86 25.89
N LEU C 36 -40.05 -5.28 26.91
CA LEU C 36 -40.12 -5.89 28.27
C LEU C 36 -40.98 -7.15 28.25
N GLY C 37 -42.00 -7.20 27.41
CA GLY C 37 -42.92 -8.34 27.34
C GLY C 37 -43.46 -8.69 28.73
N PRO C 38 -43.32 -9.96 29.21
CA PRO C 38 -43.92 -10.37 30.47
C PRO C 38 -43.26 -9.77 31.73
N VAL C 39 -42.07 -9.20 31.58
CA VAL C 39 -41.34 -8.53 32.72
C VAL C 39 -42.07 -7.25 33.10
N GLY C 40 -42.69 -6.54 32.15
CA GLY C 40 -43.29 -5.21 32.36
C GLY C 40 -44.23 -5.19 33.57
N PRO C 41 -45.29 -6.03 33.57
CA PRO C 41 -46.27 -6.05 34.65
C PRO C 41 -45.80 -6.70 35.97
N ARG C 42 -44.64 -7.35 35.97
CA ARG C 42 -44.07 -8.07 37.14
C ARG C 42 -43.86 -7.07 38.28
N PRO C 43 -44.26 -7.40 39.54
CA PRO C 43 -44.00 -6.51 40.67
C PRO C 43 -42.50 -6.28 40.89
N LEU C 44 -42.11 -5.05 41.22
CA LEU C 44 -40.70 -4.65 41.39
C LEU C 44 -40.05 -5.43 42.55
N TYR C 45 -40.83 -5.84 43.56
CA TYR C 45 -40.33 -6.56 44.77
C TYR C 45 -39.94 -8.01 44.42
N GLU C 46 -40.53 -8.57 43.36
CA GLU C 46 -40.30 -9.98 42.94
C GLU C 46 -38.90 -10.10 42.35
N PRO C 47 -38.12 -11.17 42.66
CA PRO C 47 -36.78 -11.33 42.08
C PRO C 47 -36.82 -11.52 40.57
N PRO C 48 -35.68 -11.36 39.87
CA PRO C 48 -35.66 -11.51 38.40
C PRO C 48 -36.11 -12.92 37.97
N ALA C 49 -36.93 -12.97 36.93
CA ALA C 49 -37.46 -14.21 36.31
C ALA C 49 -36.33 -14.98 35.62
N TRP C 50 -35.30 -14.27 35.16
CA TRP C 50 -34.15 -14.86 34.43
C TRP C 50 -32.89 -14.05 34.71
N PRO C 51 -31.71 -14.68 34.91
CA PRO C 51 -30.46 -13.93 35.08
C PRO C 51 -29.99 -13.29 33.75
N SER C 52 -30.71 -12.28 33.29
CA SER C 52 -30.40 -11.53 32.04
C SER C 52 -28.95 -11.01 32.10
N GLY C 53 -28.21 -11.22 31.00
CA GLY C 53 -26.84 -10.72 30.83
C GLY C 53 -26.81 -9.24 30.50
N VAL C 54 -27.97 -8.60 30.31
CA VAL C 54 -28.06 -7.17 29.85
C VAL C 54 -27.42 -6.26 30.92
N SER C 55 -27.65 -6.54 32.21
CA SER C 55 -27.12 -5.70 33.32
C SER C 55 -26.72 -6.59 34.50
N ASP C 56 -25.92 -6.05 35.40
CA ASP C 56 -25.36 -6.81 36.55
C ASP C 56 -26.48 -7.29 37.48
N ASP C 57 -27.55 -6.52 37.65
CA ASP C 57 -28.65 -6.88 38.59
C ASP C 57 -29.76 -7.64 37.84
N HIS C 58 -29.51 -7.99 36.58
CA HIS C 58 -30.38 -8.82 35.70
C HIS C 58 -31.64 -8.06 35.27
N THR C 59 -31.69 -6.73 35.40
CA THR C 59 -32.70 -5.93 34.67
C THR C 59 -32.46 -6.17 33.19
N PRO C 60 -33.49 -6.59 32.41
CA PRO C 60 -33.28 -6.95 31.01
C PRO C 60 -33.19 -5.74 30.06
N VAL C 61 -32.95 -4.55 30.60
CA VAL C 61 -32.69 -3.32 29.80
C VAL C 61 -31.52 -2.53 30.41
N GLU C 62 -30.88 -1.73 29.58
CA GLU C 62 -29.86 -0.73 29.97
C GLU C 62 -30.06 0.50 29.07
N PHE C 63 -29.92 1.68 29.66
CA PHE C 63 -30.04 2.98 28.98
C PHE C 63 -28.65 3.46 28.58
N SER C 64 -28.56 4.24 27.53
CA SER C 64 -27.30 4.93 27.19
C SER C 64 -27.58 6.26 26.52
N ILE C 65 -26.69 7.20 26.73
N ILE C 65 -26.69 7.20 26.74
CA ILE C 65 -26.73 8.53 26.08
CA ILE C 65 -26.69 8.54 26.10
C ILE C 65 -25.43 8.70 25.27
C ILE C 65 -25.42 8.67 25.26
N ALA C 66 -25.57 8.81 23.95
CA ALA C 66 -24.45 8.99 23.00
C ALA C 66 -24.32 10.46 22.70
N PHE C 67 -23.26 11.08 23.18
CA PHE C 67 -22.86 12.46 22.83
C PHE C 67 -22.26 12.38 21.42
N ASN C 68 -22.75 13.24 20.53
CA ASN C 68 -22.42 13.24 19.08
C ASN C 68 -21.77 14.57 18.71
N GLU C 69 -20.82 14.54 17.78
CA GLU C 69 -20.08 15.73 17.29
C GLU C 69 -21.05 16.66 16.53
N ALA C 70 -21.99 16.11 15.75
CA ALA C 70 -22.77 16.85 14.72
C ALA C 70 -24.29 16.85 14.96
N GLU C 71 -24.79 16.30 16.08
CA GLU C 71 -26.25 16.36 16.44
C GLU C 71 -26.43 16.25 17.96
N PRO C 72 -27.64 16.56 18.49
CA PRO C 72 -27.92 16.41 19.91
C PRO C 72 -27.71 14.98 20.37
N PRO C 73 -27.60 14.73 21.68
CA PRO C 73 -27.37 13.39 22.19
C PRO C 73 -28.44 12.39 21.72
N THR C 74 -28.01 11.18 21.46
CA THR C 74 -28.90 10.06 21.08
C THR C 74 -29.21 9.24 22.33
N LEU C 75 -30.47 8.93 22.55
CA LEU C 75 -30.93 8.07 23.68
C LEU C 75 -31.13 6.66 23.12
N ARG C 76 -30.57 5.64 23.78
CA ARG C 76 -30.73 4.24 23.33
C ARG C 76 -31.16 3.35 24.49
N ILE C 77 -31.85 2.26 24.16
CA ILE C 77 -32.24 1.20 25.12
C ILE C 77 -31.69 -0.10 24.56
N LEU C 78 -30.89 -0.82 25.34
CA LEU C 78 -30.46 -2.19 25.05
C LEU C 78 -31.37 -3.12 25.83
N GLY C 79 -31.87 -4.20 25.24
CA GLY C 79 -32.64 -5.16 26.05
C GLY C 79 -33.01 -6.45 25.35
N GLU C 80 -33.72 -7.29 26.08
CA GLU C 80 -34.29 -8.53 25.53
C GLU C 80 -35.68 -8.74 26.12
N THR C 81 -36.49 -9.54 25.41
CA THR C 81 -37.83 -9.99 25.80
C THR C 81 -37.71 -11.41 26.37
N LEU C 82 -38.02 -11.60 27.65
CA LEU C 82 -37.96 -12.93 28.29
C LEU C 82 -39.13 -13.77 27.78
N GLY C 83 -38.91 -15.08 27.67
CA GLY C 83 -39.97 -16.07 27.43
C GLY C 83 -40.82 -16.28 28.68
N SER C 84 -41.92 -17.01 28.55
CA SER C 84 -42.80 -17.45 29.66
C SER C 84 -43.08 -18.94 29.48
N PRO C 85 -42.42 -19.86 30.21
CA PRO C 85 -41.32 -19.53 31.12
C PRO C 85 -40.05 -19.10 30.37
N PRO C 86 -39.15 -18.34 31.03
CA PRO C 86 -37.93 -17.89 30.37
C PRO C 86 -36.93 -19.04 30.18
N GLY C 87 -36.03 -18.88 29.21
CA GLY C 87 -35.00 -19.86 28.89
C GLY C 87 -34.22 -19.45 27.66
N PRO C 88 -33.11 -20.14 27.34
CA PRO C 88 -32.28 -19.76 26.18
C PRO C 88 -33.11 -19.64 24.88
N LEU C 89 -33.83 -20.69 24.49
CA LEU C 89 -34.65 -20.71 23.25
C LEU C 89 -35.87 -19.80 23.40
N ALA C 90 -36.52 -19.83 24.57
CA ALA C 90 -37.77 -19.08 24.84
C ALA C 90 -37.52 -17.57 24.75
N ASN C 91 -36.41 -17.09 25.31
CA ASN C 91 -36.03 -15.64 25.29
C ASN C 91 -35.72 -15.24 23.85
N LEU C 92 -34.94 -16.06 23.13
CA LEU C 92 -34.64 -15.85 21.69
C LEU C 92 -35.96 -15.70 20.92
N SER C 93 -36.91 -16.63 21.10
CA SER C 93 -38.21 -16.65 20.37
C SER C 93 -39.02 -15.39 20.69
N ALA C 94 -39.06 -14.96 21.95
CA ALA C 94 -39.83 -13.78 22.41
C ALA C 94 -39.20 -12.50 21.81
N THR C 95 -37.88 -12.40 21.86
CA THR C 95 -37.13 -11.22 21.38
C THR C 95 -37.28 -11.13 19.85
N ARG C 96 -37.13 -12.27 19.15
CA ARG C 96 -37.30 -12.30 17.67
C ARG C 96 -38.74 -11.91 17.33
N GLY C 97 -39.73 -12.39 18.11
CA GLY C 97 -41.16 -12.06 17.90
C GLY C 97 -41.42 -10.58 17.99
N PHE C 98 -40.84 -9.92 19.00
CA PHE C 98 -40.95 -8.46 19.19
C PHE C 98 -40.34 -7.74 17.99
N LEU C 99 -39.12 -8.12 17.60
CA LEU C 99 -38.41 -7.45 16.47
C LEU C 99 -39.19 -7.64 15.16
N ASP C 100 -39.71 -8.85 14.92
CA ASP C 100 -40.42 -9.20 13.66
C ASP C 100 -41.67 -8.32 13.54
N ALA C 101 -42.43 -8.18 14.64
CA ALA C 101 -43.67 -7.37 14.71
C ALA C 101 -43.34 -5.89 14.47
N GLN C 102 -42.24 -5.39 15.07
CA GLN C 102 -41.87 -3.96 14.98
C GLN C 102 -41.35 -3.67 13.56
N ALA C 103 -40.62 -4.62 12.96
CA ALA C 103 -40.13 -4.52 11.57
C ALA C 103 -41.31 -4.43 10.60
N ARG C 104 -42.36 -5.24 10.83
CA ARG C 104 -43.61 -5.19 10.02
C ARG C 104 -44.31 -3.85 10.24
N ARG C 105 -44.44 -3.42 11.50
CA ARG C 105 -45.13 -2.16 11.89
C ARG C 105 -44.41 -0.97 11.27
N ALA C 106 -43.09 -0.88 11.44
CA ALA C 106 -42.26 0.27 11.03
C ALA C 106 -41.82 0.13 9.56
N GLY C 107 -42.17 -0.98 8.90
CA GLY C 107 -41.82 -1.27 7.49
C GLY C 107 -40.32 -1.26 7.26
N LEU C 108 -39.57 -1.96 8.11
CA LEU C 108 -38.08 -1.84 8.20
C LEU C 108 -37.39 -2.77 7.20
N SER C 109 -36.11 -2.48 6.95
CA SER C 109 -35.16 -3.31 6.16
C SER C 109 -34.57 -4.40 7.05
N THR C 110 -34.77 -5.67 6.67
CA THR C 110 -34.25 -6.87 7.37
C THR C 110 -33.43 -7.73 6.38
N SER C 111 -33.04 -7.14 5.24
CA SER C 111 -32.31 -7.82 4.13
C SER C 111 -31.01 -8.41 4.67
N ARG C 112 -30.15 -7.57 5.23
CA ARG C 112 -28.80 -7.94 5.77
C ARG C 112 -28.96 -9.01 6.86
N LEU C 113 -29.89 -8.81 7.80
CA LEU C 113 -30.09 -9.74 8.96
C LEU C 113 -30.58 -11.10 8.45
N ASP C 114 -31.56 -11.12 7.55
CA ASP C 114 -32.17 -12.37 7.03
C ASP C 114 -31.12 -13.17 6.24
N SER C 115 -30.17 -12.48 5.59
CA SER C 115 -29.11 -13.10 4.75
C SER C 115 -28.09 -13.87 5.60
N VAL C 116 -28.03 -13.64 6.93
CA VAL C 116 -27.08 -14.34 7.86
C VAL C 116 -27.85 -15.09 8.96
N ARG C 117 -29.19 -14.97 9.02
CA ARG C 117 -30.02 -15.49 10.14
C ARG C 117 -29.74 -16.99 10.38
N ASP C 118 -29.64 -17.78 9.30
CA ASP C 118 -29.55 -19.27 9.37
C ASP C 118 -28.21 -19.73 9.97
N LEU C 119 -27.15 -18.91 9.89
CA LEU C 119 -25.82 -19.23 10.48
C LEU C 119 -25.90 -19.27 12.01
N PHE C 120 -26.80 -18.48 12.62
CA PHE C 120 -26.95 -18.34 14.10
C PHE C 120 -28.09 -19.22 14.64
N ALA C 121 -29.13 -19.47 13.83
CA ALA C 121 -30.38 -20.20 14.21
C ALA C 121 -30.03 -21.58 14.77
N THR C 122 -30.49 -21.89 15.98
CA THR C 122 -30.28 -23.20 16.67
C THR C 122 -31.42 -23.45 17.65
N ASP C 123 -31.71 -24.73 17.92
CA ASP C 123 -32.73 -25.20 18.89
C ASP C 123 -32.12 -25.25 20.30
N ASP C 124 -30.79 -25.33 20.38
CA ASP C 124 -30.01 -25.45 21.64
C ASP C 124 -29.00 -24.31 21.72
N PRO C 125 -29.45 -23.04 21.90
CA PRO C 125 -28.53 -21.90 21.95
C PRO C 125 -27.66 -21.92 23.20
N GLN C 126 -26.36 -21.63 23.05
CA GLN C 126 -25.32 -21.65 24.12
C GLN C 126 -24.93 -20.22 24.50
N GLY C 127 -24.41 -20.02 25.72
CA GLY C 127 -23.96 -18.72 26.26
C GLY C 127 -25.07 -17.98 26.99
N ASP C 128 -24.80 -16.73 27.38
CA ASP C 128 -25.71 -15.87 28.18
C ASP C 128 -26.90 -15.39 27.33
N PHE C 129 -26.78 -15.40 26.00
CA PHE C 129 -27.83 -14.84 25.10
C PHE C 129 -27.66 -15.39 23.68
N ALA C 130 -28.69 -15.17 22.86
CA ALA C 130 -28.72 -15.51 21.41
C ALA C 130 -28.98 -14.25 20.59
N MET C 131 -29.97 -13.45 21.00
CA MET C 131 -30.42 -12.21 20.29
C MET C 131 -30.84 -11.15 21.30
N TRP C 132 -30.20 -9.98 21.26
CA TRP C 132 -30.63 -8.74 21.97
C TRP C 132 -31.04 -7.67 20.95
N CYS C 133 -31.77 -6.66 21.43
N CYS C 133 -31.76 -6.66 21.42
CA CYS C 133 -32.35 -5.52 20.65
CA CYS C 133 -32.29 -5.53 20.61
C CYS C 133 -31.76 -4.21 21.19
C CYS C 133 -31.73 -4.21 21.18
N SER C 134 -31.42 -3.25 20.31
CA SER C 134 -31.20 -1.83 20.69
C SER C 134 -32.25 -0.97 19.99
N LEU C 135 -32.93 -0.13 20.77
CA LEU C 135 -33.88 0.92 20.30
C LEU C 135 -33.12 2.24 20.34
N VAL C 136 -33.01 2.92 19.21
CA VAL C 136 -32.16 4.13 19.04
C VAL C 136 -33.06 5.33 18.74
N PHE C 137 -33.02 6.36 19.59
CA PHE C 137 -33.85 7.57 19.46
C PHE C 137 -32.93 8.77 19.19
N ARG C 138 -32.73 9.08 17.91
CA ARG C 138 -31.91 10.23 17.44
C ARG C 138 -32.80 11.47 17.41
N SER C 139 -32.19 12.64 17.59
CA SER C 139 -32.88 13.95 17.62
C SER C 139 -33.73 14.13 16.35
N SER C 140 -35.04 14.36 16.53
N SER C 140 -35.03 14.36 16.54
CA SER C 140 -36.02 14.75 15.48
CA SER C 140 -36.03 14.73 15.50
C SER C 140 -36.12 13.68 14.39
C SER C 140 -36.08 13.68 14.38
N ARG C 141 -35.88 12.41 14.73
CA ARG C 141 -35.89 11.29 13.77
C ARG C 141 -36.75 10.15 14.30
N ARG C 142 -37.24 9.30 13.40
CA ARG C 142 -37.97 8.06 13.72
C ARG C 142 -37.04 7.11 14.46
N PRO C 143 -37.55 6.27 15.38
CA PRO C 143 -36.73 5.26 16.05
C PRO C 143 -36.01 4.35 15.05
N GLU C 144 -34.79 3.93 15.39
CA GLU C 144 -33.98 2.97 14.61
C GLU C 144 -33.77 1.72 15.47
N PHE C 145 -33.64 0.57 14.83
CA PHE C 145 -33.55 -0.74 15.50
C PHE C 145 -32.23 -1.38 15.12
N LYS C 146 -31.61 -2.03 16.09
CA LYS C 146 -30.34 -2.75 15.96
C LYS C 146 -30.52 -4.13 16.61
N VAL C 147 -29.94 -5.14 16.02
CA VAL C 147 -29.98 -6.52 16.57
CA VAL C 147 -29.97 -6.54 16.53
C VAL C 147 -28.54 -6.97 16.84
N TYR C 148 -28.32 -7.57 18.02
CA TYR C 148 -27.03 -8.16 18.40
C TYR C 148 -27.22 -9.66 18.42
N LEU C 149 -26.40 -10.39 17.68
CA LEU C 149 -26.40 -11.86 17.67
C LEU C 149 -25.12 -12.34 18.36
N ASN C 150 -25.17 -13.53 18.94
CA ASN C 150 -24.05 -14.13 19.70
C ASN C 150 -23.25 -15.04 18.77
N PRO C 151 -22.01 -14.66 18.37
CA PRO C 151 -21.19 -15.53 17.52
C PRO C 151 -20.91 -16.89 18.17
N GLU C 152 -21.01 -16.99 19.50
CA GLU C 152 -20.69 -18.22 20.28
C GLU C 152 -21.98 -19.03 20.56
N VAL C 153 -23.09 -18.75 19.87
CA VAL C 153 -24.44 -19.36 20.13
C VAL C 153 -24.41 -20.88 19.83
N LYS C 154 -23.48 -21.34 18.99
CA LYS C 154 -23.30 -22.77 18.64
C LYS C 154 -22.03 -23.32 19.30
N GLY C 155 -21.51 -22.63 20.32
CA GLY C 155 -20.24 -22.95 21.01
C GLY C 155 -19.11 -22.03 20.58
N VAL C 156 -18.11 -21.89 21.45
CA VAL C 156 -16.96 -20.96 21.26
C VAL C 156 -16.08 -21.44 20.09
N GLU C 157 -15.84 -22.76 19.98
CA GLU C 157 -15.00 -23.37 18.91
C GLU C 157 -15.58 -23.01 17.53
N ARG C 158 -16.91 -22.94 17.42
CA ARG C 158 -17.65 -22.70 16.14
C ARG C 158 -17.66 -21.20 15.77
N SER C 159 -17.33 -20.29 16.70
CA SER C 159 -17.57 -18.82 16.56
C SER C 159 -16.75 -18.23 15.41
N PRO C 160 -15.43 -18.55 15.23
CA PRO C 160 -14.66 -18.00 14.11
C PRO C 160 -15.24 -18.35 12.73
N ALA C 161 -15.66 -19.60 12.52
CA ALA C 161 -16.26 -20.09 11.24
C ALA C 161 -17.61 -19.39 11.00
N LEU C 162 -18.38 -19.17 12.07
CA LEU C 162 -19.71 -18.51 11.98
C LEU C 162 -19.50 -17.08 11.50
N VAL C 163 -18.64 -16.31 12.17
CA VAL C 163 -18.38 -14.88 11.84
C VAL C 163 -17.82 -14.78 10.42
N SER C 164 -16.86 -15.64 10.06
CA SER C 164 -16.23 -15.64 8.72
C SER C 164 -17.32 -15.75 7.65
N GLU C 165 -18.17 -16.77 7.77
CA GLU C 165 -19.28 -17.05 6.82
C GLU C 165 -20.24 -15.87 6.82
N ALA C 166 -20.55 -15.32 8.01
CA ALA C 166 -21.54 -14.24 8.18
C ALA C 166 -21.08 -12.98 7.45
N LEU C 167 -19.85 -12.53 7.71
CA LEU C 167 -19.27 -11.30 7.09
C LEU C 167 -19.13 -11.50 5.57
N HIS C 168 -18.70 -12.67 5.14
CA HIS C 168 -18.55 -13.00 3.70
C HIS C 168 -19.90 -12.89 2.99
N ARG C 169 -20.97 -13.42 3.59
CA ARG C 169 -22.35 -13.34 3.03
C ARG C 169 -22.77 -11.88 2.80
N LEU C 170 -22.28 -10.94 3.61
CA LEU C 170 -22.59 -9.50 3.49
C LEU C 170 -21.53 -8.79 2.63
N GLY C 171 -20.65 -9.53 1.96
CA GLY C 171 -19.65 -8.98 1.05
C GLY C 171 -18.50 -8.32 1.80
N LEU C 172 -18.25 -8.73 3.04
CA LEU C 172 -17.21 -8.17 3.92
C LEU C 172 -16.12 -9.21 4.18
N GLY C 173 -16.03 -10.24 3.35
CA GLY C 173 -15.06 -11.35 3.51
C GLY C 173 -13.61 -10.86 3.48
N ALA C 174 -13.30 -9.87 2.64
CA ALA C 174 -11.93 -9.34 2.43
C ALA C 174 -11.42 -8.62 3.69
N SER C 175 -12.29 -7.86 4.37
CA SER C 175 -11.90 -6.98 5.50
C SER C 175 -11.95 -7.75 6.83
N TYR C 176 -12.79 -8.78 6.96
CA TYR C 176 -12.78 -9.72 8.12
C TYR C 176 -11.41 -10.40 8.23
N ARG C 177 -10.82 -10.72 7.08
N ARG C 177 -10.81 -10.73 7.08
CA ARG C 177 -9.46 -11.32 6.97
CA ARG C 177 -9.46 -11.34 7.01
C ARG C 177 -8.44 -10.42 7.69
C ARG C 177 -8.43 -10.42 7.69
N ALA C 178 -8.50 -9.10 7.42
CA ALA C 178 -7.59 -8.09 8.00
C ALA C 178 -7.72 -8.06 9.53
N LEU C 179 -8.95 -8.20 10.06
CA LEU C 179 -9.24 -8.25 11.53
C LEU C 179 -8.59 -9.49 12.14
N LEU C 180 -8.81 -10.65 11.52
CA LEU C 180 -8.23 -11.96 11.96
C LEU C 180 -6.70 -11.93 11.80
N ASP C 181 -6.18 -11.38 10.69
CA ASP C 181 -4.72 -11.38 10.38
C ASP C 181 -3.97 -10.38 11.28
N HIS C 182 -4.48 -9.15 11.40
CA HIS C 182 -3.70 -7.98 11.88
C HIS C 182 -4.36 -7.29 13.08
N GLY C 183 -5.45 -7.85 13.64
CA GLY C 183 -6.28 -7.19 14.66
C GLY C 183 -6.39 -8.00 15.96
N VAL C 184 -6.47 -9.31 15.85
CA VAL C 184 -6.64 -10.25 17.01
C VAL C 184 -5.26 -10.58 17.58
N ARG C 185 -5.15 -10.76 18.90
CA ARG C 185 -3.89 -11.22 19.58
C ARG C 185 -3.50 -12.57 18.96
N PRO C 186 -2.21 -12.78 18.60
CA PRO C 186 -1.79 -14.04 17.97
C PRO C 186 -2.18 -15.28 18.80
N GLY C 187 -2.98 -16.17 18.21
CA GLY C 187 -3.42 -17.45 18.79
C GLY C 187 -4.39 -17.26 19.95
N GLU C 188 -5.16 -16.16 19.96
CA GLU C 188 -6.08 -15.83 21.09
C GLU C 188 -7.54 -15.79 20.61
N LEU C 189 -7.82 -16.04 19.33
CA LEU C 189 -9.21 -16.02 18.78
C LEU C 189 -10.02 -17.13 19.48
N GLY C 190 -11.19 -16.77 20.03
CA GLY C 190 -12.06 -17.68 20.79
C GLY C 190 -11.49 -18.04 22.16
N ARG C 191 -10.42 -17.36 22.60
CA ARG C 191 -9.75 -17.62 23.91
C ARG C 191 -9.63 -16.30 24.69
N GLY C 192 -8.46 -15.64 24.64
CA GLY C 192 -8.25 -14.31 25.23
C GLY C 192 -9.10 -13.25 24.53
N ASP C 193 -9.23 -13.37 23.20
CA ASP C 193 -10.03 -12.48 22.33
C ASP C 193 -11.26 -13.26 21.84
N ARG C 194 -12.43 -12.93 22.39
CA ARG C 194 -13.72 -13.63 22.14
C ARG C 194 -14.55 -12.81 21.15
N LEU C 195 -15.17 -13.48 20.18
CA LEU C 195 -16.16 -12.89 19.25
C LEU C 195 -17.51 -12.86 19.98
N THR C 196 -17.87 -11.74 20.61
CA THR C 196 -18.91 -11.69 21.66
C THR C 196 -20.22 -11.12 21.10
N PHE C 197 -20.17 -10.20 20.12
CA PHE C 197 -21.39 -9.63 19.52
C PHE C 197 -21.20 -9.42 18.01
N PHE C 198 -22.26 -9.74 17.25
CA PHE C 198 -22.39 -9.48 15.80
C PHE C 198 -23.66 -8.68 15.62
N ALA C 199 -23.52 -7.40 15.27
CA ALA C 199 -24.65 -6.45 15.29
C ALA C 199 -24.93 -5.96 13.88
N VAL C 200 -26.20 -5.80 13.55
N VAL C 200 -26.21 -5.82 13.57
CA VAL C 200 -26.65 -5.27 12.23
CA VAL C 200 -26.74 -5.34 12.25
C VAL C 200 -27.80 -4.30 12.47
C VAL C 200 -27.80 -4.27 12.53
N ASP C 201 -27.73 -3.11 11.86
CA ASP C 201 -28.77 -2.06 11.93
C ASP C 201 -29.90 -2.46 10.99
N LEU C 202 -31.17 -2.32 11.42
CA LEU C 202 -32.37 -2.69 10.62
C LEU C 202 -32.88 -1.47 9.86
N HIS C 203 -32.01 -0.89 9.04
CA HIS C 203 -32.35 0.20 8.08
C HIS C 203 -31.26 0.23 7.00
N ASP C 204 -31.53 0.90 5.87
CA ASP C 204 -30.63 0.92 4.68
C ASP C 204 -30.11 2.34 4.43
N GLY C 205 -30.16 3.20 5.45
CA GLY C 205 -29.52 4.53 5.43
C GLY C 205 -28.02 4.41 5.20
N PRO C 206 -27.35 5.51 4.77
CA PRO C 206 -25.91 5.47 4.49
C PRO C 206 -25.04 5.29 5.75
N GLN C 207 -25.63 5.45 6.95
CA GLN C 207 -24.94 5.24 8.25
C GLN C 207 -25.32 3.87 8.84
N ALA C 208 -26.11 3.05 8.12
CA ALA C 208 -26.47 1.67 8.52
C ALA C 208 -25.19 0.82 8.55
N ARG C 209 -24.93 0.15 9.68
CA ARG C 209 -23.64 -0.53 9.95
C ARG C 209 -23.84 -2.02 10.15
N VAL C 210 -22.79 -2.79 9.86
CA VAL C 210 -22.50 -4.13 10.43
C VAL C 210 -21.32 -3.97 11.39
N LYS C 211 -21.43 -4.49 12.60
CA LYS C 211 -20.42 -4.29 13.66
C LYS C 211 -20.04 -5.65 14.24
N LEU C 212 -18.74 -5.87 14.40
CA LEU C 212 -18.19 -7.03 15.12
C LEU C 212 -17.52 -6.53 16.40
N TYR C 213 -17.83 -7.16 17.53
CA TYR C 213 -17.30 -6.80 18.88
C TYR C 213 -16.40 -7.93 19.37
N LEU C 214 -15.19 -7.60 19.81
CA LEU C 214 -14.24 -8.53 20.46
C LEU C 214 -14.14 -8.17 21.94
N THR C 215 -14.24 -9.15 22.83
CA THR C 215 -13.96 -8.98 24.27
C THR C 215 -12.51 -9.39 24.52
N HIS C 216 -11.70 -8.48 25.06
CA HIS C 216 -10.25 -8.66 25.30
C HIS C 216 -10.05 -8.94 26.79
N HIS C 217 -9.98 -10.21 27.17
CA HIS C 217 -9.88 -10.64 28.59
C HIS C 217 -8.47 -10.36 29.13
N GLU C 218 -8.38 -9.80 30.35
CA GLU C 218 -7.12 -9.45 31.04
C GLU C 218 -6.15 -8.80 30.04
N ALA C 219 -6.58 -7.74 29.36
CA ALA C 219 -5.87 -7.12 28.23
C ALA C 219 -5.02 -5.95 28.73
N GLU C 220 -3.82 -5.78 28.14
CA GLU C 220 -3.01 -4.54 28.22
C GLU C 220 -3.56 -3.58 27.19
N VAL C 221 -3.65 -2.29 27.52
N VAL C 221 -3.66 -2.29 27.53
CA VAL C 221 -4.09 -1.21 26.59
CA VAL C 221 -4.08 -1.20 26.58
C VAL C 221 -3.19 -1.27 25.35
C VAL C 221 -3.19 -1.28 25.34
N TRP C 222 -1.91 -1.62 25.52
CA TRP C 222 -0.93 -1.85 24.40
C TRP C 222 -1.54 -2.82 23.37
N ASP C 223 -2.09 -3.93 23.82
CA ASP C 223 -2.62 -5.00 22.93
C ASP C 223 -3.94 -4.53 22.30
N VAL C 224 -4.76 -3.77 23.05
CA VAL C 224 -6.09 -3.33 22.54
C VAL C 224 -5.90 -2.22 21.51
N THR C 225 -4.89 -1.35 21.66
CA THR C 225 -4.58 -0.27 20.70
C THR C 225 -3.93 -0.88 19.44
N ARG C 226 -3.13 -1.93 19.60
CA ARG C 226 -2.59 -2.68 18.45
C ARG C 226 -3.77 -3.26 17.65
N ALA C 227 -4.75 -3.86 18.33
CA ALA C 227 -5.97 -4.40 17.70
C ALA C 227 -6.69 -3.29 16.90
N ALA C 228 -6.79 -2.08 17.45
CA ALA C 228 -7.50 -0.92 16.85
C ALA C 228 -6.77 -0.39 15.60
N SER C 229 -5.45 -0.61 15.51
N SER C 229 -5.46 -0.62 15.51
CA SER C 229 -4.56 -0.03 14.46
CA SER C 229 -4.54 -0.06 14.48
C SER C 229 -4.89 -0.58 13.06
C SER C 229 -4.90 -0.57 13.07
N VAL C 230 -5.70 -1.63 12.96
CA VAL C 230 -6.15 -2.20 11.65
C VAL C 230 -7.15 -1.26 10.98
N VAL C 231 -7.77 -0.34 11.72
CA VAL C 231 -8.67 0.70 11.17
C VAL C 231 -7.81 1.94 10.87
N ASP C 232 -7.84 2.41 9.62
CA ASP C 232 -7.04 3.56 9.15
C ASP C 232 -7.51 4.83 9.87
N GLY C 233 -6.57 5.60 10.42
CA GLY C 233 -6.80 6.96 10.94
C GLY C 233 -7.12 7.00 12.43
N VAL C 234 -7.05 5.87 13.13
CA VAL C 234 -7.30 5.82 14.60
C VAL C 234 -5.98 6.10 15.32
N ASP C 235 -6.03 6.96 16.33
CA ASP C 235 -4.87 7.43 17.11
C ASP C 235 -4.71 6.51 18.33
N VAL C 236 -3.65 5.72 18.37
CA VAL C 236 -3.40 4.75 19.49
C VAL C 236 -3.23 5.56 20.79
N ALA C 237 -2.62 6.74 20.72
CA ALA C 237 -2.43 7.66 21.86
C ALA C 237 -3.80 8.04 22.43
N GLU C 238 -4.77 8.36 21.57
CA GLU C 238 -6.11 8.87 21.98
C GLU C 238 -6.90 7.74 22.65
N ILE C 239 -6.79 6.50 22.14
CA ILE C 239 -7.45 5.32 22.76
C ILE C 239 -6.76 5.07 24.11
N GLU C 240 -5.42 5.08 24.15
CA GLU C 240 -4.67 4.87 25.42
C GLU C 240 -5.09 5.92 26.46
N GLU C 241 -5.13 7.20 26.08
CA GLU C 241 -5.49 8.33 26.98
C GLU C 241 -6.92 8.12 27.52
N PHE C 242 -7.87 7.76 26.64
CA PHE C 242 -9.28 7.47 27.03
C PHE C 242 -9.30 6.36 28.08
N CYS C 243 -8.61 5.24 27.82
CA CYS C 243 -8.54 4.08 28.74
C CYS C 243 -7.84 4.48 30.05
N VAL C 244 -6.75 5.24 29.97
CA VAL C 244 -5.98 5.73 31.15
C VAL C 244 -6.92 6.53 32.07
N VAL C 245 -7.69 7.45 31.51
CA VAL C 245 -8.61 8.35 32.29
C VAL C 245 -9.78 7.52 32.83
N ALA C 246 -10.46 6.74 31.98
CA ALA C 246 -11.64 5.94 32.37
C ALA C 246 -11.25 4.89 33.44
N GLY C 247 -10.08 4.27 33.29
CA GLY C 247 -9.58 3.22 34.21
C GLY C 247 -8.85 3.77 35.43
N GLY C 248 -8.56 5.07 35.48
CA GLY C 248 -7.90 5.73 36.62
C GLY C 248 -6.44 5.31 36.79
N GLY C 249 -5.76 4.96 35.69
CA GLY C 249 -4.31 4.65 35.68
C GLY C 249 -4.00 3.18 35.40
N THR C 250 -5.01 2.31 35.43
CA THR C 250 -4.84 0.85 35.15
C THR C 250 -4.33 0.69 33.71
N ARG C 251 -3.28 -0.09 33.52
CA ARG C 251 -2.71 -0.43 32.20
C ARG C 251 -3.24 -1.81 31.76
N ARG C 252 -3.52 -2.69 32.73
CA ARG C 252 -4.04 -4.06 32.51
C ARG C 252 -5.47 -4.14 33.07
N PHE C 253 -6.44 -4.39 32.20
CA PHE C 253 -7.89 -4.41 32.55
C PHE C 253 -8.27 -5.83 32.95
N ASP C 254 -7.89 -6.23 34.18
CA ASP C 254 -8.01 -7.61 34.69
C ASP C 254 -9.25 -7.73 35.59
N GLY C 255 -10.00 -6.64 35.78
CA GLY C 255 -11.39 -6.70 36.24
C GLY C 255 -12.30 -7.04 35.07
N ARG C 256 -13.41 -6.34 34.92
CA ARG C 256 -14.29 -6.50 33.74
C ARG C 256 -13.47 -6.12 32.49
N PRO C 257 -13.62 -6.87 31.38
CA PRO C 257 -12.74 -6.69 30.23
C PRO C 257 -13.05 -5.49 29.31
N LEU C 258 -12.03 -4.97 28.65
CA LEU C 258 -12.19 -4.02 27.52
C LEU C 258 -12.92 -4.73 26.38
N VAL C 259 -13.80 -4.02 25.69
CA VAL C 259 -14.47 -4.50 24.47
C VAL C 259 -14.14 -3.49 23.37
N GLY C 260 -13.73 -3.98 22.20
CA GLY C 260 -13.50 -3.17 21.00
C GLY C 260 -14.47 -3.59 19.91
N SER C 261 -14.99 -2.64 19.12
CA SER C 261 -15.88 -2.97 17.99
C SER C 261 -15.29 -2.42 16.70
N TYR C 262 -15.56 -3.13 15.60
CA TYR C 262 -15.15 -2.76 14.22
C TYR C 262 -16.42 -2.53 13.42
N THR C 263 -16.51 -1.39 12.73
CA THR C 263 -17.69 -0.97 11.94
C THR C 263 -17.37 -1.21 10.47
N PHE C 264 -18.34 -1.74 9.72
CA PHE C 264 -18.14 -2.19 8.32
C PHE C 264 -19.09 -1.48 7.38
N THR C 265 -18.69 -1.44 6.10
CA THR C 265 -19.55 -1.37 4.89
C THR C 265 -18.79 -2.04 3.73
N GLU C 266 -19.52 -2.51 2.71
CA GLU C 266 -18.98 -3.28 1.56
C GLU C 266 -17.91 -2.44 0.83
N GLY C 267 -16.94 -3.12 0.21
CA GLY C 267 -15.88 -2.52 -0.64
C GLY C 267 -14.78 -1.86 0.19
N ALA C 268 -14.76 -2.06 1.51
CA ALA C 268 -13.72 -1.53 2.43
C ALA C 268 -12.61 -2.58 2.59
N ASP C 269 -11.34 -2.14 2.64
CA ASP C 269 -10.15 -3.00 2.85
C ASP C 269 -10.06 -3.38 4.33
N ARG C 270 -10.59 -2.53 5.21
CA ARG C 270 -10.59 -2.68 6.69
C ARG C 270 -11.92 -2.19 7.23
N PRO C 271 -12.20 -2.33 8.54
CA PRO C 271 -13.32 -1.61 9.14
C PRO C 271 -13.18 -0.08 8.94
N VAL C 272 -14.31 0.62 8.91
CA VAL C 272 -14.44 2.11 8.68
C VAL C 272 -14.48 2.85 10.04
N GLY C 273 -14.78 2.14 11.12
CA GLY C 273 -14.95 2.72 12.45
C GLY C 273 -14.40 1.80 13.50
N TYR C 274 -13.92 2.36 14.60
CA TYR C 274 -13.49 1.61 15.79
C TYR C 274 -14.05 2.30 17.02
N SER C 275 -14.59 1.52 17.95
CA SER C 275 -15.09 2.00 19.25
C SER C 275 -14.48 1.14 20.36
N ILE C 276 -14.17 1.75 21.50
CA ILE C 276 -13.62 1.06 22.69
C ILE C 276 -14.60 1.27 23.86
N TYR C 277 -14.97 0.19 24.52
CA TYR C 277 -15.98 0.18 25.62
C TYR C 277 -15.27 -0.17 26.90
N VAL C 278 -15.15 0.78 27.82
CA VAL C 278 -14.50 0.57 29.14
C VAL C 278 -15.60 0.28 30.14
N PRO C 279 -15.60 -0.90 30.81
CA PRO C 279 -16.60 -1.18 31.85
C PRO C 279 -16.19 -0.48 33.15
N ILE C 280 -16.33 0.84 33.16
CA ILE C 280 -15.74 1.75 34.19
C ILE C 280 -16.18 1.33 35.60
N ARG C 281 -17.38 0.75 35.76
CA ARG C 281 -17.93 0.32 37.08
C ARG C 281 -16.94 -0.57 37.83
N SER C 282 -16.08 -1.28 37.10
CA SER C 282 -15.12 -2.26 37.66
C SER C 282 -13.85 -1.55 38.19
N TYR C 283 -13.65 -0.25 37.89
CA TYR C 283 -12.36 0.46 38.07
C TYR C 283 -12.55 1.74 38.90
N VAL C 284 -13.64 1.82 39.65
CA VAL C 284 -14.00 2.99 40.50
C VAL C 284 -14.47 2.49 41.87
N THR C 285 -14.44 3.36 42.87
CA THR C 285 -14.98 3.05 44.22
C THR C 285 -16.51 3.15 44.19
N ASP C 286 -17.05 4.07 43.38
CA ASP C 286 -18.50 4.38 43.41
C ASP C 286 -18.85 5.25 42.21
N ASP C 287 -20.11 5.58 42.04
CA ASP C 287 -20.59 6.32 40.85
C ASP C 287 -20.21 7.80 40.91
N GLN C 288 -19.84 8.33 42.08
CA GLN C 288 -19.31 9.72 42.15
C GLN C 288 -17.96 9.75 41.40
N GLU C 289 -17.08 8.78 41.69
CA GLU C 289 -15.78 8.68 40.99
C GLU C 289 -16.02 8.43 39.49
N ALA C 290 -16.92 7.52 39.12
CA ALA C 290 -17.24 7.24 37.71
C ALA C 290 -17.73 8.53 37.04
N ARG C 291 -18.66 9.23 37.66
CA ARG C 291 -19.21 10.48 37.09
C ARG C 291 -18.06 11.46 36.84
N ASP C 292 -17.16 11.60 37.80
CA ASP C 292 -16.07 12.62 37.76
C ASP C 292 -15.14 12.29 36.58
N ARG C 293 -14.87 11.01 36.33
CA ARG C 293 -13.99 10.55 35.22
C ARG C 293 -14.69 10.79 33.90
N VAL C 294 -15.97 10.43 33.80
CA VAL C 294 -16.74 10.61 32.53
C VAL C 294 -16.82 12.12 32.24
N ALA C 295 -17.08 12.94 33.27
CA ALA C 295 -17.12 14.42 33.15
C ALA C 295 -15.78 14.93 32.59
N ALA C 296 -14.66 14.43 33.11
CA ALA C 296 -13.30 14.83 32.68
C ALA C 296 -13.13 14.53 31.18
N LEU C 297 -13.61 13.38 30.73
CA LEU C 297 -13.54 12.95 29.31
C LEU C 297 -14.43 13.85 28.45
N LEU C 298 -15.67 14.09 28.85
CA LEU C 298 -16.56 15.01 28.08
C LEU C 298 -15.92 16.41 28.00
N VAL C 299 -15.35 16.92 29.11
CA VAL C 299 -14.72 18.28 29.13
C VAL C 299 -13.54 18.31 28.14
N ARG C 300 -12.70 17.29 28.17
CA ARG C 300 -11.53 17.13 27.26
C ARG C 300 -11.98 17.27 25.80
N TYR C 301 -13.10 16.61 25.46
CA TYR C 301 -13.63 16.49 24.08
C TYR C 301 -14.55 17.68 23.74
N GLY C 302 -14.80 18.59 24.69
CA GLY C 302 -15.61 19.81 24.49
C GLY C 302 -17.11 19.51 24.45
N PHE C 303 -17.55 18.41 25.05
CA PHE C 303 -18.98 18.05 25.27
C PHE C 303 -19.44 18.66 26.59
N ASP C 304 -20.73 18.96 26.70
CA ASP C 304 -21.33 19.62 27.89
C ASP C 304 -21.61 18.56 28.97
N THR C 305 -21.11 18.77 30.19
CA THR C 305 -21.31 17.84 31.34
C THR C 305 -22.70 18.01 31.96
N ASP C 306 -23.41 19.09 31.62
N ASP C 306 -23.42 19.10 31.63
CA ASP C 306 -24.82 19.31 32.08
CA ASP C 306 -24.82 19.31 32.10
C ASP C 306 -25.70 18.18 31.55
C ASP C 306 -25.72 18.19 31.54
N GLY C 307 -25.47 17.74 30.31
CA GLY C 307 -26.21 16.61 29.70
C GLY C 307 -25.98 15.33 30.48
N LEU C 308 -24.73 15.07 30.86
CA LEU C 308 -24.36 13.90 31.68
C LEU C 308 -25.10 13.95 33.02
N ASP C 309 -24.98 15.07 33.72
CA ASP C 309 -25.54 15.22 35.09
C ASP C 309 -27.06 15.09 35.04
N ARG C 310 -27.70 15.68 34.03
CA ARG C 310 -29.18 15.63 33.89
C ARG C 310 -29.61 14.20 33.56
N ALA C 311 -28.84 13.46 32.75
CA ALA C 311 -29.19 12.06 32.39
C ALA C 311 -29.07 11.18 33.64
N ILE C 312 -28.00 11.35 34.41
CA ILE C 312 -27.79 10.59 35.68
C ILE C 312 -28.98 10.84 36.61
N ALA C 313 -29.34 12.10 36.81
CA ALA C 313 -30.41 12.52 37.73
C ALA C 313 -31.76 11.98 37.24
N ALA C 314 -31.99 11.91 35.92
CA ALA C 314 -33.23 11.37 35.32
C ALA C 314 -33.37 9.90 35.70
N VAL C 315 -32.27 9.15 35.71
CA VAL C 315 -32.28 7.68 35.96
C VAL C 315 -32.54 7.42 37.44
N THR C 316 -31.86 8.13 38.34
CA THR C 316 -31.99 7.88 39.78
C THR C 316 -31.64 9.13 40.59
N PRO C 317 -32.36 9.38 41.70
CA PRO C 317 -32.00 10.45 42.62
C PRO C 317 -31.01 10.04 43.73
N ARG C 318 -30.54 8.80 43.73
CA ARG C 318 -29.68 8.27 44.82
C ARG C 318 -28.36 9.03 44.84
N PRO C 319 -27.75 9.22 46.03
CA PRO C 319 -26.41 9.77 46.12
C PRO C 319 -25.44 8.87 45.33
N LEU C 320 -24.58 9.47 44.53
CA LEU C 320 -23.65 8.73 43.65
C LEU C 320 -22.65 7.93 44.49
N ARG C 321 -22.31 8.40 45.70
CA ARG C 321 -21.36 7.69 46.62
C ARG C 321 -21.96 6.40 47.20
N ASP C 322 -23.29 6.26 47.17
CA ASP C 322 -24.03 5.18 47.87
C ASP C 322 -24.03 3.88 47.05
N GLY C 323 -23.37 3.84 45.90
CA GLY C 323 -23.34 2.63 45.07
C GLY C 323 -22.37 2.75 43.93
N VAL C 324 -22.16 1.64 43.23
CA VAL C 324 -21.31 1.58 42.01
C VAL C 324 -22.13 0.87 40.93
N GLY C 325 -21.80 1.09 39.66
CA GLY C 325 -22.44 0.39 38.54
C GLY C 325 -23.60 1.15 37.91
N LEU C 326 -24.04 2.29 38.46
CA LEU C 326 -25.02 3.15 37.74
C LEU C 326 -24.42 3.54 36.38
N ILE C 327 -23.22 4.07 36.40
CA ILE C 327 -22.42 4.30 35.17
C ILE C 327 -21.70 2.98 34.85
N ALA C 328 -22.30 2.16 34.00
CA ALA C 328 -21.89 0.76 33.81
C ALA C 328 -20.64 0.72 32.92
N HIS C 329 -20.64 1.52 31.85
CA HIS C 329 -19.60 1.59 30.83
C HIS C 329 -19.47 3.03 30.33
N VAL C 330 -18.33 3.36 29.75
CA VAL C 330 -18.16 4.60 28.95
C VAL C 330 -17.39 4.20 27.69
N SER C 331 -17.78 4.73 26.54
CA SER C 331 -17.16 4.34 25.25
C SER C 331 -16.68 5.58 24.49
N LEU C 332 -15.67 5.34 23.65
CA LEU C 332 -15.14 6.32 22.67
C LEU C 332 -15.35 5.73 21.27
N ARG C 333 -16.03 6.47 20.42
CA ARG C 333 -16.32 6.07 19.03
C ARG C 333 -15.49 6.92 18.08
N LEU C 334 -14.66 6.28 17.25
CA LEU C 334 -13.74 6.92 16.29
C LEU C 334 -14.09 6.47 14.87
N GLY C 335 -13.87 7.35 13.88
CA GLY C 335 -14.19 7.11 12.47
C GLY C 335 -15.64 7.45 12.18
N ALA C 336 -16.25 6.74 11.22
CA ALA C 336 -17.65 6.93 10.78
C ALA C 336 -18.49 5.78 11.33
N PRO C 337 -19.84 5.90 11.45
CA PRO C 337 -20.58 7.06 10.95
C PRO C 337 -20.87 8.23 11.89
N ARG C 338 -20.62 8.08 13.19
CA ARG C 338 -20.98 9.11 14.21
C ARG C 338 -20.02 9.01 15.40
N PRO C 339 -18.83 9.66 15.32
CA PRO C 339 -17.89 9.64 16.43
C PRO C 339 -18.42 10.42 17.64
N GLY C 340 -17.91 10.10 18.82
CA GLY C 340 -18.27 10.76 20.08
C GLY C 340 -18.04 9.87 21.29
N VAL C 341 -18.69 10.16 22.39
CA VAL C 341 -18.55 9.42 23.69
C VAL C 341 -19.94 8.96 24.10
N THR C 342 -20.09 7.71 24.54
CA THR C 342 -21.37 7.17 25.06
C THR C 342 -21.22 6.85 26.54
N VAL C 343 -22.23 7.22 27.33
CA VAL C 343 -22.33 6.84 28.75
C VAL C 343 -23.47 5.84 28.90
N TYR C 344 -23.22 4.74 29.60
CA TYR C 344 -24.16 3.61 29.80
C TYR C 344 -24.69 3.68 31.21
N LEU C 345 -26.03 3.78 31.36
CA LEU C 345 -26.71 4.05 32.65
C LEU C 345 -27.64 2.89 33.03
N SER C 346 -27.39 2.33 34.21
CA SER C 346 -28.09 1.14 34.74
C SER C 346 -29.46 1.52 35.32
N ALA C 347 -30.46 0.70 35.05
CA ALA C 347 -31.84 0.85 35.55
C ALA C 347 -31.86 0.62 37.08
N GLU C 348 -31.01 -0.27 37.59
CA GLU C 348 -30.97 -0.66 39.03
C GLU C 348 -32.40 -0.99 39.50
N ALA C 349 -33.15 -1.72 38.69
CA ALA C 349 -34.54 -2.10 39.02
C ALA C 349 -34.56 -3.10 40.19
N TYR C 350 -33.48 -3.87 40.39
CA TYR C 350 -33.41 -4.99 41.36
C TYR C 350 -32.41 -4.70 42.47
N ARG C 351 -31.24 -4.14 42.14
CA ARG C 351 -30.13 -3.99 43.09
C ARG C 351 -29.31 -2.75 42.76
N VAL C 352 -28.83 -2.06 43.79
CA VAL C 352 -27.72 -1.08 43.70
C VAL C 352 -26.48 -1.78 44.23
N SER C 353 -25.48 -2.01 43.38
CA SER C 353 -24.18 -2.61 43.78
C SER C 353 -23.57 -1.72 44.86
N PRO C 354 -23.11 -2.29 46.00
CA PRO C 354 -22.57 -1.49 47.10
C PRO C 354 -21.25 -0.84 46.71
N PRO C 355 -20.93 0.37 47.25
CA PRO C 355 -19.70 1.05 46.89
C PRO C 355 -18.51 0.30 47.50
N ARG C 356 -17.31 0.50 46.96
CA ARG C 356 -16.05 -0.03 47.53
C ARG C 356 -15.49 0.97 48.53
N PRO C 357 -14.64 0.54 49.48
CA PRO C 357 -13.99 1.48 50.40
C PRO C 357 -13.12 2.49 49.64
N ARG C 358 -13.30 3.78 49.94
CA ARG C 358 -12.42 4.88 49.46
C ARG C 358 -11.06 4.71 50.13
N LEU C 359 -9.97 4.80 49.36
CA LEU C 359 -8.58 4.61 49.85
C LEU C 359 -8.00 5.95 50.33
N VAL C 360 -8.77 6.69 51.13
CA VAL C 360 -8.40 8.05 51.63
C VAL C 360 -7.35 7.88 52.74
N PRO C 361 -6.10 8.41 52.57
CA PRO C 361 -5.11 8.40 53.64
C PRO C 361 -5.58 9.15 54.89
N ARG C 362 -5.73 8.43 56.00
CA ARG C 362 -6.19 8.95 57.31
C ARG C 362 -5.13 8.66 58.38
N GLY D 3 -11.84 0.60 -0.29
CA GLY D 3 -10.61 0.72 -1.10
C GLY D 3 -9.63 -0.41 -0.83
N LEU D 4 -10.00 -1.64 -1.19
CA LEU D 4 -9.18 -2.85 -0.97
C LEU D 4 -8.36 -3.16 -2.23
N SER D 5 -7.25 -3.88 -2.04
CA SER D 5 -6.29 -4.26 -3.10
C SER D 5 -6.76 -5.54 -3.79
N VAL D 6 -6.11 -5.91 -4.90
CA VAL D 6 -6.30 -7.23 -5.57
C VAL D 6 -5.99 -8.33 -4.55
N SER D 7 -4.91 -8.20 -3.76
CA SER D 7 -4.51 -9.19 -2.73
C SER D 7 -5.63 -9.36 -1.70
N ASP D 8 -6.17 -8.26 -1.17
CA ASP D 8 -7.25 -8.30 -0.14
C ASP D 8 -8.35 -9.23 -0.64
N HIS D 9 -8.79 -9.01 -1.88
CA HIS D 9 -9.90 -9.79 -2.51
C HIS D 9 -9.49 -11.27 -2.65
N LEU D 10 -8.41 -11.54 -3.36
CA LEU D 10 -7.99 -12.93 -3.75
C LEU D 10 -7.58 -13.70 -2.51
N ASP D 11 -6.83 -13.08 -1.62
CA ASP D 11 -6.39 -13.71 -0.36
C ASP D 11 -7.61 -14.18 0.47
N GLY D 12 -8.64 -13.34 0.58
CA GLY D 12 -9.91 -13.71 1.26
C GLY D 12 -10.53 -14.96 0.67
N GLN D 13 -10.63 -15.02 -0.66
CA GLN D 13 -11.17 -16.18 -1.41
C GLN D 13 -10.33 -17.42 -1.10
N LEU D 14 -9.02 -17.31 -1.24
CA LEU D 14 -8.11 -18.45 -1.00
C LEU D 14 -8.26 -18.95 0.44
N ALA D 15 -8.28 -18.04 1.42
CA ALA D 15 -8.41 -18.42 2.86
C ALA D 15 -9.70 -19.22 3.08
N ARG D 16 -10.84 -18.74 2.57
CA ARG D 16 -12.14 -19.44 2.69
C ARG D 16 -12.11 -20.77 1.93
N LEU D 17 -11.48 -20.82 0.75
CA LEU D 17 -11.38 -22.08 -0.04
C LEU D 17 -10.53 -23.12 0.73
N CYS D 18 -9.48 -22.68 1.42
CA CYS D 18 -8.58 -23.58 2.20
C CYS D 18 -9.40 -24.27 3.31
N GLU D 19 -10.30 -23.54 3.96
CA GLU D 19 -11.21 -24.04 5.04
C GLU D 19 -12.13 -25.12 4.46
N VAL D 20 -12.71 -24.89 3.27
CA VAL D 20 -13.58 -25.86 2.55
C VAL D 20 -12.78 -27.13 2.22
N ALA D 21 -11.54 -26.96 1.75
CA ALA D 21 -10.65 -28.06 1.29
C ALA D 21 -9.98 -28.75 2.49
N GLY D 22 -10.01 -28.14 3.68
CA GLY D 22 -9.35 -28.65 4.89
C GLY D 22 -7.84 -28.49 4.83
N ALA D 23 -7.35 -27.47 4.13
CA ALA D 23 -5.91 -27.21 3.88
C ALA D 23 -5.44 -26.08 4.80
N ASP D 24 -4.23 -26.22 5.36
CA ASP D 24 -3.55 -25.14 6.12
C ASP D 24 -3.39 -23.95 5.17
N PRO D 25 -3.90 -22.75 5.50
CA PRO D 25 -3.81 -21.59 4.60
C PRO D 25 -2.47 -20.84 4.52
N VAL D 26 -1.53 -21.09 5.44
CA VAL D 26 -0.31 -20.24 5.60
C VAL D 26 0.53 -20.30 4.31
N GLU D 27 0.90 -21.50 3.86
CA GLU D 27 1.78 -21.70 2.67
C GLU D 27 1.03 -21.30 1.40
N PRO D 28 -0.22 -21.78 1.15
CA PRO D 28 -0.98 -21.29 0.00
C PRO D 28 -1.05 -19.76 -0.10
N ARG D 29 -1.33 -19.08 1.02
CA ARG D 29 -1.49 -17.61 1.04
C ARG D 29 -0.15 -16.93 0.75
N ASN D 30 0.94 -17.48 1.26
CA ASN D 30 2.32 -16.98 0.99
C ASN D 30 2.61 -17.08 -0.50
N LEU D 31 2.29 -18.22 -1.11
CA LEU D 31 2.56 -18.50 -2.55
C LEU D 31 1.68 -17.60 -3.43
N LEU D 32 0.42 -17.38 -3.08
CA LEU D 32 -0.47 -16.46 -3.85
C LEU D 32 0.15 -15.05 -3.84
N ALA D 33 0.54 -14.54 -2.66
CA ALA D 33 1.19 -13.20 -2.53
C ALA D 33 2.40 -13.14 -3.47
N GLY D 34 3.21 -14.20 -3.52
CA GLY D 34 4.39 -14.29 -4.41
C GLY D 34 3.99 -14.24 -5.87
N LEU D 35 3.01 -15.06 -6.26
CA LEU D 35 2.53 -15.15 -7.67
C LEU D 35 2.00 -13.78 -8.12
N LEU D 36 1.32 -13.05 -7.26
CA LEU D 36 0.67 -11.75 -7.62
C LEU D 36 1.75 -10.69 -7.87
N GLY D 37 2.91 -10.78 -7.20
CA GLY D 37 3.97 -9.76 -7.34
C GLY D 37 3.40 -8.35 -7.20
N PRO D 38 3.65 -7.42 -8.16
CA PRO D 38 3.23 -6.02 -8.00
C PRO D 38 1.70 -5.80 -8.05
N VAL D 39 0.95 -6.81 -8.49
CA VAL D 39 -0.55 -6.75 -8.58
C VAL D 39 -1.16 -6.79 -7.17
N GLY D 40 -0.53 -7.50 -6.24
CA GLY D 40 -1.02 -7.70 -4.85
C GLY D 40 -1.55 -6.39 -4.24
N PRO D 41 -0.69 -5.37 -4.05
CA PRO D 41 -1.12 -4.10 -3.46
C PRO D 41 -1.92 -3.15 -4.37
N ARG D 42 -2.15 -3.50 -5.64
CA ARG D 42 -2.89 -2.65 -6.61
C ARG D 42 -4.35 -2.57 -6.17
N PRO D 43 -4.94 -1.35 -6.00
CA PRO D 43 -6.37 -1.23 -5.67
C PRO D 43 -7.29 -1.66 -6.83
N LEU D 44 -8.50 -2.16 -6.51
CA LEU D 44 -9.47 -2.71 -7.49
C LEU D 44 -10.18 -1.58 -8.25
N TYR D 45 -10.19 -0.36 -7.70
CA TYR D 45 -10.82 0.84 -8.33
C TYR D 45 -10.02 1.21 -9.60
N GLU D 46 -8.72 0.88 -9.63
CA GLU D 46 -7.87 1.07 -10.82
C GLU D 46 -8.23 -0.01 -11.84
N PRO D 47 -8.22 0.29 -13.16
CA PRO D 47 -8.44 -0.74 -14.16
C PRO D 47 -7.33 -1.79 -14.03
N PRO D 48 -7.50 -3.01 -14.58
CA PRO D 48 -6.44 -4.03 -14.52
C PRO D 48 -5.12 -3.46 -15.07
N ALA D 49 -4.01 -3.85 -14.46
CA ALA D 49 -2.65 -3.41 -14.85
C ALA D 49 -2.34 -3.92 -16.26
N TRP D 50 -2.96 -5.04 -16.64
CA TRP D 50 -2.67 -5.78 -17.89
C TRP D 50 -3.87 -6.65 -18.23
N PRO D 51 -4.28 -6.76 -19.52
CA PRO D 51 -5.39 -7.66 -19.91
C PRO D 51 -4.95 -9.13 -19.88
N SER D 52 -4.75 -9.66 -18.68
CA SER D 52 -4.33 -11.06 -18.44
C SER D 52 -5.30 -12.01 -19.15
N GLY D 53 -4.77 -13.01 -19.85
CA GLY D 53 -5.55 -14.06 -20.50
C GLY D 53 -6.03 -15.13 -19.52
N VAL D 54 -5.65 -15.04 -18.23
CA VAL D 54 -5.96 -16.08 -17.20
C VAL D 54 -7.48 -16.16 -17.00
N SER D 55 -8.17 -15.02 -17.06
CA SER D 55 -9.63 -14.94 -16.80
C SER D 55 -10.27 -13.87 -17.67
N ASP D 56 -11.57 -13.98 -17.91
CA ASP D 56 -12.33 -13.07 -18.80
C ASP D 56 -12.24 -11.63 -18.30
N ASP D 57 -12.25 -11.39 -16.98
CA ASP D 57 -12.24 -10.01 -16.42
C ASP D 57 -10.77 -9.56 -16.16
N HIS D 58 -9.79 -10.36 -16.59
CA HIS D 58 -8.33 -10.06 -16.58
C HIS D 58 -7.76 -10.09 -15.14
N THR D 59 -8.47 -10.69 -14.18
CA THR D 59 -7.84 -11.11 -12.91
C THR D 59 -6.72 -12.08 -13.28
N PRO D 60 -5.46 -11.87 -12.83
CA PRO D 60 -4.36 -12.72 -13.25
C PRO D 60 -4.30 -14.06 -12.50
N VAL D 61 -5.42 -14.47 -11.91
CA VAL D 61 -5.54 -15.71 -11.10
C VAL D 61 -6.91 -16.34 -11.38
N GLU D 62 -6.98 -17.67 -11.35
CA GLU D 62 -8.23 -18.45 -11.39
C GLU D 62 -8.12 -19.59 -10.40
N PHE D 63 -9.18 -19.88 -9.65
CA PHE D 63 -9.22 -20.97 -8.66
C PHE D 63 -9.85 -22.21 -9.29
N SER D 64 -9.52 -23.37 -8.78
CA SER D 64 -10.21 -24.62 -9.20
C SER D 64 -10.18 -25.64 -8.10
N ILE D 65 -11.21 -26.47 -8.05
N ILE D 65 -11.21 -26.48 -8.08
CA ILE D 65 -11.32 -27.62 -7.11
CA ILE D 65 -11.37 -27.63 -7.15
C ILE D 65 -11.43 -28.90 -7.94
C ILE D 65 -11.41 -28.90 -7.98
N ALA D 66 -10.44 -29.78 -7.78
CA ALA D 66 -10.34 -31.08 -8.48
C ALA D 66 -10.88 -32.15 -7.55
N PHE D 67 -12.03 -32.72 -7.91
CA PHE D 67 -12.61 -33.91 -7.24
C PHE D 67 -11.84 -35.11 -7.79
N ASN D 68 -11.40 -35.98 -6.88
CA ASN D 68 -10.49 -37.12 -7.16
C ASN D 68 -11.17 -38.41 -6.73
N GLU D 69 -11.05 -39.45 -7.55
CA GLU D 69 -11.55 -40.82 -7.25
C GLU D 69 -10.96 -41.32 -5.93
N ALA D 70 -9.65 -41.11 -5.70
CA ALA D 70 -8.84 -41.85 -4.70
C ALA D 70 -8.33 -40.95 -3.56
N GLU D 71 -8.65 -39.65 -3.53
CA GLU D 71 -8.26 -38.75 -2.41
C GLU D 71 -9.22 -37.56 -2.31
N PRO D 72 -9.18 -36.79 -1.19
CA PRO D 72 -10.02 -35.61 -1.03
C PRO D 72 -9.77 -34.54 -2.09
N PRO D 73 -10.69 -33.57 -2.25
CA PRO D 73 -10.53 -32.56 -3.29
C PRO D 73 -9.22 -31.76 -3.19
N THR D 74 -8.64 -31.46 -4.35
CA THR D 74 -7.41 -30.66 -4.49
C THR D 74 -7.81 -29.22 -4.84
N LEU D 75 -7.20 -28.24 -4.17
CA LEU D 75 -7.37 -26.80 -4.45
C LEU D 75 -6.18 -26.37 -5.32
N ARG D 76 -6.44 -25.67 -6.44
CA ARG D 76 -5.34 -25.17 -7.29
C ARG D 76 -5.58 -23.69 -7.61
N ILE D 77 -4.48 -22.97 -7.86
CA ILE D 77 -4.48 -21.57 -8.33
C ILE D 77 -3.71 -21.54 -9.64
N LEU D 78 -4.33 -21.05 -10.71
CA LEU D 78 -3.68 -20.73 -12.01
C LEU D 78 -3.37 -19.25 -12.02
N GLY D 79 -2.17 -18.84 -12.42
CA GLY D 79 -1.91 -17.40 -12.56
C GLY D 79 -0.58 -17.05 -13.17
N GLU D 80 -0.30 -15.76 -13.17
CA GLU D 80 0.96 -15.21 -13.70
C GLU D 80 1.32 -13.99 -12.88
N THR D 81 2.62 -13.69 -12.84
CA THR D 81 3.20 -12.48 -12.20
C THR D 81 3.39 -11.42 -13.29
N LEU D 82 2.70 -10.29 -13.18
CA LEU D 82 2.85 -9.18 -14.15
C LEU D 82 4.18 -8.45 -13.87
N GLY D 83 4.77 -7.85 -14.89
CA GLY D 83 5.98 -7.01 -14.78
C GLY D 83 5.66 -5.63 -14.24
N SER D 84 6.70 -4.84 -13.97
CA SER D 84 6.64 -3.39 -13.61
C SER D 84 7.50 -2.61 -14.60
N PRO D 85 6.90 -2.01 -15.68
CA PRO D 85 5.49 -2.13 -15.99
C PRO D 85 5.14 -3.47 -16.64
N PRO D 86 3.84 -3.85 -16.71
CA PRO D 86 3.45 -5.08 -17.39
C PRO D 86 3.75 -5.06 -18.88
N GLY D 87 4.02 -6.23 -19.46
CA GLY D 87 4.24 -6.43 -20.89
C GLY D 87 4.63 -7.88 -21.18
N PRO D 88 4.65 -8.29 -22.47
CA PRO D 88 4.89 -9.68 -22.84
C PRO D 88 6.17 -10.30 -22.25
N LEU D 89 7.32 -9.61 -22.40
CA LEU D 89 8.62 -10.12 -21.89
C LEU D 89 8.69 -9.89 -20.37
N ALA D 90 8.26 -8.71 -19.90
CA ALA D 90 8.26 -8.32 -18.47
C ALA D 90 7.45 -9.32 -17.64
N ASN D 91 6.32 -9.81 -18.17
CA ASN D 91 5.42 -10.77 -17.45
C ASN D 91 6.11 -12.15 -17.40
N LEU D 92 6.72 -12.56 -18.51
CA LEU D 92 7.48 -13.84 -18.60
C LEU D 92 8.61 -13.85 -17.56
N SER D 93 9.41 -12.77 -17.52
N SER D 93 9.40 -12.77 -17.53
CA SER D 93 10.58 -12.61 -16.62
CA SER D 93 10.57 -12.58 -16.62
C SER D 93 10.12 -12.67 -15.15
C SER D 93 10.12 -12.66 -15.16
N ALA D 94 9.05 -11.94 -14.81
CA ALA D 94 8.49 -11.84 -13.44
C ALA D 94 7.92 -13.21 -12.99
N THR D 95 7.23 -13.92 -13.89
CA THR D 95 6.62 -15.24 -13.58
C THR D 95 7.73 -16.29 -13.38
N ARG D 96 8.71 -16.32 -14.29
N ARG D 96 8.70 -16.32 -14.30
CA ARG D 96 9.89 -17.24 -14.23
CA ARG D 96 9.88 -17.23 -14.23
C ARG D 96 10.68 -16.96 -12.95
C ARG D 96 10.65 -16.96 -12.93
N GLY D 97 10.84 -15.67 -12.57
CA GLY D 97 11.54 -15.28 -11.33
C GLY D 97 10.86 -15.86 -10.09
N PHE D 98 9.54 -15.77 -10.04
CA PHE D 98 8.74 -16.35 -8.93
C PHE D 98 8.95 -17.87 -8.89
N LEU D 99 8.80 -18.54 -10.04
CA LEU D 99 8.89 -20.02 -10.15
C LEU D 99 10.29 -20.50 -9.77
N ASP D 100 11.34 -19.84 -10.30
CA ASP D 100 12.76 -20.21 -10.04
C ASP D 100 13.02 -20.10 -8.53
N ALA D 101 12.56 -19.02 -7.89
CA ALA D 101 12.73 -18.79 -6.43
C ALA D 101 12.01 -19.90 -5.65
N GLN D 102 10.80 -20.26 -6.05
CA GLN D 102 10.00 -21.29 -5.34
C GLN D 102 10.62 -22.67 -5.54
N ALA D 103 11.15 -22.96 -6.73
CA ALA D 103 11.89 -24.22 -7.02
C ALA D 103 13.13 -24.31 -6.13
N ARG D 104 13.85 -23.20 -5.96
CA ARG D 104 15.04 -23.16 -5.08
C ARG D 104 14.61 -23.39 -3.63
N ARG D 105 13.54 -22.72 -3.19
CA ARG D 105 13.02 -22.77 -1.80
C ARG D 105 12.59 -24.19 -1.43
N ALA D 106 11.80 -24.84 -2.30
CA ALA D 106 11.20 -26.17 -2.06
C ALA D 106 12.16 -27.29 -2.49
N GLY D 107 13.28 -26.95 -3.13
CA GLY D 107 14.27 -27.90 -3.66
C GLY D 107 13.62 -28.80 -4.72
N LEU D 108 12.89 -28.19 -5.65
CA LEU D 108 12.04 -28.92 -6.64
C LEU D 108 12.90 -29.51 -7.75
N SER D 109 12.41 -30.56 -8.39
CA SER D 109 12.93 -31.14 -9.64
C SER D 109 12.49 -30.29 -10.82
N THR D 110 13.44 -29.67 -11.53
CA THR D 110 13.21 -28.85 -12.74
C THR D 110 13.92 -29.48 -13.94
N SER D 111 14.30 -30.77 -13.82
CA SER D 111 15.07 -31.54 -14.83
C SER D 111 14.39 -31.44 -16.19
N ARG D 112 13.15 -31.95 -16.29
CA ARG D 112 12.38 -32.06 -17.56
C ARG D 112 12.11 -30.65 -18.12
N LEU D 113 11.74 -29.66 -17.29
CA LEU D 113 11.42 -28.28 -17.74
C LEU D 113 12.67 -27.63 -18.34
N ASP D 114 13.83 -27.80 -17.69
CA ASP D 114 15.11 -27.19 -18.10
C ASP D 114 15.54 -27.77 -19.46
N SER D 115 15.24 -29.04 -19.72
CA SER D 115 15.66 -29.77 -20.96
C SER D 115 14.92 -29.23 -22.21
N VAL D 116 13.77 -28.55 -22.03
CA VAL D 116 12.94 -28.02 -23.16
C VAL D 116 12.81 -26.49 -23.09
N ARG D 117 13.06 -25.89 -21.91
CA ARG D 117 12.85 -24.43 -21.62
C ARG D 117 13.32 -23.56 -22.80
N ASP D 118 14.51 -23.84 -23.34
CA ASP D 118 15.21 -22.98 -24.33
C ASP D 118 14.47 -22.95 -25.67
N LEU D 119 13.65 -23.97 -25.98
CA LEU D 119 12.86 -24.04 -27.25
C LEU D 119 11.77 -22.94 -27.25
N PHE D 120 11.32 -22.52 -26.07
CA PHE D 120 10.21 -21.54 -25.87
C PHE D 120 10.76 -20.14 -25.55
N ALA D 121 12.09 -20.00 -25.43
CA ALA D 121 12.78 -18.71 -25.15
C ALA D 121 12.75 -17.83 -26.41
N THR D 122 12.31 -16.57 -26.25
CA THR D 122 12.32 -15.54 -27.33
C THR D 122 12.20 -14.15 -26.69
N ASP D 123 12.89 -13.17 -27.25
CA ASP D 123 12.94 -11.78 -26.75
C ASP D 123 11.71 -11.01 -27.22
N ASP D 124 10.97 -11.57 -28.18
CA ASP D 124 9.71 -11.01 -28.72
C ASP D 124 8.61 -12.08 -28.65
N PRO D 125 8.10 -12.41 -27.44
CA PRO D 125 7.09 -13.47 -27.31
C PRO D 125 5.73 -13.08 -27.91
N GLN D 126 5.12 -14.01 -28.65
CA GLN D 126 3.85 -13.83 -29.42
C GLN D 126 2.68 -14.46 -28.65
N GLY D 127 1.47 -13.93 -28.84
CA GLY D 127 0.23 -14.44 -28.23
C GLY D 127 -0.01 -13.82 -26.86
N ASP D 128 -0.94 -14.40 -26.10
CA ASP D 128 -1.51 -13.83 -24.85
C ASP D 128 -0.50 -13.97 -23.70
N PHE D 129 0.36 -14.98 -23.75
CA PHE D 129 1.25 -15.35 -22.64
C PHE D 129 2.46 -16.11 -23.18
N ALA D 130 3.48 -16.25 -22.34
CA ALA D 130 4.67 -17.09 -22.59
C ALA D 130 4.77 -18.19 -21.53
N MET D 131 4.52 -17.85 -20.27
CA MET D 131 4.63 -18.77 -19.10
C MET D 131 3.56 -18.45 -18.07
N TRP D 132 2.70 -19.42 -17.75
CA TRP D 132 1.78 -19.37 -16.59
C TRP D 132 2.22 -20.46 -15.62
N CYS D 133 1.72 -20.38 -14.37
N CYS D 133 1.67 -20.47 -14.44
CA CYS D 133 1.99 -21.35 -13.28
CA CYS D 133 1.93 -21.57 -13.51
C CYS D 133 0.66 -21.88 -12.71
C CYS D 133 0.71 -21.87 -12.65
N SER D 134 0.69 -23.07 -12.10
CA SER D 134 -0.38 -23.59 -11.23
C SER D 134 0.24 -23.99 -9.91
N LEU D 135 -0.33 -23.49 -8.83
CA LEU D 135 -0.03 -23.89 -7.43
C LEU D 135 -1.05 -24.94 -7.04
N VAL D 136 -0.60 -26.14 -6.68
CA VAL D 136 -1.48 -27.32 -6.44
C VAL D 136 -1.40 -27.69 -4.96
N PHE D 137 -2.55 -27.70 -4.27
CA PHE D 137 -2.66 -27.94 -2.81
C PHE D 137 -3.49 -29.21 -2.59
N ARG D 138 -2.80 -30.34 -2.51
CA ARG D 138 -3.42 -31.68 -2.32
C ARG D 138 -3.61 -31.92 -0.83
N SER D 139 -4.62 -32.70 -0.49
CA SER D 139 -4.96 -33.09 0.90
C SER D 139 -3.71 -33.62 1.61
N SER D 140 -3.30 -32.98 2.70
CA SER D 140 -2.22 -33.42 3.63
C SER D 140 -0.89 -33.57 2.88
N ARG D 141 -0.59 -32.66 1.95
CA ARG D 141 0.65 -32.73 1.13
C ARG D 141 1.26 -31.34 0.97
N ARG D 142 2.57 -31.28 0.79
CA ARG D 142 3.29 -30.03 0.48
C ARG D 142 2.81 -29.53 -0.88
N PRO D 143 2.81 -28.20 -1.13
CA PRO D 143 2.41 -27.67 -2.42
C PRO D 143 3.21 -28.23 -3.60
N GLU D 144 2.53 -28.46 -4.73
CA GLU D 144 3.13 -28.89 -6.02
C GLU D 144 3.00 -27.74 -7.01
N PHE D 145 3.93 -27.66 -7.96
CA PHE D 145 4.03 -26.57 -8.96
C PHE D 145 3.98 -27.16 -10.36
N LYS D 146 3.30 -26.46 -11.25
CA LYS D 146 3.15 -26.81 -12.66
C LYS D 146 3.43 -25.56 -13.48
N VAL D 147 4.14 -25.70 -14.58
CA VAL D 147 4.43 -24.60 -15.53
C VAL D 147 3.70 -24.88 -16.83
N TYR D 148 3.02 -23.88 -17.38
CA TYR D 148 2.42 -23.92 -18.73
C TYR D 148 3.24 -23.02 -19.66
N LEU D 149 3.72 -23.57 -20.76
CA LEU D 149 4.43 -22.80 -21.81
C LEU D 149 3.53 -22.72 -23.03
N ASN D 150 3.69 -21.66 -23.82
CA ASN D 150 2.88 -21.36 -25.02
C ASN D 150 3.61 -21.89 -26.24
N PRO D 151 3.10 -22.95 -26.91
CA PRO D 151 3.72 -23.47 -28.14
C PRO D 151 3.71 -22.45 -29.29
N GLU D 152 2.83 -21.46 -29.24
CA GLU D 152 2.64 -20.41 -30.27
C GLU D 152 3.45 -19.15 -29.91
N VAL D 153 4.36 -19.23 -28.93
CA VAL D 153 5.12 -18.07 -28.37
C VAL D 153 6.00 -17.43 -29.47
N LYS D 154 6.44 -18.23 -30.46
CA LYS D 154 7.26 -17.76 -31.62
C LYS D 154 6.39 -17.72 -32.88
N GLY D 155 5.08 -17.54 -32.74
CA GLY D 155 4.12 -17.56 -33.87
C GLY D 155 3.46 -18.92 -34.04
N VAL D 156 2.27 -18.93 -34.63
CA VAL D 156 1.40 -20.14 -34.79
C VAL D 156 2.08 -21.14 -35.73
N GLU D 157 2.58 -20.68 -36.89
CA GLU D 157 3.21 -21.52 -37.95
C GLU D 157 4.37 -22.34 -37.36
N ARG D 158 5.05 -21.83 -36.33
CA ARG D 158 6.25 -22.46 -35.71
C ARG D 158 5.86 -23.48 -34.63
N SER D 159 4.59 -23.49 -34.18
CA SER D 159 4.16 -24.25 -32.97
C SER D 159 4.33 -25.77 -33.17
N PRO D 160 4.00 -26.37 -34.34
CA PRO D 160 4.18 -27.81 -34.54
C PRO D 160 5.63 -28.29 -34.41
N ALA D 161 6.57 -27.57 -35.04
CA ALA D 161 8.03 -27.82 -34.96
C ALA D 161 8.51 -27.68 -33.51
N LEU D 162 8.00 -26.69 -32.78
CA LEU D 162 8.39 -26.40 -31.36
C LEU D 162 7.98 -27.57 -30.47
N VAL D 163 6.72 -28.00 -30.55
CA VAL D 163 6.17 -29.14 -29.75
C VAL D 163 6.90 -30.43 -30.15
N SER D 164 7.15 -30.63 -31.46
CA SER D 164 7.89 -31.84 -31.98
C SER D 164 9.23 -31.95 -31.26
N GLU D 165 10.04 -30.89 -31.28
CA GLU D 165 11.40 -30.85 -30.68
C GLU D 165 11.28 -31.09 -29.17
N ALA D 166 10.32 -30.41 -28.52
CA ALA D 166 10.11 -30.48 -27.05
C ALA D 166 9.83 -31.92 -26.62
N LEU D 167 8.87 -32.59 -27.27
CA LEU D 167 8.51 -33.98 -26.89
C LEU D 167 9.68 -34.94 -27.21
N HIS D 168 10.35 -34.75 -28.34
CA HIS D 168 11.52 -35.60 -28.73
C HIS D 168 12.59 -35.51 -27.65
N ARG D 169 12.90 -34.29 -27.17
CA ARG D 169 13.93 -34.07 -26.12
C ARG D 169 13.58 -34.84 -24.85
N LEU D 170 12.29 -35.05 -24.57
CA LEU D 170 11.83 -35.78 -23.36
C LEU D 170 11.64 -37.27 -23.67
N GLY D 171 11.97 -37.69 -24.90
CA GLY D 171 11.94 -39.11 -25.31
C GLY D 171 10.57 -39.53 -25.79
N LEU D 172 9.71 -38.57 -26.15
CA LEU D 172 8.30 -38.83 -26.56
C LEU D 172 8.11 -38.46 -28.03
N GLY D 173 9.18 -38.47 -28.83
CA GLY D 173 9.12 -38.18 -30.27
C GLY D 173 8.19 -39.15 -31.00
N ALA D 174 8.22 -40.43 -30.62
CA ALA D 174 7.44 -41.53 -31.26
C ALA D 174 5.94 -41.29 -31.11
N SER D 175 5.51 -40.74 -29.97
N SER D 175 5.52 -40.77 -29.96
CA SER D 175 4.08 -40.49 -29.63
CA SER D 175 4.09 -40.51 -29.62
C SER D 175 3.58 -39.22 -30.33
C SER D 175 3.59 -39.23 -30.32
N TYR D 176 4.40 -38.17 -30.33
CA TYR D 176 4.05 -36.89 -30.99
C TYR D 176 3.69 -37.16 -32.45
N ARG D 177 4.44 -38.04 -33.10
CA ARG D 177 4.20 -38.50 -34.49
C ARG D 177 2.75 -38.98 -34.61
N ALA D 178 2.30 -39.85 -33.68
CA ALA D 178 0.97 -40.50 -33.67
C ALA D 178 -0.14 -39.47 -33.37
N LEU D 179 0.12 -38.51 -32.50
CA LEU D 179 -0.84 -37.43 -32.13
C LEU D 179 -1.18 -36.60 -33.38
N LEU D 180 -0.19 -36.27 -34.22
CA LEU D 180 -0.37 -35.51 -35.48
C LEU D 180 -1.05 -36.40 -36.54
N ASP D 181 -0.57 -37.64 -36.68
CA ASP D 181 -0.97 -38.56 -37.79
C ASP D 181 -2.43 -38.96 -37.64
N HIS D 182 -2.85 -39.35 -36.43
CA HIS D 182 -4.14 -40.06 -36.18
C HIS D 182 -5.04 -39.30 -35.20
N GLY D 183 -4.57 -38.20 -34.60
CA GLY D 183 -5.21 -37.59 -33.40
C GLY D 183 -5.69 -36.14 -33.60
N VAL D 184 -5.40 -35.51 -34.74
CA VAL D 184 -5.79 -34.09 -35.01
C VAL D 184 -6.77 -34.09 -36.18
N ARG D 185 -7.79 -33.23 -36.13
CA ARG D 185 -8.78 -33.07 -37.24
C ARG D 185 -8.01 -32.87 -38.54
N PRO D 186 -8.30 -33.65 -39.62
CA PRO D 186 -7.50 -33.60 -40.85
C PRO D 186 -7.23 -32.19 -41.39
N GLY D 187 -5.93 -31.83 -41.48
CA GLY D 187 -5.43 -30.55 -42.05
C GLY D 187 -5.72 -29.34 -41.17
N GLU D 188 -6.03 -29.54 -39.88
CA GLU D 188 -6.46 -28.43 -38.98
C GLU D 188 -5.34 -28.03 -38.01
N LEU D 189 -4.18 -28.69 -38.06
CA LEU D 189 -3.02 -28.40 -37.17
C LEU D 189 -2.59 -26.94 -37.36
N GLY D 190 -2.59 -26.15 -36.28
CA GLY D 190 -2.27 -24.71 -36.29
C GLY D 190 -3.34 -23.87 -36.95
N ARG D 191 -4.53 -24.44 -37.20
CA ARG D 191 -5.70 -23.77 -37.82
C ARG D 191 -6.90 -23.89 -36.88
N GLY D 192 -7.83 -24.80 -37.16
CA GLY D 192 -8.96 -25.15 -36.27
C GLY D 192 -8.48 -25.85 -34.99
N ASP D 193 -7.38 -26.62 -35.07
CA ASP D 193 -6.77 -27.35 -33.92
C ASP D 193 -5.45 -26.68 -33.55
N ARG D 194 -5.42 -25.96 -32.42
CA ARG D 194 -4.28 -25.12 -32.00
C ARG D 194 -3.54 -25.80 -30.86
N LEU D 195 -2.21 -25.77 -30.91
CA LEU D 195 -1.31 -26.22 -29.80
C LEU D 195 -1.18 -25.06 -28.82
N THR D 196 -2.00 -25.05 -27.77
CA THR D 196 -2.23 -23.85 -26.93
C THR D 196 -1.45 -23.91 -25.62
N PHE D 197 -1.17 -25.09 -25.07
CA PHE D 197 -0.39 -25.24 -23.82
C PHE D 197 0.49 -26.47 -23.85
N PHE D 198 1.70 -26.33 -23.30
CA PHE D 198 2.68 -27.40 -23.05
C PHE D 198 3.04 -27.32 -21.57
N ALA D 199 2.61 -28.29 -20.77
CA ALA D 199 2.68 -28.19 -19.30
C ALA D 199 3.63 -29.25 -18.75
N VAL D 200 4.41 -28.87 -17.75
CA VAL D 200 5.40 -29.74 -17.05
CA VAL D 200 5.36 -29.78 -17.05
C VAL D 200 5.21 -29.58 -15.54
N ASP D 201 5.05 -30.70 -14.81
CA ASP D 201 5.02 -30.69 -13.32
C ASP D 201 6.45 -30.49 -12.83
N LEU D 202 6.67 -29.60 -11.85
CA LEU D 202 8.01 -29.36 -11.23
C LEU D 202 8.22 -30.32 -10.05
N HIS D 203 8.18 -31.62 -10.31
CA HIS D 203 8.54 -32.70 -9.36
C HIS D 203 8.71 -34.00 -10.13
N ASP D 204 9.22 -35.04 -9.47
CA ASP D 204 9.52 -36.36 -10.09
C ASP D 204 8.68 -37.43 -9.38
N GLY D 205 8.92 -38.71 -9.72
CA GLY D 205 8.11 -39.85 -9.27
C GLY D 205 7.15 -40.29 -10.36
N PRO D 206 6.21 -41.22 -10.05
CA PRO D 206 5.39 -41.85 -11.09
C PRO D 206 4.20 -41.00 -11.58
N GLN D 207 3.76 -40.00 -10.79
CA GLN D 207 2.55 -39.19 -11.05
C GLN D 207 2.89 -37.82 -11.68
N ALA D 208 4.19 -37.52 -11.82
CA ALA D 208 4.69 -36.26 -12.46
C ALA D 208 4.38 -36.33 -13.96
N ARG D 209 3.76 -35.29 -14.51
CA ARG D 209 3.21 -35.31 -15.89
C ARG D 209 3.91 -34.27 -16.79
N VAL D 210 3.98 -34.60 -18.07
CA VAL D 210 4.09 -33.64 -19.22
C VAL D 210 2.77 -33.72 -19.98
N LYS D 211 2.14 -32.58 -20.23
CA LYS D 211 0.80 -32.53 -20.88
C LYS D 211 0.86 -31.61 -22.09
N LEU D 212 0.25 -32.05 -23.18
CA LEU D 212 0.02 -31.22 -24.38
C LEU D 212 -1.48 -30.95 -24.50
N TYR D 213 -1.85 -29.68 -24.71
CA TYR D 213 -3.25 -29.21 -24.82
C TYR D 213 -3.55 -28.80 -26.25
N LEU D 214 -4.67 -29.30 -26.78
CA LEU D 214 -5.20 -28.97 -28.13
CA LEU D 214 -5.19 -28.96 -28.13
C LEU D 214 -6.52 -28.22 -27.95
N THR D 215 -6.61 -27.02 -28.49
CA THR D 215 -7.87 -26.24 -28.51
C THR D 215 -8.55 -26.51 -29.85
N HIS D 216 -9.77 -27.05 -29.80
CA HIS D 216 -10.59 -27.46 -30.98
C HIS D 216 -11.64 -26.38 -31.25
N HIS D 217 -11.33 -25.42 -32.13
CA HIS D 217 -12.24 -24.30 -32.45
C HIS D 217 -13.43 -24.82 -33.26
N GLU D 218 -14.65 -24.39 -32.90
CA GLU D 218 -15.88 -24.64 -33.67
C GLU D 218 -15.98 -26.14 -33.97
N ALA D 219 -15.84 -26.98 -32.93
CA ALA D 219 -15.68 -28.44 -33.06
C ALA D 219 -16.99 -29.17 -32.79
N GLU D 220 -17.23 -30.26 -33.52
CA GLU D 220 -18.28 -31.27 -33.23
C GLU D 220 -17.70 -32.24 -32.20
N VAL D 221 -18.48 -32.65 -31.22
CA VAL D 221 -18.04 -33.62 -30.16
CA VAL D 221 -18.05 -33.62 -30.16
C VAL D 221 -17.55 -34.91 -30.85
N TRP D 222 -18.18 -35.28 -31.95
CA TRP D 222 -17.77 -36.45 -32.79
C TRP D 222 -16.28 -36.36 -33.11
N ASP D 223 -15.80 -35.19 -33.54
CA ASP D 223 -14.40 -34.96 -33.95
C ASP D 223 -13.49 -34.90 -32.73
N VAL D 224 -13.95 -34.32 -31.62
CA VAL D 224 -13.12 -34.21 -30.40
C VAL D 224 -12.92 -35.61 -29.80
N THR D 225 -13.95 -36.44 -29.79
CA THR D 225 -13.87 -37.82 -29.23
C THR D 225 -13.03 -38.70 -30.16
N ARG D 226 -13.02 -38.40 -31.46
CA ARG D 226 -12.11 -39.09 -32.41
C ARG D 226 -10.66 -38.71 -32.06
N ALA D 227 -10.38 -37.44 -31.81
CA ALA D 227 -9.05 -36.97 -31.35
C ALA D 227 -8.66 -37.70 -30.06
N ALA D 228 -9.59 -37.82 -29.12
CA ALA D 228 -9.37 -38.44 -27.80
C ALA D 228 -9.07 -39.94 -27.95
N SER D 229 -9.61 -40.58 -28.99
CA SER D 229 -9.61 -42.06 -29.15
C SER D 229 -8.20 -42.59 -29.45
N VAL D 230 -7.20 -41.73 -29.68
CA VAL D 230 -5.78 -42.16 -29.86
C VAL D 230 -5.18 -42.56 -28.49
N VAL D 231 -5.80 -42.17 -27.39
CA VAL D 231 -5.37 -42.60 -26.02
C VAL D 231 -6.04 -43.94 -25.71
N ASP D 232 -5.24 -44.97 -25.43
CA ASP D 232 -5.73 -46.33 -25.04
C ASP D 232 -6.56 -46.22 -23.77
N GLY D 233 -7.74 -46.86 -23.75
CA GLY D 233 -8.60 -46.98 -22.56
C GLY D 233 -9.60 -45.83 -22.44
N VAL D 234 -9.63 -44.90 -23.41
CA VAL D 234 -10.55 -43.72 -23.44
C VAL D 234 -11.90 -44.16 -24.02
N ASP D 235 -12.98 -43.87 -23.31
CA ASP D 235 -14.37 -44.22 -23.67
C ASP D 235 -15.00 -43.03 -24.39
N VAL D 236 -15.17 -43.10 -25.71
CA VAL D 236 -15.73 -41.98 -26.53
C VAL D 236 -17.15 -41.65 -26.05
N ALA D 237 -17.95 -42.67 -25.67
CA ALA D 237 -19.34 -42.49 -25.18
C ALA D 237 -19.33 -41.63 -23.92
N GLU D 238 -18.42 -41.91 -22.99
CA GLU D 238 -18.34 -41.24 -21.68
C GLU D 238 -18.00 -39.76 -21.91
N ILE D 239 -17.10 -39.45 -22.86
CA ILE D 239 -16.71 -38.04 -23.15
C ILE D 239 -17.93 -37.34 -23.75
N GLU D 240 -18.63 -38.00 -24.69
CA GLU D 240 -19.82 -37.42 -25.35
C GLU D 240 -20.89 -37.11 -24.28
N GLU D 241 -21.17 -38.06 -23.39
CA GLU D 241 -22.17 -37.89 -22.29
C GLU D 241 -21.79 -36.66 -21.45
N PHE D 242 -20.50 -36.49 -21.14
CA PHE D 242 -19.98 -35.37 -20.31
C PHE D 242 -20.23 -34.04 -21.03
N CYS D 243 -19.83 -33.94 -22.29
CA CYS D 243 -19.99 -32.70 -23.10
C CYS D 243 -21.47 -32.36 -23.26
N VAL D 244 -22.33 -33.34 -23.52
CA VAL D 244 -23.78 -33.08 -23.76
C VAL D 244 -24.42 -32.51 -22.47
N VAL D 245 -24.07 -33.03 -21.29
CA VAL D 245 -24.60 -32.50 -20.00
C VAL D 245 -24.04 -31.10 -19.77
N ALA D 246 -22.71 -30.93 -19.86
CA ALA D 246 -22.02 -29.63 -19.63
C ALA D 246 -22.52 -28.56 -20.62
N GLY D 247 -22.71 -28.94 -21.89
CA GLY D 247 -23.10 -28.00 -22.96
C GLY D 247 -24.60 -27.79 -23.08
N GLY D 248 -25.40 -28.59 -22.35
CA GLY D 248 -26.87 -28.46 -22.28
C GLY D 248 -27.56 -29.01 -23.53
N GLY D 249 -26.89 -29.88 -24.29
CA GLY D 249 -27.49 -30.60 -25.43
C GLY D 249 -26.80 -30.32 -26.76
N THR D 250 -26.00 -29.26 -26.88
CA THR D 250 -25.32 -28.93 -28.16
C THR D 250 -24.25 -29.97 -28.47
N ARG D 251 -24.15 -30.37 -29.74
CA ARG D 251 -23.10 -31.28 -30.27
C ARG D 251 -21.97 -30.45 -30.89
N ARG D 252 -22.25 -29.20 -31.24
CA ARG D 252 -21.27 -28.24 -31.81
C ARG D 252 -20.91 -27.21 -30.75
N PHE D 253 -19.63 -26.96 -30.54
CA PHE D 253 -19.12 -25.99 -29.53
C PHE D 253 -18.55 -24.79 -30.28
N ASP D 254 -19.47 -23.95 -30.78
CA ASP D 254 -19.17 -22.81 -31.67
C ASP D 254 -19.06 -21.51 -30.86
N GLY D 255 -19.26 -21.56 -29.55
CA GLY D 255 -18.88 -20.47 -28.65
C GLY D 255 -17.41 -20.60 -28.26
N ARG D 256 -17.12 -20.60 -26.97
CA ARG D 256 -15.77 -20.90 -26.46
C ARG D 256 -15.44 -22.36 -26.78
N PRO D 257 -14.19 -22.65 -27.16
CA PRO D 257 -13.85 -23.97 -27.70
C PRO D 257 -13.59 -25.06 -26.65
N LEU D 258 -13.94 -26.29 -27.01
CA LEU D 258 -13.50 -27.50 -26.28
C LEU D 258 -11.97 -27.56 -26.32
N VAL D 259 -11.36 -27.97 -25.22
CA VAL D 259 -9.90 -28.20 -25.11
C VAL D 259 -9.69 -29.65 -24.64
N GLY D 260 -8.82 -30.37 -25.32
CA GLY D 260 -8.36 -31.71 -24.92
C GLY D 260 -6.91 -31.67 -24.48
N SER D 261 -6.52 -32.52 -23.55
CA SER D 261 -5.10 -32.68 -23.15
C SER D 261 -4.72 -34.16 -23.14
N TYR D 262 -3.46 -34.41 -23.50
CA TYR D 262 -2.79 -35.73 -23.52
C TYR D 262 -1.72 -35.73 -22.45
N THR D 263 -1.72 -36.74 -21.59
CA THR D 263 -0.82 -36.82 -20.42
C THR D 263 0.25 -37.89 -20.67
N PHE D 264 1.51 -37.55 -20.37
CA PHE D 264 2.66 -38.49 -20.34
C PHE D 264 3.24 -38.52 -18.92
N THR D 265 3.54 -39.72 -18.42
CA THR D 265 4.25 -39.94 -17.12
C THR D 265 5.54 -40.71 -17.40
N GLU D 266 6.46 -40.70 -16.43
CA GLU D 266 7.79 -41.39 -16.50
C GLU D 266 7.58 -42.87 -16.81
N GLY D 267 8.46 -43.45 -17.64
CA GLY D 267 8.49 -44.90 -17.93
C GLY D 267 7.62 -45.28 -19.11
N ALA D 268 6.49 -44.59 -19.32
CA ALA D 268 5.51 -44.87 -20.39
C ALA D 268 5.79 -43.94 -21.59
N ASP D 269 5.89 -44.53 -22.78
CA ASP D 269 6.21 -43.81 -24.05
C ASP D 269 4.93 -43.44 -24.81
N ARG D 270 3.75 -43.85 -24.29
N ARG D 270 3.75 -43.85 -24.29
CA ARG D 270 2.41 -43.56 -24.87
CA ARG D 270 2.41 -43.54 -24.88
C ARG D 270 1.64 -42.67 -23.89
C ARG D 270 1.63 -42.68 -23.89
N PRO D 271 0.65 -41.87 -24.38
CA PRO D 271 -0.22 -41.12 -23.48
C PRO D 271 -0.98 -42.06 -22.54
N VAL D 272 -0.96 -41.77 -21.24
CA VAL D 272 -1.58 -42.62 -20.17
C VAL D 272 -2.92 -42.01 -19.73
N GLY D 273 -3.21 -40.79 -20.16
CA GLY D 273 -4.40 -40.03 -19.71
C GLY D 273 -4.87 -39.05 -20.75
N TYR D 274 -6.17 -38.74 -20.71
CA TYR D 274 -6.82 -37.72 -21.56
C TYR D 274 -7.77 -36.93 -20.68
N SER D 275 -7.80 -35.62 -20.86
CA SER D 275 -8.77 -34.73 -20.18
C SER D 275 -9.48 -33.85 -21.19
N ILE D 276 -10.75 -33.58 -20.95
CA ILE D 276 -11.57 -32.67 -21.78
C ILE D 276 -12.03 -31.52 -20.89
N TYR D 277 -11.86 -30.29 -21.38
CA TYR D 277 -12.16 -29.03 -20.64
C TYR D 277 -13.30 -28.34 -21.40
N VAL D 278 -14.48 -28.24 -20.77
CA VAL D 278 -15.67 -27.58 -21.38
C VAL D 278 -15.76 -26.17 -20.80
N PRO D 279 -15.69 -25.11 -21.63
CA PRO D 279 -15.84 -23.74 -21.14
C PRO D 279 -17.33 -23.42 -20.93
N ILE D 280 -17.87 -23.98 -19.88
CA ILE D 280 -19.34 -24.09 -19.62
C ILE D 280 -19.96 -22.68 -19.56
N ARG D 281 -19.20 -21.66 -19.15
CA ARG D 281 -19.71 -20.25 -19.05
C ARG D 281 -20.29 -19.81 -20.40
N SER D 282 -19.84 -20.38 -21.51
CA SER D 282 -20.22 -19.99 -22.87
C SER D 282 -21.56 -20.66 -23.27
N TYR D 283 -22.06 -21.62 -22.49
CA TYR D 283 -23.19 -22.51 -22.88
C TYR D 283 -24.33 -22.46 -21.86
N VAL D 284 -24.33 -21.45 -21.00
CA VAL D 284 -25.37 -21.29 -19.95
C VAL D 284 -25.85 -19.84 -19.95
N THR D 285 -27.01 -19.58 -19.35
CA THR D 285 -27.55 -18.21 -19.19
C THR D 285 -26.89 -17.54 -17.99
N ASP D 286 -26.50 -18.33 -16.99
CA ASP D 286 -26.00 -17.80 -15.71
C ASP D 286 -25.41 -18.92 -14.88
N ASP D 287 -24.85 -18.57 -13.73
CA ASP D 287 -24.11 -19.52 -12.87
C ASP D 287 -25.05 -20.44 -12.10
N GLN D 288 -26.35 -20.14 -11.98
CA GLN D 288 -27.28 -21.12 -11.37
C GLN D 288 -27.40 -22.30 -12.32
N GLU D 289 -27.59 -22.03 -13.62
CA GLU D 289 -27.66 -23.12 -14.63
C GLU D 289 -26.33 -23.87 -14.66
N ALA D 290 -25.19 -23.18 -14.64
CA ALA D 290 -23.86 -23.83 -14.64
C ALA D 290 -23.72 -24.71 -13.40
N ARG D 291 -24.06 -24.21 -12.23
CA ARG D 291 -23.95 -24.97 -10.95
C ARG D 291 -24.80 -26.24 -11.07
N ASP D 292 -26.02 -26.14 -11.62
CA ASP D 292 -26.98 -27.26 -11.70
C ASP D 292 -26.40 -28.36 -12.61
N ARG D 293 -25.77 -27.96 -13.71
CA ARG D 293 -25.13 -28.92 -14.65
C ARG D 293 -23.93 -29.58 -13.99
N VAL D 294 -23.06 -28.80 -13.36
CA VAL D 294 -21.84 -29.35 -12.71
C VAL D 294 -22.28 -30.28 -11.59
N ALA D 295 -23.31 -29.90 -10.83
CA ALA D 295 -23.86 -30.72 -9.72
C ALA D 295 -24.33 -32.06 -10.28
N ALA D 296 -25.04 -32.07 -11.41
CA ALA D 296 -25.53 -33.30 -12.09
C ALA D 296 -24.35 -34.21 -12.43
N LEU D 297 -23.25 -33.64 -12.93
CA LEU D 297 -22.04 -34.40 -13.33
C LEU D 297 -21.35 -34.96 -12.09
N LEU D 298 -21.19 -34.17 -11.02
CA LEU D 298 -20.58 -34.67 -9.76
C LEU D 298 -21.44 -35.82 -9.19
N VAL D 299 -22.77 -35.66 -9.19
CA VAL D 299 -23.71 -36.68 -8.64
C VAL D 299 -23.53 -37.99 -9.44
N ARG D 300 -23.50 -37.89 -10.76
CA ARG D 300 -23.34 -39.08 -11.64
C ARG D 300 -22.05 -39.83 -11.29
N TYR D 301 -20.96 -39.11 -10.96
CA TYR D 301 -19.61 -39.69 -10.70
C TYR D 301 -19.44 -40.01 -9.19
N GLY D 302 -20.48 -39.83 -8.39
CA GLY D 302 -20.49 -40.19 -6.96
C GLY D 302 -19.76 -39.18 -6.09
N PHE D 303 -19.55 -37.96 -6.57
CA PHE D 303 -18.90 -36.84 -5.82
C PHE D 303 -19.94 -36.05 -5.04
N ASP D 304 -19.51 -35.40 -3.96
CA ASP D 304 -20.38 -34.67 -3.02
C ASP D 304 -20.58 -33.24 -3.52
N THR D 305 -21.83 -32.87 -3.85
CA THR D 305 -22.20 -31.51 -4.33
C THR D 305 -22.06 -30.48 -3.20
N ASP D 306 -22.03 -30.92 -1.93
CA ASP D 306 -21.86 -30.01 -0.77
CA ASP D 306 -21.86 -30.00 -0.77
C ASP D 306 -20.50 -29.29 -0.90
N GLY D 307 -19.46 -30.02 -1.34
CA GLY D 307 -18.11 -29.47 -1.59
C GLY D 307 -18.14 -28.42 -2.69
N LEU D 308 -18.85 -28.70 -3.79
CA LEU D 308 -19.10 -27.73 -4.89
C LEU D 308 -19.76 -26.47 -4.30
N ASP D 309 -20.87 -26.62 -3.59
CA ASP D 309 -21.67 -25.48 -3.10
C ASP D 309 -20.85 -24.67 -2.08
N ARG D 310 -20.07 -25.34 -1.23
CA ARG D 310 -19.22 -24.66 -0.22
C ARG D 310 -18.07 -23.92 -0.91
N ALA D 311 -17.49 -24.48 -2.00
CA ALA D 311 -16.39 -23.82 -2.76
C ALA D 311 -16.94 -22.57 -3.45
N ILE D 312 -18.12 -22.68 -4.05
CA ILE D 312 -18.80 -21.53 -4.72
C ILE D 312 -18.99 -20.41 -3.68
N ALA D 313 -19.57 -20.75 -2.53
CA ALA D 313 -19.88 -19.81 -1.43
C ALA D 313 -18.59 -19.13 -0.94
N ALA D 314 -17.48 -19.86 -0.89
CA ALA D 314 -16.18 -19.34 -0.41
C ALA D 314 -15.67 -18.27 -1.37
N VAL D 315 -15.93 -18.42 -2.66
CA VAL D 315 -15.40 -17.50 -3.69
C VAL D 315 -16.25 -16.22 -3.71
N THR D 316 -17.58 -16.33 -3.64
CA THR D 316 -18.49 -15.17 -3.74
C THR D 316 -19.83 -15.50 -3.11
N PRO D 317 -20.47 -14.53 -2.41
CA PRO D 317 -21.80 -14.70 -1.88
C PRO D 317 -22.90 -14.24 -2.83
N ARG D 318 -22.55 -13.82 -4.05
CA ARG D 318 -23.53 -13.23 -4.98
C ARG D 318 -24.55 -14.30 -5.35
N PRO D 319 -25.82 -13.92 -5.62
CA PRO D 319 -26.77 -14.83 -6.21
C PRO D 319 -26.19 -15.39 -7.52
N LEU D 320 -26.33 -16.69 -7.74
CA LEU D 320 -25.79 -17.37 -8.94
C LEU D 320 -26.52 -16.88 -10.20
N ARG D 321 -27.80 -16.49 -10.10
CA ARG D 321 -28.60 -15.96 -11.25
C ARG D 321 -28.13 -14.57 -11.69
N ASP D 322 -27.38 -13.84 -10.85
CA ASP D 322 -27.02 -12.41 -11.09
C ASP D 322 -25.75 -12.30 -11.96
N GLY D 323 -25.28 -13.38 -12.55
CA GLY D 323 -24.10 -13.31 -13.41
C GLY D 323 -23.80 -14.63 -14.07
N VAL D 324 -22.82 -14.63 -14.95
CA VAL D 324 -22.32 -15.83 -15.65
C VAL D 324 -20.79 -15.77 -15.65
N GLY D 325 -20.12 -16.93 -15.72
CA GLY D 325 -18.66 -16.98 -15.78
C GLY D 325 -18.00 -17.22 -14.43
N LEU D 326 -18.73 -17.25 -13.31
CA LEU D 326 -18.15 -17.70 -12.02
C LEU D 326 -17.64 -19.14 -12.19
N ILE D 327 -18.49 -20.02 -12.69
CA ILE D 327 -18.10 -21.39 -13.08
C ILE D 327 -17.59 -21.30 -14.52
N ALA D 328 -16.29 -21.15 -14.68
CA ALA D 328 -15.67 -20.76 -15.97
C ALA D 328 -15.56 -21.98 -16.88
N HIS D 329 -15.13 -23.12 -16.31
CA HIS D 329 -14.93 -24.40 -17.01
C HIS D 329 -15.33 -25.55 -16.10
N VAL D 330 -15.62 -26.69 -16.69
CA VAL D 330 -15.71 -27.99 -15.98
C VAL D 330 -14.96 -29.00 -16.83
N SER D 331 -14.22 -29.90 -16.19
CA SER D 331 -13.35 -30.85 -16.90
C SER D 331 -13.60 -32.26 -16.40
N LEU D 332 -13.34 -33.23 -17.28
CA LEU D 332 -13.35 -34.68 -16.99
C LEU D 332 -11.94 -35.19 -17.27
N ARG D 333 -11.34 -35.83 -16.29
CA ARG D 333 -9.97 -36.38 -16.39
C ARG D 333 -10.08 -37.90 -16.42
N LEU D 334 -9.61 -38.52 -17.50
CA LEU D 334 -9.68 -39.99 -17.72
C LEU D 334 -8.26 -40.57 -17.74
N GLY D 335 -8.13 -41.82 -17.28
CA GLY D 335 -6.85 -42.53 -17.18
C GLY D 335 -5.97 -41.98 -16.06
N ALA D 336 -4.66 -42.19 -16.15
CA ALA D 336 -3.66 -41.89 -15.11
C ALA D 336 -3.21 -40.44 -15.24
N PRO D 337 -2.69 -39.79 -14.16
CA PRO D 337 -2.50 -40.44 -12.84
C PRO D 337 -3.62 -40.26 -11.81
N ARG D 338 -4.58 -39.35 -12.03
CA ARG D 338 -5.60 -38.99 -11.01
C ARG D 338 -6.90 -38.58 -11.69
N PRO D 339 -7.75 -39.56 -12.07
CA PRO D 339 -9.02 -39.25 -12.74
C PRO D 339 -10.02 -38.57 -11.82
N GLY D 340 -10.95 -37.80 -12.40
CA GLY D 340 -12.07 -37.16 -11.68
C GLY D 340 -12.66 -36.00 -12.47
N VAL D 341 -13.29 -35.07 -11.77
CA VAL D 341 -13.98 -33.89 -12.37
C VAL D 341 -13.40 -32.65 -11.71
N THR D 342 -13.06 -31.63 -12.48
CA THR D 342 -12.54 -30.36 -11.93
C THR D 342 -13.54 -29.26 -12.25
N VAL D 343 -13.78 -28.38 -11.27
N VAL D 343 -13.80 -28.39 -11.28
CA VAL D 343 -14.63 -27.17 -11.45
CA VAL D 343 -14.63 -27.16 -11.47
C VAL D 343 -13.70 -25.95 -11.32
C VAL D 343 -13.72 -25.94 -11.32
N TYR D 344 -13.79 -25.03 -12.28
CA TYR D 344 -12.95 -23.81 -12.35
C TYR D 344 -13.79 -22.63 -11.91
N LEU D 345 -13.31 -21.89 -10.91
CA LEU D 345 -14.08 -20.81 -10.24
C LEU D 345 -13.34 -19.49 -10.39
N SER D 346 -14.01 -18.49 -10.96
CA SER D 346 -13.46 -17.15 -11.30
C SER D 346 -13.41 -16.26 -10.06
N ALA D 347 -12.35 -15.48 -9.93
CA ALA D 347 -12.16 -14.50 -8.83
C ALA D 347 -13.16 -13.36 -8.95
N GLU D 348 -13.55 -12.97 -10.17
CA GLU D 348 -14.44 -11.81 -10.45
C GLU D 348 -13.93 -10.58 -9.68
N ALA D 349 -12.62 -10.31 -9.72
CA ALA D 349 -12.02 -9.17 -8.99
C ALA D 349 -12.37 -7.86 -9.69
N TYR D 350 -12.65 -7.89 -10.99
CA TYR D 350 -12.87 -6.66 -11.81
C TYR D 350 -14.30 -6.58 -12.33
N ARG D 351 -14.92 -7.71 -12.65
CA ARG D 351 -16.25 -7.71 -13.31
C ARG D 351 -16.97 -9.04 -13.09
N VAL D 352 -18.26 -8.96 -12.85
CA VAL D 352 -19.22 -10.09 -12.96
C VAL D 352 -19.88 -9.95 -14.34
N SER D 353 -19.65 -10.92 -15.24
CA SER D 353 -20.29 -10.92 -16.58
C SER D 353 -21.80 -10.96 -16.35
N PRO D 354 -22.58 -10.01 -16.92
CA PRO D 354 -24.03 -10.03 -16.76
C PRO D 354 -24.65 -11.33 -17.27
N PRO D 355 -25.76 -11.79 -16.67
CA PRO D 355 -26.42 -13.01 -17.10
C PRO D 355 -27.14 -12.78 -18.43
N ARG D 356 -27.42 -13.84 -19.15
CA ARG D 356 -28.25 -13.81 -20.37
C ARG D 356 -29.71 -13.97 -19.98
N PRO D 357 -30.65 -13.42 -20.77
CA PRO D 357 -32.07 -13.64 -20.53
C PRO D 357 -32.39 -15.14 -20.40
N ARG D 358 -33.24 -15.48 -19.45
CA ARG D 358 -33.75 -16.85 -19.29
C ARG D 358 -34.84 -17.05 -20.34
N LEU D 359 -34.65 -17.99 -21.26
CA LEU D 359 -35.67 -18.43 -22.24
C LEU D 359 -36.32 -19.70 -21.69
N VAL D 360 -37.41 -19.54 -20.95
CA VAL D 360 -38.16 -20.66 -20.30
C VAL D 360 -39.54 -20.74 -20.95
N PRO D 361 -40.13 -21.95 -21.08
CA PRO D 361 -41.54 -22.07 -21.42
C PRO D 361 -42.42 -21.35 -20.40
N ARG D 362 -43.01 -20.23 -20.80
CA ARG D 362 -44.02 -19.47 -20.01
C ARG D 362 -44.98 -18.84 -21.01
#